data_1OLP
#
_entry.id   1OLP
#
_cell.length_a   92.956
_cell.length_b   193.592
_cell.length_c   92.686
_cell.angle_alpha   90.00
_cell.angle_beta   90.00
_cell.angle_gamma   90.00
#
_symmetry.space_group_name_H-M   'P 21 21 2'
#
loop_
_entity.id
_entity.type
_entity.pdbx_description
1 polymer ALPHA-TOXIN
2 non-polymer 'CALCIUM ION'
3 non-polymer 'ZINC ION'
4 water water
#
_entity_poly.entity_id   1
_entity_poly.type   'polypeptide(L)'
_entity_poly.pdbx_seq_one_letter_code
;WDGKEDGTGTHSVIVTQAIEMLKHDLSKDEPEAIRNDLSILEKNLHKFQLGSTFPDYDPNAYSLYQDHFWDPDTDHNFTQ
DNKWYLSYAVPDNAESQTRKFATLAKNEWDKGNYEKAAWYLGQGMHYFGDLNTPYHAANVTAVDSPGHVKFETYAEERKD
TYRLDTTGYNTDDAFYKDTLKNDNFNEWSKGYCKYWAKKAKNLYYSHATMSNSWDDWEYAASHGVGNAQKGVAGYLYRFL
NDVSNKDAVDKDYDLNEIVVMIKTADVQDAGTDNYIYFGIETKDGVKEEWALDNPGNDFTRNQEGTYTLKLKNKNTKYSD
IKNMWIRDEKLTVATDGWKPSYVKVIAGDKVRLEKNINEWISGGTTYTLK
;
_entity_poly.pdbx_strand_id   A,B,C,D
#
# COMPACT_ATOMS: atom_id res chain seq x y z
N TRP A 1 -13.40 18.63 21.64
CA TRP A 1 -13.96 20.00 21.48
C TRP A 1 -13.24 20.76 20.38
N ASP A 2 -13.88 21.84 19.91
CA ASP A 2 -13.30 22.72 18.92
C ASP A 2 -12.13 23.50 19.44
N GLY A 3 -11.19 23.78 18.55
CA GLY A 3 -10.15 24.73 18.82
C GLY A 3 -9.56 25.24 17.53
N LYS A 4 -8.79 26.30 17.62
CA LYS A 4 -8.12 26.91 16.48
C LYS A 4 -6.63 26.98 16.79
N GLU A 5 -5.82 26.95 15.74
CA GLU A 5 -4.36 26.83 15.84
C GLU A 5 -3.71 27.97 16.60
N ASP A 6 -4.36 29.14 16.61
CA ASP A 6 -3.85 30.33 17.26
C ASP A 6 -4.02 30.29 18.80
N GLY A 7 -4.63 29.23 19.30
CA GLY A 7 -4.76 29.02 20.72
C GLY A 7 -6.06 29.59 21.27
N THR A 8 -7.10 29.64 20.46
CA THR A 8 -8.42 30.06 20.91
C THR A 8 -9.44 28.97 20.65
N GLY A 9 -10.65 29.18 21.15
CA GLY A 9 -11.72 28.23 21.04
C GLY A 9 -11.94 27.49 22.34
N THR A 10 -12.78 26.45 22.29
CA THR A 10 -13.31 25.81 23.48
C THR A 10 -12.19 25.27 24.34
N HIS A 11 -11.22 24.61 23.71
CA HIS A 11 -10.13 23.98 24.43
C HIS A 11 -9.29 24.98 25.23
N SER A 12 -9.10 26.19 24.67
CA SER A 12 -8.33 27.25 25.30
C SER A 12 -9.08 27.89 26.46
N VAL A 13 -10.39 28.06 26.29
CA VAL A 13 -11.23 28.65 27.32
C VAL A 13 -11.20 27.73 28.50
N ILE A 14 -11.26 26.42 28.22
CA ILE A 14 -11.24 25.40 29.26
C ILE A 14 -10.00 25.52 30.14
N VAL A 15 -8.82 25.47 29.53
CA VAL A 15 -7.60 25.48 30.31
C VAL A 15 -7.36 26.85 30.96
N THR A 16 -7.81 27.92 30.32
CA THR A 16 -7.60 29.29 30.81
C THR A 16 -8.46 29.59 32.02
N GLN A 17 -9.69 29.13 31.93
CA GLN A 17 -10.67 29.27 32.99
C GLN A 17 -10.27 28.39 34.15
N ALA A 18 -9.65 27.27 33.82
CA ALA A 18 -9.18 26.33 34.82
C ALA A 18 -8.06 26.97 35.67
N ILE A 19 -7.23 27.81 35.05
CA ILE A 19 -6.23 28.54 35.80
C ILE A 19 -6.88 29.53 36.75
N GLU A 20 -7.95 30.19 36.31
CA GLU A 20 -8.64 31.17 37.14
C GLU A 20 -9.32 30.48 38.34
N MET A 21 -9.85 29.29 38.10
CA MET A 21 -10.51 28.49 39.14
C MET A 21 -9.50 28.08 40.22
N LEU A 22 -8.35 27.58 39.80
CA LEU A 22 -7.32 27.13 40.75
C LEU A 22 -6.83 28.28 41.62
N LYS A 23 -6.56 29.44 41.01
CA LYS A 23 -6.21 30.66 41.78
C LYS A 23 -7.23 31.03 42.86
N HIS A 24 -8.50 30.88 42.53
CA HIS A 24 -9.58 31.22 43.43
C HIS A 24 -9.72 30.16 44.53
N ASP A 25 -9.50 28.91 44.16
CA ASP A 25 -9.69 27.76 45.04
C ASP A 25 -8.51 27.49 45.97
N LEU A 26 -7.33 28.01 45.63
CA LEU A 26 -6.13 27.79 46.44
C LEU A 26 -6.46 28.27 47.86
N SER A 27 -6.28 27.37 48.83
CA SER A 27 -6.65 27.67 50.21
C SER A 27 -5.60 28.55 50.87
N LYS A 28 -6.00 29.27 51.91
CA LYS A 28 -5.07 30.10 52.66
C LYS A 28 -3.88 29.32 53.24
N ASP A 29 -4.05 28.02 53.43
CA ASP A 29 -3.01 27.17 53.99
C ASP A 29 -2.01 26.59 52.98
N GLU A 30 -2.22 26.83 51.68
CA GLU A 30 -1.33 26.27 50.67
C GLU A 30 0.02 26.93 50.78
N PRO A 31 1.08 26.20 50.53
CA PRO A 31 2.42 26.78 50.50
C PRO A 31 2.62 27.79 49.38
N GLU A 32 3.42 28.82 49.64
CA GLU A 32 3.86 29.78 48.63
C GLU A 32 4.38 29.15 47.32
N ALA A 33 5.00 27.97 47.40
CA ALA A 33 5.61 27.35 46.22
C ALA A 33 4.56 27.03 45.14
N ILE A 34 3.35 26.70 45.56
CA ILE A 34 2.29 26.34 44.65
C ILE A 34 1.77 27.58 43.95
N ARG A 35 1.60 28.67 44.72
CA ARG A 35 1.19 29.96 44.19
C ARG A 35 2.23 30.47 43.20
N ASN A 36 3.49 30.54 43.63
CA ASN A 36 4.59 30.95 42.74
C ASN A 36 4.60 30.16 41.43
N ASP A 37 4.49 28.84 41.52
CA ASP A 37 4.59 27.98 40.33
C ASP A 37 3.39 28.17 39.41
N LEU A 38 2.22 28.42 39.99
CA LEU A 38 1.04 28.77 39.21
C LEU A 38 1.26 30.09 38.47
N SER A 39 1.96 31.01 39.10
CA SER A 39 2.25 32.32 38.49
C SER A 39 3.19 32.18 37.29
N ILE A 40 4.15 31.27 37.40
CA ILE A 40 4.99 30.94 36.27
C ILE A 40 4.13 30.39 35.11
N LEU A 41 3.17 29.54 35.41
CA LEU A 41 2.25 29.03 34.39
C LEU A 41 1.43 30.16 33.78
N GLU A 42 0.97 31.11 34.59
CA GLU A 42 0.25 32.29 34.11
C GLU A 42 1.12 33.16 33.19
N LYS A 43 2.40 33.29 33.52
CA LYS A 43 3.33 34.07 32.70
C LYS A 43 3.53 33.42 31.31
N ASN A 44 3.30 32.11 31.24
CA ASN A 44 3.38 31.39 29.99
C ASN A 44 2.01 30.92 29.55
N LEU A 45 0.97 31.68 29.89
CA LEU A 45 -0.41 31.33 29.53
C LEU A 45 -0.61 31.17 28.03
N HIS A 46 0.11 31.95 27.24
CA HIS A 46 -0.04 31.91 25.79
C HIS A 46 0.38 30.53 25.24
N LYS A 47 1.51 30.03 25.71
CA LYS A 47 2.00 28.71 25.30
C LYS A 47 1.10 27.57 25.77
N PHE A 48 0.44 27.79 26.90
CA PHE A 48 -0.47 26.82 27.50
C PHE A 48 -1.74 26.76 26.64
N GLN A 49 -2.22 27.92 26.22
CA GLN A 49 -3.38 28.01 25.31
C GLN A 49 -3.08 27.37 23.95
N LEU A 50 -1.89 27.64 23.42
CA LEU A 50 -1.48 27.07 22.14
C LEU A 50 -1.38 25.56 22.23
N GLY A 51 -0.77 25.07 23.30
CA GLY A 51 -0.75 23.64 23.57
C GLY A 51 -2.13 23.02 23.57
N SER A 52 -3.08 23.71 24.20
CA SER A 52 -4.42 23.20 24.38
C SER A 52 -5.19 22.97 23.08
N THR A 53 -4.78 23.63 21.99
CA THR A 53 -5.42 23.46 20.69
C THR A 53 -4.58 22.72 19.66
N PHE A 54 -3.28 22.60 19.91
CA PHE A 54 -2.34 22.15 18.88
C PHE A 54 -2.63 20.77 18.34
N PRO A 55 -2.96 19.78 19.17
CA PRO A 55 -3.08 18.42 18.64
C PRO A 55 -4.05 18.30 17.47
N ASP A 56 -5.08 19.14 17.41
CA ASP A 56 -5.97 19.13 16.23
C ASP A 56 -5.29 19.60 14.93
N TYR A 57 -4.12 20.20 15.04
CA TYR A 57 -3.38 20.78 13.90
C TYR A 57 -1.92 20.32 13.86
N ASP A 58 -1.64 19.24 14.58
CA ASP A 58 -0.33 18.64 14.57
C ASP A 58 -0.16 18.00 13.20
N PRO A 59 0.87 18.38 12.44
CA PRO A 59 1.16 17.73 11.15
C PRO A 59 1.45 16.23 11.25
N ASN A 60 1.81 15.72 12.42
CA ASN A 60 2.00 14.28 12.66
C ASN A 60 0.76 13.56 13.18
N ALA A 61 -0.40 14.22 13.18
CA ALA A 61 -1.62 13.58 13.62
C ALA A 61 -1.88 12.32 12.79
N TYR A 62 -2.61 11.37 13.37
CA TYR A 62 -3.07 10.18 12.66
C TYR A 62 -4.24 10.55 11.76
N SER A 63 -4.48 9.80 10.71
CA SER A 63 -5.46 10.21 9.69
C SER A 63 -6.85 10.47 10.28
N LEU A 64 -7.22 9.72 11.31
CA LEU A 64 -8.57 9.86 11.90
C LEU A 64 -8.61 10.47 13.30
N TYR A 65 -7.50 11.03 13.77
CA TYR A 65 -7.40 11.59 15.12
C TYR A 65 -7.81 10.59 16.19
N GLN A 66 -7.53 9.31 15.96
CA GLN A 66 -8.09 8.24 16.82
C GLN A 66 -7.57 8.29 18.27
N ASP A 67 -6.40 8.89 18.46
CA ASP A 67 -5.84 9.09 19.80
C ASP A 67 -6.58 10.19 20.62
N HIS A 68 -7.51 10.92 19.99
CA HIS A 68 -8.31 11.92 20.70
C HIS A 68 -9.60 11.32 21.28
N PHE A 69 -9.78 10.02 21.11
CA PHE A 69 -10.94 9.32 21.63
C PHE A 69 -10.50 8.34 22.72
N TRP A 70 -11.42 8.05 23.64
CA TRP A 70 -11.18 7.08 24.69
C TRP A 70 -12.45 6.66 25.41
N ASP A 71 -12.75 5.37 25.32
CA ASP A 71 -13.91 4.79 25.96
C ASP A 71 -13.41 4.24 27.29
N PRO A 72 -13.86 4.82 28.40
CA PRO A 72 -13.38 4.42 29.73
C PRO A 72 -13.73 2.98 30.15
N ASP A 73 -14.84 2.43 29.66
CA ASP A 73 -15.20 1.05 29.97
C ASP A 73 -14.39 0.00 29.21
N THR A 74 -14.01 0.25 27.97
CA THR A 74 -13.18 -0.72 27.24
C THR A 74 -11.70 -0.42 27.35
N ASP A 75 -11.37 0.82 27.68
CA ASP A 75 -9.99 1.31 27.70
C ASP A 75 -9.38 1.53 26.28
N HIS A 76 -10.22 1.55 25.23
CA HIS A 76 -9.76 1.68 23.85
C HIS A 76 -10.28 2.94 23.13
N ASN A 77 -9.61 3.31 22.05
CA ASN A 77 -10.16 4.24 21.08
C ASN A 77 -10.98 3.48 20.03
N PHE A 78 -11.69 4.19 19.18
CA PHE A 78 -12.66 3.55 18.29
C PHE A 78 -12.05 2.62 17.27
N THR A 79 -10.82 2.87 16.82
CA THR A 79 -10.15 1.97 15.87
C THR A 79 -9.80 0.59 16.45
N GLN A 80 -9.88 0.43 17.77
CA GLN A 80 -9.72 -0.88 18.41
C GLN A 80 -11.05 -1.54 18.79
N ASP A 81 -12.13 -0.77 18.88
CA ASP A 81 -13.45 -1.29 19.26
C ASP A 81 -14.45 -1.48 18.13
N ASN A 82 -14.29 -0.72 17.05
CA ASN A 82 -15.24 -0.68 15.94
C ASN A 82 -14.65 -1.48 14.80
N LYS A 83 -15.36 -2.53 14.37
CA LYS A 83 -14.87 -3.46 13.36
C LYS A 83 -14.42 -2.83 12.02
N TRP A 84 -15.10 -1.76 11.61
CA TRP A 84 -14.78 -1.08 10.36
C TRP A 84 -13.41 -0.39 10.35
N TYR A 85 -12.86 -0.12 11.53
CA TYR A 85 -11.62 0.64 11.66
C TYR A 85 -10.42 -0.15 12.21
N LEU A 86 -10.53 -1.48 12.26
CA LEU A 86 -9.48 -2.32 12.86
C LEU A 86 -8.08 -2.19 12.23
N SER A 87 -8.02 -1.87 10.93
CA SER A 87 -6.76 -1.69 10.22
C SER A 87 -6.14 -0.31 10.45
N TYR A 88 -6.84 0.56 11.18
CA TYR A 88 -6.26 1.81 11.65
C TYR A 88 -5.85 1.74 13.13
N ALA A 89 -5.89 0.54 13.72
CA ALA A 89 -5.66 0.37 15.17
C ALA A 89 -4.37 0.97 15.64
N VAL A 90 -4.46 1.68 16.75
CA VAL A 90 -3.33 2.36 17.34
C VAL A 90 -3.54 2.34 18.87
N PRO A 91 -2.54 1.93 19.65
CA PRO A 91 -2.72 1.81 21.11
C PRO A 91 -2.97 3.17 21.80
N ASP A 92 -2.53 4.24 21.17
CA ASP A 92 -2.58 5.56 21.79
C ASP A 92 -4.03 6.05 21.90
N ASN A 93 -4.38 6.56 23.06
CA ASN A 93 -5.71 7.10 23.27
C ASN A 93 -5.60 8.37 24.11
N ALA A 94 -6.74 9.01 24.36
CA ALA A 94 -6.77 10.32 24.99
C ALA A 94 -6.30 10.27 26.45
N GLU A 95 -6.64 9.19 27.14
CA GLU A 95 -6.15 8.99 28.48
C GLU A 95 -4.63 8.88 28.45
N SER A 96 -4.09 8.10 27.53
CA SER A 96 -2.66 7.81 27.55
C SER A 96 -1.84 9.01 27.10
N GLN A 97 -2.42 9.80 26.22
CA GLN A 97 -1.79 11.02 25.71
C GLN A 97 -1.76 12.12 26.75
N THR A 98 -2.75 12.14 27.64
CA THR A 98 -2.81 13.12 28.70
C THR A 98 -1.58 12.96 29.59
N ARG A 99 -1.26 11.72 29.95
CA ARG A 99 -0.17 11.50 30.87
C ARG A 99 1.19 11.52 30.19
N LYS A 100 1.25 11.15 28.93
CA LYS A 100 2.48 11.34 28.17
C LYS A 100 2.89 12.80 28.24
N PHE A 101 1.94 13.67 27.93
CA PHE A 101 2.22 15.09 27.90
C PHE A 101 2.40 15.66 29.32
N ALA A 102 1.67 15.17 30.30
CA ALA A 102 1.95 15.64 31.67
C ALA A 102 3.37 15.29 32.06
N THR A 103 3.81 14.08 31.74
CA THR A 103 5.14 13.62 32.12
C THR A 103 6.24 14.42 31.41
N LEU A 104 6.09 14.60 30.09
CA LEU A 104 6.95 15.47 29.31
C LEU A 104 7.10 16.88 29.88
N ALA A 105 5.98 17.47 30.31
CA ALA A 105 5.93 18.83 30.85
C ALA A 105 6.66 18.96 32.20
N LYS A 106 6.61 17.92 33.02
CA LYS A 106 7.31 17.91 34.30
C LYS A 106 8.81 17.94 34.09
N ASN A 107 9.30 17.18 33.12
CA ASN A 107 10.71 17.13 32.80
C ASN A 107 11.22 18.48 32.28
N GLU A 108 10.42 19.18 31.47
CA GLU A 108 10.78 20.52 31.01
C GLU A 108 10.82 21.49 32.17
N TRP A 109 9.89 21.32 33.10
CA TRP A 109 9.83 22.16 34.29
C TRP A 109 11.06 21.94 35.19
N ASP A 110 11.45 20.68 35.40
CA ASP A 110 12.63 20.34 36.16
C ASP A 110 13.88 21.01 35.55
N LYS A 111 13.95 21.08 34.22
CA LYS A 111 15.08 21.69 33.50
C LYS A 111 14.97 23.23 33.44
N GLY A 112 13.82 23.78 33.81
CA GLY A 112 13.61 25.21 33.79
C GLY A 112 13.16 25.82 32.46
N ASN A 113 12.71 25.00 31.51
CA ASN A 113 12.11 25.53 30.27
C ASN A 113 10.62 25.58 30.48
N TYR A 114 10.19 26.63 31.15
CA TYR A 114 8.80 26.83 31.53
C TYR A 114 7.86 27.02 30.32
N GLU A 115 8.37 27.65 29.27
CA GLU A 115 7.60 27.84 28.05
C GLU A 115 7.22 26.50 27.44
N LYS A 116 8.21 25.62 27.28
CA LYS A 116 7.96 24.31 26.69
C LYS A 116 7.12 23.42 27.62
N ALA A 117 7.38 23.51 28.93
CA ALA A 117 6.56 22.82 29.92
C ALA A 117 5.12 23.21 29.74
N ALA A 118 4.86 24.48 29.55
CA ALA A 118 3.48 24.95 29.47
C ALA A 118 2.86 24.54 28.14
N TRP A 119 3.65 24.50 27.07
CA TRP A 119 3.18 24.04 25.76
C TRP A 119 2.81 22.53 25.78
N TYR A 120 3.70 21.71 26.33
CA TYR A 120 3.44 20.29 26.53
C TYR A 120 2.24 20.05 27.43
N LEU A 121 2.16 20.79 28.53
CA LEU A 121 1.08 20.63 29.50
C LEU A 121 -0.26 21.00 28.89
N GLY A 122 -0.27 22.03 28.04
CA GLY A 122 -1.47 22.41 27.31
C GLY A 122 -1.92 21.31 26.35
N GLN A 123 -0.97 20.62 25.71
CA GLN A 123 -1.31 19.48 24.83
C GLN A 123 -1.96 18.35 25.64
N GLY A 124 -1.39 18.05 26.80
CA GLY A 124 -1.99 17.09 27.72
C GLY A 124 -3.40 17.49 28.10
N MET A 125 -3.63 18.77 28.38
CA MET A 125 -4.96 19.20 28.78
C MET A 125 -5.93 19.28 27.60
N HIS A 126 -5.42 19.30 26.37
CA HIS A 126 -6.26 19.11 25.19
C HIS A 126 -6.89 17.73 25.17
N TYR A 127 -6.05 16.69 25.28
CA TYR A 127 -6.53 15.31 25.26
C TYR A 127 -7.50 15.06 26.41
N PHE A 128 -7.16 15.57 27.60
CA PHE A 128 -8.05 15.46 28.75
C PHE A 128 -9.39 16.14 28.47
N GLY A 129 -9.39 17.31 27.85
CA GLY A 129 -10.61 17.96 27.44
C GLY A 129 -11.44 17.16 26.45
N ASP A 130 -10.77 16.46 25.54
CA ASP A 130 -11.44 15.57 24.60
C ASP A 130 -12.08 14.40 25.29
N LEU A 131 -11.45 13.82 26.32
CA LEU A 131 -12.09 12.69 26.99
C LEU A 131 -13.27 13.14 27.85
N ASN A 132 -13.40 14.45 28.06
CA ASN A 132 -14.62 15.06 28.62
C ASN A 132 -15.69 15.43 27.59
N THR A 133 -15.41 15.15 26.32
CA THR A 133 -16.34 15.46 25.20
C THR A 133 -17.19 14.25 24.89
N PRO A 134 -18.51 14.31 25.08
CA PRO A 134 -19.37 13.11 25.00
C PRO A 134 -19.17 12.20 23.80
N TYR A 135 -19.05 12.76 22.60
CA TYR A 135 -18.81 11.92 21.41
C TYR A 135 -17.47 11.16 21.49
N HIS A 136 -16.46 11.79 22.08
CA HIS A 136 -15.12 11.19 22.14
C HIS A 136 -15.06 10.05 23.12
N ALA A 137 -15.78 10.19 24.23
CA ALA A 137 -15.79 9.17 25.28
C ALA A 137 -16.73 8.01 24.93
N ALA A 138 -17.59 8.22 23.94
CA ALA A 138 -18.50 7.18 23.48
C ALA A 138 -17.95 6.51 22.23
N ASN A 139 -16.77 6.95 21.79
CA ASN A 139 -16.09 6.41 20.62
C ASN A 139 -16.91 6.57 19.31
N VAL A 140 -17.64 7.66 19.19
CA VAL A 140 -18.46 7.97 18.01
C VAL A 140 -17.76 9.02 17.14
N THR A 141 -17.24 8.62 15.99
CA THR A 141 -16.48 9.54 15.12
C THR A 141 -17.33 10.57 14.38
N ALA A 142 -16.65 11.56 13.83
CA ALA A 142 -17.24 12.52 12.89
C ALA A 142 -17.84 11.82 11.67
N VAL A 143 -17.27 10.68 11.29
CA VAL A 143 -17.78 9.90 10.16
C VAL A 143 -19.06 9.14 10.52
N ASP A 144 -19.10 8.53 11.71
CA ASP A 144 -20.25 7.73 12.19
C ASP A 144 -21.49 8.56 12.52
N SER A 145 -21.29 9.86 12.77
CA SER A 145 -22.36 10.81 13.05
C SER A 145 -22.01 12.19 12.46
N PRO A 146 -22.92 12.81 11.70
CA PRO A 146 -22.82 14.24 11.40
C PRO A 146 -23.13 15.13 12.61
N GLY A 147 -23.74 14.54 13.65
CA GLY A 147 -24.01 15.24 14.89
C GLY A 147 -22.76 15.53 15.67
N HIS A 148 -21.71 14.72 15.49
CA HIS A 148 -20.45 14.91 16.20
C HIS A 148 -19.91 16.32 15.95
N VAL A 149 -19.62 16.65 14.69
CA VAL A 149 -19.07 17.98 14.40
C VAL A 149 -20.06 19.08 14.74
N LYS A 150 -21.35 18.82 14.51
CA LYS A 150 -22.42 19.77 14.83
C LYS A 150 -22.44 20.11 16.33
N PHE A 151 -22.26 19.10 17.18
CA PHE A 151 -22.26 19.26 18.63
C PHE A 151 -21.10 20.10 19.12
N GLU A 152 -19.94 19.91 18.52
CA GLU A 152 -18.78 20.67 18.94
C GLU A 152 -18.86 22.11 18.48
N THR A 153 -19.49 22.36 17.34
CA THR A 153 -19.68 23.73 16.85
C THR A 153 -20.69 24.48 17.74
N TYR A 154 -21.73 23.77 18.15
CA TYR A 154 -22.71 24.31 19.06
C TYR A 154 -22.01 24.75 20.36
N ALA A 155 -21.21 23.84 20.92
CA ALA A 155 -20.44 24.13 22.12
C ALA A 155 -19.55 25.36 21.93
N GLU A 156 -18.84 25.41 20.81
CA GLU A 156 -17.94 26.51 20.47
C GLU A 156 -18.63 27.89 20.46
N GLU A 157 -19.85 27.93 19.92
CA GLU A 157 -20.60 29.17 19.80
C GLU A 157 -20.99 29.71 21.17
N ARG A 158 -21.17 28.83 22.15
CA ARG A 158 -21.62 29.22 23.48
C ARG A 158 -20.55 29.10 24.55
N LYS A 159 -19.31 28.83 24.16
CA LYS A 159 -18.25 28.49 25.12
C LYS A 159 -18.12 29.48 26.29
N ASP A 160 -18.28 30.77 26.01
CA ASP A 160 -18.13 31.83 27.03
C ASP A 160 -19.19 31.76 28.14
N THR A 161 -20.40 31.31 27.79
CA THR A 161 -21.44 31.08 28.80
C THR A 161 -21.24 29.81 29.63
N TYR A 162 -20.22 29.01 29.33
CA TYR A 162 -19.90 27.80 30.11
C TYR A 162 -18.79 28.01 31.15
N ARG A 163 -18.23 29.23 31.20
CA ARG A 163 -17.09 29.53 32.05
C ARG A 163 -17.47 29.49 33.53
N LEU A 164 -16.75 28.67 34.28
CA LEU A 164 -16.88 28.57 35.74
C LEU A 164 -15.78 29.39 36.41
N ASP A 165 -16.08 29.92 37.58
CA ASP A 165 -15.14 30.75 38.37
C ASP A 165 -14.44 29.92 39.46
N THR A 166 -14.96 28.72 39.72
CA THR A 166 -14.47 27.87 40.78
C THR A 166 -14.95 26.44 40.57
N THR A 167 -14.27 25.49 41.22
CA THR A 167 -14.74 24.11 41.27
C THR A 167 -15.94 23.95 42.19
N GLY A 168 -16.06 24.84 43.17
CA GLY A 168 -17.00 24.67 44.27
C GLY A 168 -16.27 24.32 45.55
N TYR A 169 -14.94 24.26 45.49
CA TYR A 169 -14.12 23.76 46.56
C TYR A 169 -12.86 24.57 46.68
N ASN A 170 -12.21 24.48 47.83
CA ASN A 170 -10.82 24.90 47.95
C ASN A 170 -9.91 23.68 48.03
N THR A 171 -8.61 23.91 48.02
CA THR A 171 -7.66 22.83 47.84
C THR A 171 -7.42 22.01 49.10
N ASP A 172 -8.11 22.35 50.19
CA ASP A 172 -8.10 21.53 51.42
C ASP A 172 -9.14 20.41 51.35
N ASP A 173 -10.10 20.54 50.44
CA ASP A 173 -11.20 19.59 50.33
C ASP A 173 -10.79 18.39 49.48
N ALA A 174 -11.62 17.35 49.54
CA ALA A 174 -11.30 16.06 48.96
C ALA A 174 -11.17 16.11 47.43
N PHE A 175 -11.83 17.06 46.77
CA PHE A 175 -11.78 17.17 45.31
C PHE A 175 -10.33 17.33 44.87
N TYR A 176 -9.61 18.22 45.57
CA TYR A 176 -8.21 18.51 45.27
C TYR A 176 -7.22 17.58 46.00
N LYS A 177 -7.53 17.17 47.22
CA LYS A 177 -6.66 16.24 47.97
C LYS A 177 -6.64 14.82 47.39
N ASP A 178 -7.75 14.39 46.81
CA ASP A 178 -7.81 13.11 46.12
C ASP A 178 -6.76 12.99 45.00
N THR A 179 -6.46 14.11 44.34
CA THR A 179 -5.47 14.10 43.26
C THR A 179 -4.05 13.89 43.77
N LEU A 180 -3.84 14.04 45.07
CA LEU A 180 -2.51 13.90 45.67
C LEU A 180 -2.25 12.56 46.35
N LYS A 181 -3.28 11.79 46.63
CA LYS A 181 -3.11 10.70 47.59
C LYS A 181 -2.43 9.45 47.03
N ASN A 182 -2.36 9.31 45.70
CA ASN A 182 -1.71 8.16 45.10
C ASN A 182 -0.39 8.55 44.47
N ASP A 183 0.71 8.02 45.00
CA ASP A 183 2.05 8.36 44.51
C ASP A 183 2.32 7.85 43.09
N ASN A 184 1.56 6.84 42.67
CA ASN A 184 1.67 6.32 41.31
C ASN A 184 0.94 7.26 40.34
N PHE A 185 1.66 8.19 39.74
CA PHE A 185 1.01 9.20 38.92
C PHE A 185 0.19 8.60 37.74
N ASN A 186 0.78 7.66 37.02
CA ASN A 186 0.12 7.04 35.88
C ASN A 186 -1.20 6.41 36.28
N GLU A 187 -1.18 5.74 37.41
CA GLU A 187 -2.37 5.04 37.89
C GLU A 187 -3.45 6.04 38.32
N TRP A 188 -3.04 7.09 39.03
CA TRP A 188 -3.96 8.12 39.44
C TRP A 188 -4.57 8.77 38.20
N SER A 189 -3.72 9.21 37.28
CA SER A 189 -4.15 9.88 36.06
C SER A 189 -5.20 9.07 35.27
N LYS A 190 -4.90 7.79 35.04
CA LYS A 190 -5.84 6.90 34.37
C LYS A 190 -7.15 6.85 35.14
N GLY A 191 -7.07 6.71 36.46
CA GLY A 191 -8.26 6.63 37.30
C GLY A 191 -9.08 7.90 37.31
N TYR A 192 -8.39 9.02 37.23
CA TYR A 192 -9.01 10.33 37.24
C TYR A 192 -9.64 10.58 35.86
N CYS A 193 -8.96 10.20 34.79
CA CYS A 193 -9.57 10.28 33.46
C CYS A 193 -10.78 9.35 33.33
N LYS A 194 -10.73 8.20 33.98
CA LYS A 194 -11.84 7.27 33.94
C LYS A 194 -13.10 7.89 34.56
N TYR A 195 -12.92 8.56 35.69
CA TYR A 195 -14.02 9.21 36.38
C TYR A 195 -14.72 10.25 35.48
N TRP A 196 -13.93 11.15 34.88
CA TRP A 196 -14.49 12.20 34.02
C TRP A 196 -15.02 11.67 32.67
N ALA A 197 -14.33 10.71 32.07
CA ALA A 197 -14.76 10.17 30.77
C ALA A 197 -16.09 9.42 30.88
N LYS A 198 -16.31 8.74 31.99
CA LYS A 198 -17.55 7.99 32.18
C LYS A 198 -18.71 8.97 32.32
N LYS A 199 -18.47 10.09 32.99
CA LYS A 199 -19.47 11.15 33.07
C LYS A 199 -19.80 11.65 31.68
N ALA A 200 -18.80 11.81 30.82
CA ALA A 200 -19.02 12.33 29.46
C ALA A 200 -19.72 11.31 28.57
N LYS A 201 -19.44 10.03 28.77
CA LYS A 201 -20.11 8.98 28.00
C LYS A 201 -21.59 8.88 28.38
N ASN A 202 -21.87 8.99 29.67
CA ASN A 202 -23.25 9.06 30.18
C ASN A 202 -23.99 10.24 29.53
N LEU A 203 -23.28 11.35 29.39
CA LEU A 203 -23.86 12.55 28.83
C LEU A 203 -24.14 12.36 27.33
N TYR A 204 -23.32 11.58 26.64
CA TYR A 204 -23.59 11.24 25.24
C TYR A 204 -24.92 10.47 25.13
N TYR A 205 -25.07 9.41 25.91
CA TYR A 205 -26.19 8.49 25.73
C TYR A 205 -27.49 9.12 26.22
N SER A 206 -27.42 9.82 27.34
CA SER A 206 -28.58 10.50 27.91
C SER A 206 -29.02 11.77 27.16
N HIS A 207 -28.07 12.53 26.60
CA HIS A 207 -28.34 13.92 26.20
C HIS A 207 -27.81 14.39 24.82
N ALA A 208 -26.74 13.80 24.29
CA ALA A 208 -26.04 14.43 23.14
C ALA A 208 -26.11 13.67 21.81
N THR A 209 -27.07 12.77 21.69
CA THR A 209 -27.30 11.99 20.48
C THR A 209 -27.90 12.87 19.40
N MET A 210 -27.82 12.40 18.16
CA MET A 210 -28.46 13.09 17.04
C MET A 210 -30.00 13.04 17.07
N SER A 211 -30.57 12.27 18.01
CA SER A 211 -32.02 12.21 18.19
C SER A 211 -32.42 12.81 19.55
N ASN A 212 -31.59 13.72 20.07
CA ASN A 212 -31.88 14.46 21.29
C ASN A 212 -32.27 15.90 20.90
N SER A 213 -32.94 16.62 21.80
CA SER A 213 -33.38 18.01 21.54
C SER A 213 -32.25 19.05 21.66
N TRP A 214 -32.56 20.32 21.37
CA TRP A 214 -31.62 21.42 21.58
C TRP A 214 -31.39 21.71 23.07
N ASP A 215 -32.41 21.55 23.89
CA ASP A 215 -32.26 21.72 25.34
C ASP A 215 -31.36 20.63 25.93
N ASP A 216 -31.45 19.43 25.35
CA ASP A 216 -30.58 18.32 25.72
C ASP A 216 -29.10 18.62 25.33
N TRP A 217 -28.88 19.24 24.18
CA TRP A 217 -27.50 19.58 23.77
C TRP A 217 -26.89 20.68 24.62
N GLU A 218 -27.69 21.66 25.05
CA GLU A 218 -27.19 22.75 25.88
C GLU A 218 -26.72 22.15 27.21
N TYR A 219 -27.48 21.18 27.69
CA TYR A 219 -27.20 20.50 28.93
C TYR A 219 -25.88 19.74 28.81
N ALA A 220 -25.77 18.92 27.79
CA ALA A 220 -24.58 18.09 27.59
C ALA A 220 -23.33 18.93 27.37
N ALA A 221 -23.50 20.09 26.75
CA ALA A 221 -22.38 20.93 26.38
C ALA A 221 -21.90 21.82 27.54
N SER A 222 -22.83 22.28 28.37
CA SER A 222 -22.49 23.11 29.55
C SER A 222 -21.91 22.28 30.71
N HIS A 223 -22.47 21.09 30.91
CA HIS A 223 -21.89 20.14 31.85
C HIS A 223 -20.56 19.61 31.33
N GLY A 224 -20.47 19.39 30.02
CA GLY A 224 -19.27 18.87 29.41
C GLY A 224 -18.12 19.84 29.51
N VAL A 225 -18.39 21.10 29.17
CA VAL A 225 -17.35 22.12 29.18
C VAL A 225 -17.00 22.44 30.62
N GLY A 226 -18.00 22.36 31.49
CA GLY A 226 -17.80 22.61 32.92
C GLY A 226 -16.96 21.55 33.57
N ASN A 227 -17.21 20.29 33.21
CA ASN A 227 -16.48 19.15 33.77
C ASN A 227 -15.03 19.21 33.39
N ALA A 228 -14.75 19.59 32.16
CA ALA A 228 -13.38 19.71 31.65
C ALA A 228 -12.61 20.72 32.43
N GLN A 229 -13.25 21.86 32.71
CA GLN A 229 -12.64 22.93 33.48
C GLN A 229 -12.28 22.45 34.88
N LYS A 230 -13.25 21.83 35.54
CA LYS A 230 -13.05 21.30 36.87
C LYS A 230 -11.90 20.31 36.89
N GLY A 231 -11.96 19.36 35.96
CA GLY A 231 -10.97 18.31 35.83
C GLY A 231 -9.58 18.84 35.61
N VAL A 232 -9.47 19.89 34.80
CA VAL A 232 -8.18 20.49 34.49
C VAL A 232 -7.67 21.20 35.73
N ALA A 233 -8.54 21.91 36.45
CA ALA A 233 -8.15 22.56 37.72
C ALA A 233 -7.47 21.59 38.68
N GLY A 234 -8.04 20.39 38.80
CA GLY A 234 -7.51 19.36 39.67
C GLY A 234 -6.21 18.79 39.12
N TYR A 235 -6.19 18.54 37.82
CA TYR A 235 -5.01 18.04 37.17
C TYR A 235 -3.85 19.00 37.38
N LEU A 236 -4.15 20.28 37.37
CA LEU A 236 -3.13 21.30 37.48
C LEU A 236 -2.62 21.33 38.90
N TYR A 237 -3.51 21.06 39.85
CA TYR A 237 -3.14 21.04 41.23
C TYR A 237 -2.15 19.95 41.45
N ARG A 238 -2.41 18.76 40.94
CA ARG A 238 -1.49 17.65 41.14
C ARG A 238 -0.17 17.96 40.44
N PHE A 239 -0.26 18.53 39.25
CA PHE A 239 0.94 18.84 38.49
C PHE A 239 1.82 19.78 39.28
N LEU A 240 1.20 20.83 39.81
CA LEU A 240 1.96 21.89 40.47
C LEU A 240 2.58 21.39 41.79
N ASN A 241 1.92 20.45 42.47
CA ASN A 241 2.51 19.76 43.63
C ASN A 241 3.68 18.86 43.24
N ASP A 242 3.51 18.09 42.17
CA ASP A 242 4.60 17.22 41.69
C ASP A 242 5.88 17.99 41.34
N VAL A 243 5.77 19.19 40.77
CA VAL A 243 6.96 19.95 40.38
C VAL A 243 7.55 20.86 41.47
N SER A 244 6.78 21.17 42.51
CA SER A 244 7.21 22.09 43.59
C SER A 244 7.63 21.42 44.90
N ASN A 245 7.11 20.22 45.19
CA ASN A 245 7.32 19.54 46.48
C ASN A 245 8.68 18.82 46.54
N LYS A 246 9.63 19.42 47.25
CA LYS A 246 11.00 18.88 47.36
C LYS A 246 11.07 17.73 48.38
N ASP A 247 10.22 17.78 49.40
CA ASP A 247 10.21 16.77 50.45
C ASP A 247 9.46 15.49 50.11
N ALA A 248 8.83 15.41 48.94
CA ALA A 248 8.06 14.20 48.60
C ALA A 248 9.02 13.05 48.31
N VAL A 249 8.80 11.93 48.97
CA VAL A 249 9.63 10.75 48.73
C VAL A 249 9.11 10.09 47.47
N ASP A 250 10.07 9.72 46.62
CA ASP A 250 9.81 9.27 45.25
C ASP A 250 9.61 7.77 45.25
N LYS A 251 8.62 7.31 44.50
CA LYS A 251 8.30 5.89 44.43
C LYS A 251 8.67 5.27 43.09
N ASP A 252 8.64 3.94 43.07
CA ASP A 252 9.01 3.17 41.89
C ASP A 252 7.99 2.04 41.72
N TYR A 253 7.64 1.74 40.48
CA TYR A 253 6.55 0.81 40.19
C TYR A 253 6.96 -0.08 39.03
N ASP A 254 6.36 -1.26 38.97
CA ASP A 254 6.59 -2.17 37.85
C ASP A 254 5.99 -1.57 36.59
N LEU A 255 6.69 -1.73 35.47
CA LEU A 255 6.29 -1.14 34.20
C LEU A 255 5.33 -2.06 33.50
N ASN A 256 4.19 -1.53 33.07
CA ASN A 256 3.34 -2.19 32.05
C ASN A 256 3.82 -1.88 30.63
N GLU A 257 4.56 -0.79 30.46
CA GLU A 257 4.91 -0.30 29.12
C GLU A 257 6.06 0.70 29.09
N ILE A 258 6.61 0.89 27.90
CA ILE A 258 7.60 1.91 27.64
C ILE A 258 7.09 2.80 26.51
N VAL A 259 7.20 4.10 26.67
CA VAL A 259 6.78 5.01 25.62
C VAL A 259 8.04 5.62 24.98
N VAL A 260 8.19 5.42 23.68
CA VAL A 260 9.34 5.86 22.93
C VAL A 260 8.92 6.87 21.87
N MET A 261 9.50 8.06 21.89
CA MET A 261 9.20 9.14 20.96
C MET A 261 10.41 9.44 20.09
N ILE A 262 10.22 9.44 18.78
CA ILE A 262 11.30 9.73 17.87
C ILE A 262 10.89 10.77 16.85
N LYS A 263 11.79 11.72 16.60
CA LYS A 263 11.65 12.68 15.50
C LYS A 263 12.74 12.43 14.48
N THR A 264 12.35 12.39 13.22
CA THR A 264 13.29 12.26 12.11
C THR A 264 13.54 13.66 11.56
N ALA A 265 14.80 13.95 11.24
CA ALA A 265 15.25 15.28 10.85
C ALA A 265 14.63 15.77 9.53
N ASP A 266 14.68 17.09 9.33
CA ASP A 266 14.07 17.76 8.17
C ASP A 266 15.15 18.13 7.17
N VAL A 267 15.91 17.12 6.71
CA VAL A 267 16.87 17.28 5.62
C VAL A 267 16.66 16.25 4.53
N GLN A 268 17.28 16.49 3.38
CA GLN A 268 17.20 15.56 2.27
C GLN A 268 17.64 14.18 2.70
N ASP A 269 16.80 13.20 2.38
CA ASP A 269 17.10 11.78 2.56
C ASP A 269 17.07 11.30 4.02
N ALA A 270 16.51 12.10 4.91
CA ALA A 270 16.48 11.77 6.34
C ALA A 270 15.60 10.57 6.61
N GLY A 271 14.51 10.44 5.88
CA GLY A 271 13.57 9.35 6.08
C GLY A 271 14.05 7.95 5.66
N THR A 272 13.27 6.93 5.99
CA THR A 272 13.59 5.56 5.61
C THR A 272 12.33 4.69 5.57
N ASP A 273 12.38 3.63 4.76
CA ASP A 273 11.35 2.60 4.73
C ASP A 273 11.79 1.31 5.39
N ASN A 274 13.01 1.31 5.91
CA ASN A 274 13.54 0.21 6.70
C ASN A 274 12.69 -0.06 7.93
N TYR A 275 12.80 -1.29 8.43
CA TYR A 275 12.15 -1.73 9.66
C TYR A 275 12.98 -1.20 10.83
N ILE A 276 12.34 -0.50 11.76
CA ILE A 276 13.03 0.08 12.91
C ILE A 276 12.53 -0.56 14.19
N TYR A 277 13.45 -0.99 15.06
CA TYR A 277 13.08 -1.70 16.30
C TYR A 277 13.62 -1.01 17.51
N PHE A 278 12.86 -1.06 18.59
CA PHE A 278 13.35 -0.60 19.89
C PHE A 278 13.58 -1.85 20.77
N GLY A 279 14.60 -1.82 21.60
CA GLY A 279 14.93 -2.97 22.44
C GLY A 279 15.48 -2.65 23.82
N ILE A 280 15.28 -3.60 24.74
CA ILE A 280 15.89 -3.56 26.07
C ILE A 280 16.40 -4.95 26.48
N GLU A 281 17.39 -4.93 27.37
CA GLU A 281 17.89 -6.14 28.00
C GLU A 281 17.90 -5.87 29.49
N THR A 282 17.22 -6.70 30.27
CA THR A 282 17.27 -6.59 31.73
C THR A 282 18.61 -7.13 32.26
N LYS A 283 18.83 -7.00 33.57
CA LYS A 283 20.10 -7.42 34.20
C LYS A 283 20.25 -8.94 34.23
N ASP A 284 19.13 -9.66 34.39
CA ASP A 284 19.12 -11.11 34.24
C ASP A 284 19.36 -11.59 32.78
N GLY A 285 19.50 -10.66 31.83
CA GLY A 285 19.80 -10.97 30.44
C GLY A 285 18.60 -11.26 29.54
N VAL A 286 17.39 -11.14 30.07
CA VAL A 286 16.18 -11.30 29.26
C VAL A 286 16.06 -10.14 28.26
N LYS A 287 15.60 -10.45 27.06
CA LYS A 287 15.62 -9.54 25.90
C LYS A 287 14.21 -9.33 25.39
N GLU A 288 13.85 -8.08 25.10
CA GLU A 288 12.60 -7.77 24.41
C GLU A 288 12.80 -6.68 23.37
N GLU A 289 12.30 -6.96 22.17
CA GLU A 289 12.40 -6.06 21.04
C GLU A 289 11.03 -5.84 20.40
N TRP A 290 10.72 -4.60 20.05
CA TRP A 290 9.47 -4.28 19.36
C TRP A 290 9.72 -3.57 18.05
N ALA A 291 8.83 -3.79 17.09
CA ALA A 291 8.83 -3.02 15.86
C ALA A 291 8.16 -1.69 16.15
N LEU A 292 8.75 -0.62 15.63
CA LEU A 292 8.11 0.69 15.67
C LEU A 292 7.36 0.85 14.36
N ASP A 293 6.05 0.61 14.43
CA ASP A 293 5.18 0.65 13.27
C ASP A 293 3.72 0.96 13.65
N ASN A 294 3.31 2.20 13.51
CA ASN A 294 1.90 2.53 13.55
C ASN A 294 1.41 2.43 12.11
N PRO A 295 0.12 2.30 11.86
CA PRO A 295 -0.35 2.17 10.46
C PRO A 295 -0.20 3.53 9.79
N GLY A 296 0.08 3.52 8.49
CA GLY A 296 0.46 4.75 7.81
C GLY A 296 1.96 4.84 7.84
N ASN A 297 2.50 6.03 7.61
CA ASN A 297 3.94 6.16 7.45
C ASN A 297 4.70 6.37 8.75
N ASP A 298 5.93 5.86 8.74
CA ASP A 298 6.86 6.08 9.82
C ASP A 298 8.22 6.54 9.29
N PHE A 299 8.86 7.41 10.06
CA PHE A 299 10.21 7.86 9.77
C PHE A 299 10.33 8.48 8.40
N THR A 300 9.34 9.31 8.06
CA THR A 300 9.48 10.19 6.93
C THR A 300 10.12 11.48 7.45
N ARG A 301 10.61 12.27 6.52
CA ARG A 301 11.29 13.52 6.78
C ARG A 301 10.47 14.46 7.70
N ASN A 302 11.09 14.95 8.77
CA ASN A 302 10.45 15.86 9.75
C ASN A 302 9.37 15.24 10.65
N GLN A 303 9.14 13.94 10.57
CA GLN A 303 8.02 13.30 11.28
C GLN A 303 8.34 12.91 12.74
N GLU A 304 7.50 13.37 13.66
CA GLU A 304 7.49 12.89 15.06
C GLU A 304 6.50 11.74 15.20
N GLY A 305 6.96 10.62 15.75
CA GLY A 305 6.09 9.51 16.10
C GLY A 305 6.27 9.04 17.53
N THR A 306 5.16 8.58 18.12
CA THR A 306 5.14 8.02 19.48
C THR A 306 4.79 6.54 19.41
N TYR A 307 5.53 5.72 20.15
CA TYR A 307 5.42 4.28 20.08
C TYR A 307 5.21 3.71 21.49
N THR A 308 4.04 3.16 21.77
CA THR A 308 3.75 2.60 23.08
C THR A 308 3.98 1.09 23.04
N LEU A 309 4.94 0.61 23.83
CA LEU A 309 5.43 -0.74 23.76
C LEU A 309 5.04 -1.52 25.02
N LYS A 310 4.16 -2.51 24.87
CA LYS A 310 3.70 -3.31 26.01
C LYS A 310 4.72 -4.39 26.36
N LEU A 311 5.03 -4.52 27.65
CA LEU A 311 6.01 -5.49 28.14
C LEU A 311 5.41 -6.89 28.31
N LYS A 312 6.15 -7.91 27.89
CA LYS A 312 5.73 -9.31 28.07
C LYS A 312 5.90 -9.76 29.53
N ASN A 313 6.96 -9.30 30.19
CA ASN A 313 7.17 -9.58 31.61
C ASN A 313 6.47 -8.53 32.49
N LYS A 314 5.88 -8.97 33.60
CA LYS A 314 5.13 -8.07 34.49
C LYS A 314 5.85 -7.67 35.80
N ASN A 315 7.05 -8.20 36.05
CA ASN A 315 7.83 -7.83 37.25
C ASN A 315 9.09 -7.07 36.89
N THR A 316 8.99 -6.18 35.90
CA THR A 316 10.13 -5.40 35.42
C THR A 316 9.98 -3.97 35.92
N LYS A 317 11.01 -3.46 36.60
CA LYS A 317 11.07 -2.02 36.96
C LYS A 317 12.14 -1.37 36.08
N TYR A 318 12.14 -0.04 35.99
CA TYR A 318 13.07 0.62 35.08
C TYR A 318 14.51 0.28 35.46
N SER A 319 14.78 0.20 36.76
CA SER A 319 16.13 -0.06 37.25
C SER A 319 16.63 -1.45 36.93
N ASP A 320 15.76 -2.37 36.53
CA ASP A 320 16.21 -3.65 35.97
C ASP A 320 16.86 -3.55 34.60
N ILE A 321 16.55 -2.50 33.84
CA ILE A 321 17.06 -2.38 32.50
C ILE A 321 18.55 -2.07 32.52
N LYS A 322 19.30 -2.79 31.68
CA LYS A 322 20.74 -2.64 31.54
C LYS A 322 21.13 -1.98 30.21
N ASN A 323 20.51 -2.44 29.12
CA ASN A 323 20.74 -1.90 27.76
C ASN A 323 19.43 -1.43 27.10
N MET A 324 19.51 -0.35 26.32
CA MET A 324 18.45 0.02 25.39
C MET A 324 19.06 0.28 24.01
N TRP A 325 18.28 0.11 22.96
CA TRP A 325 18.80 0.32 21.61
C TRP A 325 17.72 0.55 20.58
N ILE A 326 18.12 1.14 19.48
CA ILE A 326 17.32 1.17 18.28
C ILE A 326 18.09 0.40 17.22
N ARG A 327 17.38 -0.46 16.50
CA ARG A 327 17.98 -1.28 15.47
C ARG A 327 17.32 -0.99 14.14
N ASP A 328 18.13 -0.95 13.09
CA ASP A 328 17.73 -0.56 11.75
C ASP A 328 18.01 -1.76 10.84
N GLU A 329 16.96 -2.32 10.27
CA GLU A 329 17.01 -3.53 9.44
C GLU A 329 16.58 -3.15 8.02
N LYS A 330 17.40 -3.48 7.04
CA LYS A 330 17.10 -3.21 5.63
C LYS A 330 16.66 -4.46 4.89
N LEU A 331 15.70 -4.32 3.99
CA LEU A 331 15.21 -5.46 3.21
C LEU A 331 16.26 -5.97 2.24
N THR A 332 16.90 -5.03 1.57
CA THR A 332 17.69 -5.32 0.39
C THR A 332 19.16 -4.97 0.68
N VAL A 333 20.07 -5.41 -0.20
CA VAL A 333 21.51 -5.25 0.00
C VAL A 333 21.94 -3.79 -0.20
N ALA A 334 21.14 -3.05 -0.99
CA ALA A 334 21.34 -1.63 -1.28
C ALA A 334 21.44 -0.77 -0.03
N THR A 335 22.60 -0.14 0.13
CA THR A 335 22.87 0.85 1.18
C THR A 335 21.85 2.00 1.22
N ASP A 336 21.40 2.34 2.43
CA ASP A 336 20.41 3.40 2.70
C ASP A 336 20.76 4.13 4.01
N GLY A 337 20.04 5.21 4.30
CA GLY A 337 20.36 6.06 5.44
C GLY A 337 19.16 6.73 6.07
N TRP A 338 19.22 6.90 7.39
CA TRP A 338 18.15 7.49 8.17
C TRP A 338 18.80 8.49 9.14
N LYS A 339 18.26 9.70 9.26
CA LYS A 339 18.78 10.69 10.19
C LYS A 339 17.72 11.06 11.22
N PRO A 340 17.77 10.42 12.38
CA PRO A 340 16.89 10.83 13.47
C PRO A 340 17.46 12.07 14.15
N SER A 341 16.59 13.03 14.46
CA SER A 341 16.92 14.15 15.35
C SER A 341 17.06 13.74 16.81
N TYR A 342 16.08 13.01 17.35
CA TYR A 342 16.14 12.60 18.77
C TYR A 342 15.37 11.33 19.12
N VAL A 343 15.68 10.79 20.28
CA VAL A 343 14.86 9.76 20.91
C VAL A 343 14.62 10.17 22.34
N LYS A 344 13.36 10.10 22.77
CA LYS A 344 13.02 10.26 24.17
C LYS A 344 12.34 8.99 24.62
N VAL A 345 12.56 8.61 25.88
CA VAL A 345 11.96 7.42 26.46
C VAL A 345 11.24 7.78 27.75
N ILE A 346 10.00 7.33 27.88
CA ILE A 346 9.21 7.45 29.10
C ILE A 346 8.94 6.07 29.67
N ALA A 347 9.15 5.92 30.95
CA ALA A 347 8.84 4.69 31.65
C ALA A 347 8.36 5.10 33.03
N GLY A 348 7.17 4.67 33.40
CA GLY A 348 6.54 5.14 34.61
C GLY A 348 6.21 6.62 34.55
N ASP A 349 6.54 7.34 35.63
CA ASP A 349 6.17 8.74 35.82
C ASP A 349 7.25 9.73 35.34
N LYS A 350 8.24 9.23 34.57
CA LYS A 350 9.42 10.04 34.25
C LYS A 350 9.93 9.84 32.83
N VAL A 351 10.50 10.91 32.28
CA VAL A 351 11.29 10.85 31.07
C VAL A 351 12.65 10.33 31.51
N ARG A 352 13.00 9.14 31.06
CA ARG A 352 14.25 8.49 31.45
C ARG A 352 15.42 8.92 30.58
N LEU A 353 15.14 9.18 29.31
CA LEU A 353 16.19 9.46 28.35
C LEU A 353 15.76 10.51 27.35
N GLU A 354 16.68 11.42 27.05
CA GLU A 354 16.54 12.37 25.95
C GLU A 354 17.89 12.43 25.25
N LYS A 355 17.94 11.98 24.00
CA LYS A 355 19.19 11.83 23.29
C LYS A 355 19.05 12.54 21.95
N ASN A 356 19.76 13.63 21.77
CA ASN A 356 19.86 14.24 20.47
C ASN A 356 20.87 13.42 19.66
N ILE A 357 20.47 13.07 18.44
CA ILE A 357 21.26 12.21 17.57
C ILE A 357 21.89 13.01 16.42
N ASN A 358 21.09 13.51 15.49
CA ASN A 358 21.61 14.19 14.29
C ASN A 358 22.89 13.59 13.71
N GLU A 359 22.84 12.27 13.52
CA GLU A 359 23.88 11.54 12.83
C GLU A 359 23.21 10.41 12.05
N TRP A 360 23.78 10.06 10.90
CA TRP A 360 23.15 9.09 10.01
C TRP A 360 23.26 7.67 10.56
N ILE A 361 22.25 6.86 10.29
CA ILE A 361 22.24 5.46 10.69
C ILE A 361 21.98 4.61 9.47
N SER A 362 22.91 3.69 9.20
CA SER A 362 22.79 2.80 8.04
C SER A 362 21.84 1.68 8.42
N GLY A 363 21.17 1.11 7.43
CA GLY A 363 20.41 -0.11 7.62
C GLY A 363 21.36 -1.25 7.86
N GLY A 364 20.95 -2.18 8.71
CA GLY A 364 21.82 -3.24 9.20
C GLY A 364 22.72 -2.87 10.39
N THR A 365 22.50 -1.70 11.00
CA THR A 365 23.22 -1.36 12.24
C THR A 365 22.30 -1.20 13.44
N THR A 366 22.92 -1.09 14.61
CA THR A 366 22.22 -0.92 15.88
C THR A 366 22.78 0.32 16.55
N TYR A 367 21.91 1.19 17.03
CA TYR A 367 22.32 2.40 17.72
C TYR A 367 22.08 2.23 19.20
N THR A 368 23.12 2.38 20.01
CA THR A 368 23.02 2.13 21.46
C THR A 368 22.56 3.35 22.23
N LEU A 369 21.55 3.15 23.06
CA LEU A 369 20.97 4.24 23.86
C LEU A 369 21.42 4.19 25.33
N LYS A 370 21.65 2.98 25.83
CA LYS A 370 22.13 2.78 27.21
C LYS A 370 22.87 1.43 27.31
N TRP B 1 14.25 12.83 -16.11
CA TRP B 1 15.02 11.59 -15.80
C TRP B 1 14.79 11.13 -14.37
N ASP B 2 15.13 9.87 -14.14
CA ASP B 2 14.99 9.25 -12.83
C ASP B 2 16.10 9.70 -11.89
N GLY B 3 15.86 9.54 -10.60
CA GLY B 3 16.83 9.88 -9.59
C GLY B 3 16.38 9.44 -8.21
N LYS B 4 17.37 9.21 -7.34
CA LYS B 4 17.16 8.74 -5.96
C LYS B 4 17.49 9.85 -4.97
N GLU B 5 16.79 9.85 -3.85
CA GLU B 5 16.95 10.89 -2.83
C GLU B 5 18.36 10.95 -2.23
N ASP B 6 19.05 9.81 -2.21
CA ASP B 6 20.44 9.78 -1.71
C ASP B 6 21.48 10.35 -2.69
N GLY B 7 21.03 11.07 -3.72
CA GLY B 7 21.91 11.66 -4.73
C GLY B 7 22.50 10.69 -5.74
N THR B 8 21.74 9.68 -6.17
CA THR B 8 22.20 8.72 -7.19
C THR B 8 21.13 8.59 -8.23
N GLY B 9 21.46 7.95 -9.35
CA GLY B 9 20.53 7.85 -10.47
C GLY B 9 20.97 8.65 -11.70
N THR B 10 20.12 8.65 -12.72
CA THR B 10 20.43 9.29 -13.99
C THR B 10 20.85 10.73 -13.77
N HIS B 11 20.13 11.44 -12.91
CA HIS B 11 20.38 12.87 -12.71
C HIS B 11 21.76 13.12 -12.09
N SER B 12 22.19 12.21 -11.23
CA SER B 12 23.49 12.31 -10.57
C SER B 12 24.63 11.99 -11.53
N VAL B 13 24.44 10.95 -12.32
CA VAL B 13 25.39 10.59 -13.35
C VAL B 13 25.61 11.75 -14.31
N ILE B 14 24.53 12.42 -14.74
CA ILE B 14 24.66 13.54 -15.68
C ILE B 14 25.63 14.59 -15.14
N VAL B 15 25.37 15.09 -13.93
CA VAL B 15 26.18 16.20 -13.38
C VAL B 15 27.60 15.76 -13.00
N THR B 16 27.73 14.52 -12.57
CA THR B 16 29.01 13.96 -12.19
C THR B 16 29.91 13.81 -13.41
N GLN B 17 29.34 13.29 -14.49
CA GLN B 17 30.08 13.16 -15.72
C GLN B 17 30.42 14.53 -16.29
N ALA B 18 29.49 15.46 -16.16
CA ALA B 18 29.70 16.80 -16.73
C ALA B 18 30.95 17.46 -16.15
N ILE B 19 31.24 17.16 -14.88
CA ILE B 19 32.44 17.63 -14.23
C ILE B 19 33.68 17.00 -14.86
N GLU B 20 33.67 15.68 -15.05
CA GLU B 20 34.76 14.97 -15.76
C GLU B 20 34.96 15.52 -17.18
N MET B 21 33.88 15.93 -17.81
CA MET B 21 33.92 16.41 -19.19
C MET B 21 34.59 17.77 -19.24
N LEU B 22 34.22 18.68 -18.35
CA LEU B 22 34.89 19.96 -18.22
C LEU B 22 36.38 19.78 -17.93
N LYS B 23 36.72 18.99 -16.90
CA LYS B 23 38.13 18.71 -16.56
C LYS B 23 38.95 18.35 -17.78
N HIS B 24 38.35 17.50 -18.63
CA HIS B 24 38.96 17.03 -19.85
C HIS B 24 39.07 18.15 -20.89
N ASP B 25 37.99 18.89 -21.09
CA ASP B 25 37.86 19.84 -22.17
C ASP B 25 38.55 21.18 -21.90
N LEU B 26 38.88 21.47 -20.65
CA LEU B 26 39.50 22.74 -20.29
C LEU B 26 40.79 22.83 -21.08
N SER B 27 40.95 23.92 -21.81
CA SER B 27 42.04 24.07 -22.76
C SER B 27 43.32 24.42 -22.05
N LYS B 28 44.41 24.30 -22.79
CA LYS B 28 45.75 24.58 -22.24
C LYS B 28 45.87 26.00 -21.71
N ASP B 29 45.14 26.96 -22.29
CA ASP B 29 45.23 28.39 -21.94
C ASP B 29 44.26 28.91 -20.89
N GLU B 30 43.33 28.10 -20.40
CA GLU B 30 42.35 28.64 -19.45
C GLU B 30 43.07 29.22 -18.23
N PRO B 31 42.58 30.32 -17.68
CA PRO B 31 43.14 30.83 -16.42
C PRO B 31 43.09 29.77 -15.32
N GLU B 32 44.04 29.81 -14.41
CA GLU B 32 44.13 28.82 -13.34
C GLU B 32 42.89 28.95 -12.45
N ALA B 33 42.29 30.15 -12.43
CA ALA B 33 41.11 30.45 -11.60
C ALA B 33 39.90 29.54 -11.86
N ILE B 34 39.65 29.17 -13.12
CA ILE B 34 38.50 28.32 -13.45
C ILE B 34 38.71 26.89 -12.99
N ARG B 35 39.95 26.42 -13.09
CA ARG B 35 40.31 25.07 -12.70
C ARG B 35 40.27 24.91 -11.20
N ASN B 36 40.66 25.94 -10.46
CA ASN B 36 40.66 25.91 -9.01
C ASN B 36 39.24 25.97 -8.43
N ASP B 37 38.36 26.72 -9.09
CA ASP B 37 36.96 26.83 -8.71
C ASP B 37 36.26 25.52 -9.04
N LEU B 38 36.68 24.87 -10.11
CA LEU B 38 36.12 23.58 -10.47
C LEU B 38 36.49 22.56 -9.40
N SER B 39 37.70 22.66 -8.85
CA SER B 39 38.11 21.78 -7.76
C SER B 39 37.26 21.97 -6.53
N ILE B 40 36.90 23.21 -6.22
CA ILE B 40 36.01 23.46 -5.08
C ILE B 40 34.65 22.77 -5.25
N LEU B 41 34.13 22.76 -6.48
CA LEU B 41 32.89 22.06 -6.80
C LEU B 41 33.00 20.55 -6.68
N GLU B 42 34.14 20.00 -7.10
CA GLU B 42 34.44 18.56 -6.94
C GLU B 42 34.57 18.14 -5.48
N LYS B 43 35.08 19.04 -4.64
CA LYS B 43 35.18 18.82 -3.20
C LYS B 43 33.79 18.77 -2.58
N ASN B 44 32.86 19.49 -3.19
CA ASN B 44 31.46 19.45 -2.79
C ASN B 44 30.62 18.63 -3.78
N LEU B 45 31.22 17.58 -4.33
CA LEU B 45 30.54 16.73 -5.29
C LEU B 45 29.29 16.08 -4.68
N HIS B 46 29.36 15.73 -3.40
CA HIS B 46 28.27 14.98 -2.80
C HIS B 46 27.01 15.88 -2.70
N LYS B 47 27.20 17.12 -2.30
CA LYS B 47 26.10 18.09 -2.24
C LYS B 47 25.58 18.46 -3.63
N PHE B 48 26.47 18.49 -4.62
CA PHE B 48 26.08 18.76 -6.01
C PHE B 48 25.15 17.66 -6.50
N GLN B 49 25.46 16.41 -6.12
CA GLN B 49 24.72 15.23 -6.56
C GLN B 49 23.37 15.12 -5.89
N LEU B 50 23.34 15.43 -4.58
CA LEU B 50 22.09 15.51 -3.84
C LEU B 50 21.17 16.56 -4.45
N GLY B 51 21.72 17.73 -4.75
CA GLY B 51 20.98 18.75 -5.48
C GLY B 51 20.43 18.28 -6.80
N SER B 52 21.20 17.47 -7.53
CA SER B 52 20.80 17.00 -8.86
C SER B 52 19.58 16.07 -8.83
N THR B 53 19.31 15.46 -7.68
CA THR B 53 18.14 14.58 -7.55
C THR B 53 17.00 15.17 -6.75
N PHE B 54 17.30 16.16 -5.92
CA PHE B 54 16.40 16.58 -4.85
C PHE B 54 15.00 17.04 -5.27
N PRO B 55 14.86 17.81 -6.36
CA PRO B 55 13.54 18.28 -6.80
C PRO B 55 12.42 17.24 -6.90
N ASP B 56 12.73 16.01 -7.29
CA ASP B 56 11.70 14.95 -7.39
C ASP B 56 11.20 14.46 -6.03
N TYR B 57 11.93 14.81 -4.97
CA TYR B 57 11.64 14.40 -3.60
C TYR B 57 11.44 15.60 -2.67
N ASP B 58 11.29 16.79 -3.24
CA ASP B 58 11.13 18.03 -2.47
C ASP B 58 9.73 18.06 -1.86
N PRO B 59 9.60 18.19 -0.54
CA PRO B 59 8.27 18.28 0.09
C PRO B 59 7.39 19.42 -0.45
N ASN B 60 7.99 20.46 -1.03
CA ASN B 60 7.24 21.60 -1.54
C ASN B 60 6.89 21.47 -3.01
N ALA B 61 7.22 20.33 -3.62
CA ALA B 61 6.90 20.06 -5.03
C ALA B 61 5.44 20.37 -5.33
N TYR B 62 5.19 20.94 -6.50
CA TYR B 62 3.83 21.01 -7.02
C TYR B 62 3.34 19.55 -7.18
N SER B 63 2.04 19.31 -7.05
CA SER B 63 1.52 17.93 -7.00
C SER B 63 1.73 17.15 -8.29
N LEU B 64 1.91 17.85 -9.40
CA LEU B 64 2.16 17.17 -10.68
C LEU B 64 3.55 17.40 -11.24
N TYR B 65 4.46 17.94 -10.43
CA TYR B 65 5.83 18.19 -10.84
C TYR B 65 5.93 19.01 -12.12
N GLN B 66 4.93 19.86 -12.38
CA GLN B 66 4.74 20.51 -13.68
C GLN B 66 5.84 21.49 -14.06
N ASP B 67 6.55 22.03 -13.07
CA ASP B 67 7.75 22.87 -13.30
C ASP B 67 9.01 22.10 -13.73
N HIS B 68 8.91 20.77 -13.84
CA HIS B 68 9.98 19.97 -14.41
C HIS B 68 9.81 19.81 -15.92
N PHE B 69 8.73 20.37 -16.46
CA PHE B 69 8.46 20.32 -17.90
C PHE B 69 8.64 21.70 -18.56
N TRP B 70 8.90 21.71 -19.86
CA TRP B 70 9.08 22.95 -20.60
C TRP B 70 9.13 22.67 -22.09
N ASP B 71 8.13 23.14 -22.83
CA ASP B 71 8.11 23.07 -24.30
C ASP B 71 8.67 24.38 -24.82
N PRO B 72 9.80 24.34 -25.53
CA PRO B 72 10.52 25.57 -25.83
C PRO B 72 9.79 26.45 -26.86
N ASP B 73 8.92 25.86 -27.67
CA ASP B 73 8.20 26.62 -28.69
C ASP B 73 7.03 27.41 -28.11
N THR B 74 6.37 26.87 -27.07
CA THR B 74 5.35 27.62 -26.33
C THR B 74 5.86 28.40 -25.11
N ASP B 75 7.07 28.07 -24.64
CA ASP B 75 7.60 28.63 -23.40
C ASP B 75 6.79 28.24 -22.14
N HIS B 76 5.98 27.20 -22.21
CA HIS B 76 5.12 26.79 -21.11
C HIS B 76 5.36 25.34 -20.66
N ASN B 77 4.88 25.02 -19.47
CA ASN B 77 4.77 23.64 -19.00
C ASN B 77 3.37 23.10 -19.35
N PHE B 78 3.15 21.81 -19.19
CA PHE B 78 1.90 21.21 -19.68
C PHE B 78 0.60 21.74 -19.06
N THR B 79 0.66 22.29 -17.85
CA THR B 79 -0.55 22.81 -17.20
C THR B 79 -1.02 24.11 -17.83
N GLN B 80 -0.14 24.75 -18.61
CA GLN B 80 -0.51 25.93 -19.41
C GLN B 80 -0.93 25.59 -20.86
N ASP B 81 -0.52 24.44 -21.40
CA ASP B 81 -0.78 24.05 -22.81
C ASP B 81 -1.82 22.94 -23.01
N ASN B 82 -2.24 22.29 -21.93
CA ASN B 82 -3.07 21.09 -21.98
C ASN B 82 -4.43 21.36 -21.34
N LYS B 83 -5.51 20.97 -22.00
CA LYS B 83 -6.88 21.20 -21.51
C LYS B 83 -7.16 20.54 -20.16
N TRP B 84 -6.58 19.35 -19.97
CA TRP B 84 -6.81 18.49 -18.79
C TRP B 84 -6.23 19.01 -17.46
N TYR B 85 -5.29 19.95 -17.53
CA TYR B 85 -4.55 20.40 -16.35
C TYR B 85 -4.57 21.91 -16.13
N LEU B 86 -5.55 22.62 -16.70
CA LEU B 86 -5.59 24.09 -16.61
C LEU B 86 -5.78 24.61 -15.18
N SER B 87 -6.45 23.82 -14.33
CA SER B 87 -6.71 24.22 -12.93
C SER B 87 -5.43 24.21 -12.09
N TYR B 88 -4.39 23.53 -12.58
CA TYR B 88 -3.11 23.41 -11.89
C TYR B 88 -2.04 24.37 -12.46
N ALA B 89 -2.48 25.41 -13.17
CA ALA B 89 -1.60 26.25 -13.96
C ALA B 89 -0.61 27.05 -13.09
N VAL B 90 0.66 26.96 -13.46
CA VAL B 90 1.76 27.53 -12.68
C VAL B 90 2.79 28.10 -13.67
N PRO B 91 3.32 29.29 -13.42
CA PRO B 91 4.22 29.93 -14.38
C PRO B 91 5.62 29.31 -14.47
N ASP B 92 6.04 28.60 -13.43
CA ASP B 92 7.37 28.00 -13.37
C ASP B 92 7.49 26.81 -14.30
N ASN B 93 8.62 26.72 -14.98
CA ASN B 93 8.95 25.59 -15.84
C ASN B 93 10.43 25.23 -15.67
N ALA B 94 10.94 24.27 -16.45
CA ALA B 94 12.31 23.78 -16.26
C ALA B 94 13.37 24.78 -16.60
N GLU B 95 13.12 25.59 -17.62
CA GLU B 95 14.01 26.70 -17.96
C GLU B 95 14.12 27.75 -16.85
N SER B 96 12.98 28.27 -16.37
CA SER B 96 13.02 29.32 -15.35
C SER B 96 13.61 28.84 -14.02
N GLN B 97 13.42 27.57 -13.67
CA GLN B 97 14.02 27.02 -12.45
C GLN B 97 15.53 26.83 -12.58
N THR B 98 15.99 26.56 -13.81
CA THR B 98 17.43 26.42 -14.07
C THR B 98 18.16 27.71 -13.73
N ARG B 99 17.68 28.85 -14.24
CA ARG B 99 18.30 30.13 -13.92
C ARG B 99 18.07 30.57 -12.48
N LYS B 100 16.91 30.26 -11.91
CA LYS B 100 16.62 30.62 -10.51
C LYS B 100 17.66 30.01 -9.57
N PHE B 101 17.90 28.71 -9.74
CA PHE B 101 18.83 27.99 -8.89
C PHE B 101 20.30 28.34 -9.19
N ALA B 102 20.64 28.56 -10.46
CA ALA B 102 22.01 28.98 -10.81
C ALA B 102 22.35 30.31 -10.12
N THR B 103 21.38 31.22 -10.14
CA THR B 103 21.52 32.52 -9.50
C THR B 103 21.58 32.41 -7.96
N LEU B 104 20.74 31.59 -7.36
CA LEU B 104 20.88 31.28 -5.94
C LEU B 104 22.28 30.73 -5.64
N ALA B 105 22.83 29.94 -6.55
CA ALA B 105 24.15 29.35 -6.36
C ALA B 105 25.30 30.36 -6.44
N LYS B 106 25.18 31.34 -7.33
CA LYS B 106 26.22 32.36 -7.49
C LYS B 106 26.30 33.18 -6.22
N ASN B 107 25.14 33.48 -5.66
CA ASN B 107 25.08 34.23 -4.41
C ASN B 107 25.75 33.48 -3.28
N GLU B 108 25.46 32.18 -3.14
CA GLU B 108 26.07 31.38 -2.10
C GLU B 108 27.57 31.31 -2.34
N TRP B 109 27.97 31.18 -3.60
CA TRP B 109 29.39 31.11 -3.93
C TRP B 109 30.13 32.39 -3.51
N ASP B 110 29.51 33.54 -3.74
CA ASP B 110 30.08 34.86 -3.42
C ASP B 110 30.24 35.04 -1.91
N LYS B 111 29.35 34.43 -1.13
CA LYS B 111 29.43 34.43 0.32
C LYS B 111 30.42 33.38 0.87
N GLY B 112 30.89 32.48 0.01
CA GLY B 112 31.82 31.45 0.44
C GLY B 112 31.19 30.18 1.03
N ASN B 113 29.86 30.04 0.94
CA ASN B 113 29.21 28.79 1.33
C ASN B 113 29.16 27.86 0.12
N TYR B 114 30.24 27.11 -0.08
CA TYR B 114 30.41 26.32 -1.29
C TYR B 114 29.51 25.10 -1.31
N GLU B 115 29.19 24.58 -0.12
CA GLU B 115 28.30 23.45 0.02
C GLU B 115 26.89 23.80 -0.45
N LYS B 116 26.34 24.91 0.04
CA LYS B 116 25.00 25.35 -0.35
C LYS B 116 24.98 25.78 -1.82
N ALA B 117 26.07 26.38 -2.28
CA ALA B 117 26.21 26.75 -3.69
C ALA B 117 26.08 25.51 -4.58
N ALA B 118 26.77 24.45 -4.19
CA ALA B 118 26.77 23.19 -4.94
C ALA B 118 25.39 22.55 -4.90
N TRP B 119 24.72 22.65 -3.76
CA TRP B 119 23.42 22.03 -3.59
C TRP B 119 22.36 22.76 -4.47
N TYR B 120 22.43 24.08 -4.52
CA TYR B 120 21.58 24.86 -5.41
C TYR B 120 21.88 24.58 -6.88
N LEU B 121 23.15 24.68 -7.27
CA LEU B 121 23.55 24.46 -8.66
C LEU B 121 23.10 23.09 -9.15
N GLY B 122 23.17 22.10 -8.27
CA GLY B 122 22.73 20.74 -8.59
C GLY B 122 21.25 20.74 -8.88
N GLN B 123 20.48 21.47 -8.08
CA GLN B 123 19.06 21.59 -8.31
C GLN B 123 18.78 22.27 -9.66
N GLY B 124 19.58 23.28 -9.98
CA GLY B 124 19.45 23.94 -11.25
C GLY B 124 19.73 22.99 -12.40
N MET B 125 20.75 22.13 -12.25
CA MET B 125 21.11 21.18 -13.30
C MET B 125 20.17 20.00 -13.36
N HIS B 126 19.37 19.81 -12.33
CA HIS B 126 18.31 18.82 -12.36
C HIS B 126 17.26 19.26 -13.38
N TYR B 127 16.79 20.50 -13.24
CA TYR B 127 15.80 21.04 -14.15
C TYR B 127 16.36 21.11 -15.55
N PHE B 128 17.63 21.47 -15.66
CA PHE B 128 18.28 21.46 -16.95
C PHE B 128 18.25 20.05 -17.56
N GLY B 129 18.72 19.06 -16.80
CA GLY B 129 18.57 17.65 -17.15
C GLY B 129 17.16 17.31 -17.64
N ASP B 130 16.15 17.86 -16.97
CA ASP B 130 14.76 17.52 -17.31
C ASP B 130 14.30 18.05 -18.65
N LEU B 131 14.72 19.27 -19.00
CA LEU B 131 14.36 19.79 -20.31
C LEU B 131 15.15 19.11 -21.45
N ASN B 132 16.21 18.36 -21.12
CA ASN B 132 16.86 17.44 -22.07
C ASN B 132 16.23 16.05 -22.12
N THR B 133 15.11 15.85 -21.43
CA THR B 133 14.41 14.57 -21.35
C THR B 133 13.27 14.65 -22.36
N PRO B 134 13.36 13.90 -23.46
CA PRO B 134 12.40 14.04 -24.57
C PRO B 134 10.95 14.25 -24.16
N TYR B 135 10.39 13.47 -23.25
CA TYR B 135 8.99 13.61 -22.84
C TYR B 135 8.68 14.93 -22.13
N HIS B 136 9.65 15.43 -21.39
CA HIS B 136 9.46 16.67 -20.65
C HIS B 136 9.46 17.89 -21.56
N ALA B 137 10.28 17.86 -22.61
CA ALA B 137 10.37 18.97 -23.56
C ALA B 137 9.19 18.97 -24.53
N ALA B 138 8.42 17.89 -24.53
CA ALA B 138 7.24 17.77 -25.38
C ALA B 138 5.93 17.89 -24.59
N ASN B 139 6.05 18.08 -23.27
CA ASN B 139 4.89 18.26 -22.37
C ASN B 139 3.90 17.07 -22.41
N VAL B 140 4.45 15.87 -22.53
CA VAL B 140 3.71 14.60 -22.43
C VAL B 140 3.92 14.05 -21.02
N THR B 141 2.85 14.01 -20.23
CA THR B 141 2.98 13.59 -18.81
C THR B 141 2.76 12.09 -18.65
N ALA B 142 3.15 11.57 -17.48
CA ALA B 142 2.90 10.18 -17.12
C ALA B 142 1.43 9.75 -17.38
N VAL B 143 0.49 10.69 -17.23
CA VAL B 143 -0.93 10.43 -17.50
C VAL B 143 -1.32 10.55 -18.99
N ASP B 144 -0.63 11.40 -19.75
CA ASP B 144 -0.82 11.48 -21.22
C ASP B 144 -0.45 10.16 -21.92
N SER B 145 0.51 9.45 -21.32
CA SER B 145 1.10 8.24 -21.87
C SER B 145 2.02 7.59 -20.81
N PRO B 146 1.88 6.29 -20.60
CA PRO B 146 2.70 5.55 -19.62
C PRO B 146 4.12 5.29 -20.12
N GLY B 147 4.33 5.44 -21.42
CA GLY B 147 5.66 5.46 -21.99
C GLY B 147 6.63 6.44 -21.33
N HIS B 148 6.12 7.55 -20.78
CA HIS B 148 6.95 8.50 -20.06
C HIS B 148 7.82 7.76 -19.02
N VAL B 149 7.19 7.08 -18.07
CA VAL B 149 7.95 6.48 -16.97
C VAL B 149 8.79 5.28 -17.43
N LYS B 150 8.24 4.47 -18.34
CA LYS B 150 8.99 3.35 -18.92
C LYS B 150 10.29 3.83 -19.55
N PHE B 151 10.22 4.96 -20.25
CA PHE B 151 11.40 5.50 -20.94
C PHE B 151 12.49 5.92 -19.97
N GLU B 152 12.10 6.65 -18.94
CA GLU B 152 13.04 7.09 -17.92
C GLU B 152 13.58 5.91 -17.12
N THR B 153 12.77 4.87 -16.94
CA THR B 153 13.19 3.69 -16.18
C THR B 153 14.26 2.95 -16.98
N TYR B 154 14.05 2.82 -18.28
CA TYR B 154 15.03 2.20 -19.17
C TYR B 154 16.35 3.00 -19.17
N ALA B 155 16.25 4.32 -19.26
CA ALA B 155 17.44 5.17 -19.19
C ALA B 155 18.17 4.96 -17.87
N GLU B 156 17.41 4.83 -16.80
CA GLU B 156 17.98 4.62 -15.48
C GLU B 156 18.84 3.37 -15.44
N GLU B 157 18.36 2.26 -15.98
CA GLU B 157 19.14 1.01 -15.95
C GLU B 157 20.35 1.02 -16.90
N ARG B 158 20.28 1.82 -17.95
CA ARG B 158 21.36 1.91 -18.91
C ARG B 158 22.34 3.08 -18.68
N LYS B 159 22.08 3.91 -17.67
CA LYS B 159 22.81 5.18 -17.49
C LYS B 159 24.33 5.08 -17.54
N ASP B 160 24.88 3.95 -17.13
CA ASP B 160 26.34 3.77 -17.17
C ASP B 160 26.92 3.68 -18.58
N THR B 161 26.17 3.13 -19.52
CA THR B 161 26.58 3.08 -20.93
C THR B 161 26.54 4.43 -21.63
N TYR B 162 25.87 5.41 -21.03
CA TYR B 162 25.66 6.70 -21.66
C TYR B 162 26.68 7.74 -21.27
N ARG B 163 27.59 7.41 -20.35
CA ARG B 163 28.56 8.37 -19.85
C ARG B 163 29.48 8.83 -20.96
N LEU B 164 29.74 10.14 -21.04
CA LEU B 164 30.67 10.72 -21.99
C LEU B 164 31.89 11.24 -21.23
N ASP B 165 33.08 11.10 -21.81
CA ASP B 165 34.30 11.66 -21.21
C ASP B 165 34.55 13.08 -21.70
N THR B 166 33.77 13.52 -22.69
CA THR B 166 33.99 14.82 -23.31
C THR B 166 32.77 15.31 -24.10
N THR B 167 32.70 16.62 -24.30
CA THR B 167 31.69 17.22 -25.18
C THR B 167 31.97 17.06 -26.67
N GLY B 168 33.22 16.74 -27.03
CA GLY B 168 33.70 16.81 -28.40
C GLY B 168 34.41 18.11 -28.76
N TYR B 169 34.44 19.06 -27.83
CA TYR B 169 35.08 20.35 -28.01
C TYR B 169 35.99 20.62 -26.83
N ASN B 170 36.94 21.55 -27.00
CA ASN B 170 37.66 22.16 -25.86
C ASN B 170 37.18 23.60 -25.64
N THR B 171 37.68 24.27 -24.59
CA THR B 171 37.12 25.55 -24.21
C THR B 171 37.67 26.73 -25.04
N ASP B 172 38.41 26.43 -26.13
CA ASP B 172 38.76 27.41 -27.18
C ASP B 172 37.72 27.42 -28.30
N ASP B 173 36.91 26.38 -28.41
CA ASP B 173 35.92 26.27 -29.47
C ASP B 173 34.62 27.02 -29.16
N ALA B 174 33.83 27.25 -30.20
CA ALA B 174 32.61 28.05 -30.12
C ALA B 174 31.59 27.51 -29.09
N PHE B 175 31.49 26.19 -28.97
CA PHE B 175 30.60 25.55 -28.01
C PHE B 175 30.71 26.16 -26.60
N TYR B 176 31.93 26.31 -26.12
CA TYR B 176 32.17 26.93 -24.84
C TYR B 176 32.27 28.46 -24.92
N LYS B 177 32.87 29.01 -25.99
CA LYS B 177 33.03 30.45 -26.11
C LYS B 177 31.69 31.19 -26.22
N ASP B 178 30.72 30.57 -26.88
CA ASP B 178 29.37 31.11 -26.98
C ASP B 178 28.72 31.27 -25.60
N THR B 179 29.02 30.39 -24.65
CA THR B 179 28.41 30.54 -23.31
C THR B 179 28.84 31.81 -22.57
N LEU B 180 29.94 32.45 -22.99
CA LEU B 180 30.48 33.63 -22.30
C LEU B 180 30.12 34.97 -22.93
N LYS B 181 29.79 34.98 -24.22
CA LYS B 181 29.77 36.22 -25.00
C LYS B 181 28.56 37.14 -24.70
N ASN B 182 27.48 36.57 -24.17
CA ASN B 182 26.32 37.37 -23.74
C ASN B 182 26.39 37.72 -22.24
N ASP B 183 26.45 39.01 -21.94
CA ASP B 183 26.66 39.53 -20.57
C ASP B 183 25.35 39.46 -19.78
N ASN B 184 24.23 39.39 -20.49
CA ASN B 184 22.95 39.16 -19.86
C ASN B 184 22.74 37.65 -19.60
N PHE B 185 23.05 37.21 -18.38
CA PHE B 185 22.97 35.80 -17.99
C PHE B 185 21.60 35.13 -18.18
N ASN B 186 20.51 35.82 -17.83
CA ASN B 186 19.17 35.24 -17.95
C ASN B 186 18.78 34.99 -19.39
N GLU B 187 19.19 35.90 -20.27
CA GLU B 187 18.91 35.79 -21.69
C GLU B 187 19.83 34.73 -22.30
N TRP B 188 21.07 34.67 -21.85
CA TRP B 188 21.94 33.63 -22.34
C TRP B 188 21.32 32.29 -22.01
N SER B 189 20.97 32.12 -20.73
CA SER B 189 20.53 30.85 -20.18
C SER B 189 19.26 30.38 -20.78
N LYS B 190 18.35 31.30 -21.09
CA LYS B 190 17.06 30.93 -21.67
C LYS B 190 17.25 30.44 -23.10
N GLY B 191 18.12 31.09 -23.87
CA GLY B 191 18.42 30.66 -25.24
C GLY B 191 19.22 29.37 -25.30
N TYR B 192 20.02 29.11 -24.27
CA TYR B 192 20.82 27.90 -24.16
C TYR B 192 19.96 26.70 -23.83
N CYS B 193 19.08 26.85 -22.83
CA CYS B 193 18.09 25.82 -22.53
C CYS B 193 17.19 25.53 -23.72
N LYS B 194 16.86 26.59 -24.46
CA LYS B 194 15.96 26.48 -25.60
C LYS B 194 16.62 25.65 -26.71
N TYR B 195 17.90 25.89 -26.93
CA TYR B 195 18.64 25.07 -27.89
C TYR B 195 18.49 23.61 -27.51
N TRP B 196 18.84 23.25 -26.29
CA TRP B 196 18.86 21.83 -25.87
C TRP B 196 17.47 21.22 -25.73
N ALA B 197 16.50 22.00 -25.31
CA ALA B 197 15.13 21.49 -25.16
C ALA B 197 14.49 21.23 -26.53
N LYS B 198 14.88 22.01 -27.54
CA LYS B 198 14.40 21.75 -28.89
C LYS B 198 15.02 20.46 -29.40
N LYS B 199 16.31 20.24 -29.13
CA LYS B 199 16.96 18.99 -29.53
C LYS B 199 16.19 17.82 -28.89
N ALA B 200 15.75 18.00 -27.65
CA ALA B 200 15.11 16.94 -26.90
C ALA B 200 13.70 16.68 -27.41
N LYS B 201 12.96 17.74 -27.67
CA LYS B 201 11.59 17.61 -28.15
C LYS B 201 11.55 16.93 -29.53
N ASN B 202 12.56 17.18 -30.35
CA ASN B 202 12.67 16.52 -31.65
C ASN B 202 12.91 15.02 -31.50
N LEU B 203 13.76 14.63 -30.56
CA LEU B 203 14.04 13.21 -30.31
C LEU B 203 12.78 12.51 -29.85
N TYR B 204 11.92 13.22 -29.14
CA TYR B 204 10.66 12.63 -28.72
C TYR B 204 9.81 12.25 -29.93
N TYR B 205 9.62 13.18 -30.86
CA TYR B 205 8.76 12.93 -32.02
C TYR B 205 9.42 11.98 -33.01
N SER B 206 10.73 12.09 -33.18
CA SER B 206 11.46 11.23 -34.10
C SER B 206 11.70 9.80 -33.59
N HIS B 207 11.87 9.63 -32.26
CA HIS B 207 12.44 8.37 -31.69
C HIS B 207 11.83 7.78 -30.38
N ALA B 208 11.00 8.52 -29.66
CA ALA B 208 10.57 8.05 -28.32
C ALA B 208 9.07 7.95 -28.04
N THR B 209 8.23 7.99 -29.07
CA THR B 209 6.78 7.75 -28.90
C THR B 209 6.48 6.27 -28.65
N MET B 210 5.23 5.98 -28.28
CA MET B 210 4.84 4.60 -27.98
C MET B 210 4.76 3.72 -29.24
N SER B 211 4.77 4.34 -30.41
CA SER B 211 4.79 3.61 -31.66
C SER B 211 6.22 3.33 -32.17
N ASN B 212 7.22 3.87 -31.46
CA ASN B 212 8.64 3.70 -31.81
C ASN B 212 9.22 2.41 -31.21
N SER B 213 10.18 1.81 -31.92
CA SER B 213 10.83 0.58 -31.48
C SER B 213 11.78 0.79 -30.31
N TRP B 214 12.19 -0.31 -29.68
CA TRP B 214 13.17 -0.28 -28.59
C TRP B 214 14.55 0.23 -28.99
N ASP B 215 14.98 -0.02 -30.23
CA ASP B 215 16.26 0.52 -30.70
C ASP B 215 16.13 2.03 -30.86
N ASP B 216 14.96 2.49 -31.30
CA ASP B 216 14.65 3.91 -31.34
C ASP B 216 14.68 4.54 -29.92
N TRP B 217 14.22 3.82 -28.91
CA TRP B 217 14.28 4.33 -27.54
C TRP B 217 15.70 4.34 -26.98
N GLU B 218 16.50 3.38 -27.39
CA GLU B 218 17.91 3.31 -27.01
C GLU B 218 18.68 4.50 -27.63
N TYR B 219 18.23 4.94 -28.80
CA TYR B 219 18.80 6.09 -29.46
C TYR B 219 18.39 7.40 -28.75
N ALA B 220 17.12 7.51 -28.38
CA ALA B 220 16.65 8.70 -27.69
C ALA B 220 17.21 8.84 -26.28
N ALA B 221 17.49 7.73 -25.61
CA ALA B 221 17.95 7.78 -24.22
C ALA B 221 19.42 8.15 -24.16
N SER B 222 20.23 7.50 -24.98
CA SER B 222 21.67 7.77 -25.04
C SER B 222 22.01 9.17 -25.58
N HIS B 223 21.29 9.60 -26.60
CA HIS B 223 21.45 10.96 -27.07
C HIS B 223 20.84 11.95 -26.07
N GLY B 224 19.71 11.58 -25.48
CA GLY B 224 19.07 12.37 -24.46
C GLY B 224 19.98 12.61 -23.26
N VAL B 225 20.40 11.53 -22.62
CA VAL B 225 21.31 11.61 -21.47
C VAL B 225 22.69 12.18 -21.89
N GLY B 226 23.11 11.92 -23.11
CA GLY B 226 24.35 12.50 -23.64
C GLY B 226 24.25 14.02 -23.79
N ASN B 227 23.12 14.48 -24.29
CA ASN B 227 22.88 15.91 -24.45
C ASN B 227 22.86 16.64 -23.12
N ALA B 228 22.23 16.04 -22.12
CA ALA B 228 22.18 16.62 -20.79
C ALA B 228 23.58 16.83 -20.23
N GLN B 229 24.43 15.81 -20.34
CA GLN B 229 25.82 15.92 -19.90
C GLN B 229 26.57 17.06 -20.60
N LYS B 230 26.40 17.18 -21.92
CA LYS B 230 27.12 18.23 -22.68
C LYS B 230 26.65 19.64 -22.26
N GLY B 231 25.33 19.80 -22.14
CA GLY B 231 24.71 21.06 -21.75
C GLY B 231 25.09 21.48 -20.35
N VAL B 232 25.18 20.53 -19.43
CA VAL B 232 25.61 20.85 -18.08
C VAL B 232 27.08 21.25 -18.12
N ALA B 233 27.88 20.57 -18.93
CA ALA B 233 29.30 20.88 -19.02
C ALA B 233 29.52 22.35 -19.39
N GLY B 234 28.81 22.80 -20.41
CA GLY B 234 28.90 24.18 -20.86
C GLY B 234 28.29 25.17 -19.88
N TYR B 235 27.25 24.74 -19.16
CA TYR B 235 26.60 25.55 -18.13
C TYR B 235 27.56 25.79 -16.97
N LEU B 236 28.27 24.73 -16.55
CA LEU B 236 29.23 24.84 -15.46
C LEU B 236 30.37 25.77 -15.85
N TYR B 237 30.68 25.83 -17.14
CA TYR B 237 31.77 26.66 -17.62
C TYR B 237 31.36 28.14 -17.56
N ARG B 238 30.16 28.46 -18.05
CA ARG B 238 29.61 29.79 -17.83
C ARG B 238 29.59 30.15 -16.34
N PHE B 239 29.05 29.26 -15.50
CA PHE B 239 28.94 29.50 -14.08
C PHE B 239 30.29 29.78 -13.41
N LEU B 240 31.25 28.89 -13.63
CA LEU B 240 32.57 29.05 -13.05
C LEU B 240 33.26 30.32 -13.57
N ASN B 241 32.92 30.75 -14.79
CA ASN B 241 33.43 32.03 -15.31
C ASN B 241 32.79 33.23 -14.59
N ASP B 242 31.50 33.14 -14.30
CA ASP B 242 30.81 34.21 -13.57
C ASP B 242 31.25 34.41 -12.11
N VAL B 243 31.52 33.33 -11.38
CA VAL B 243 31.87 33.43 -9.97
C VAL B 243 33.36 33.66 -9.75
N SER B 244 34.17 33.43 -10.79
CA SER B 244 35.61 33.65 -10.69
C SER B 244 35.95 35.08 -11.02
N ASN B 245 35.14 35.74 -11.85
CA ASN B 245 35.48 37.07 -12.36
C ASN B 245 35.18 38.23 -11.38
N LYS B 246 35.07 37.87 -10.09
CA LYS B 246 35.17 38.81 -8.97
C LYS B 246 33.98 39.75 -8.90
N ASP B 247 34.18 40.95 -8.31
CA ASP B 247 33.10 41.92 -8.08
C ASP B 247 32.79 42.84 -9.28
N ALA B 248 32.49 42.25 -10.44
CA ALA B 248 32.13 43.02 -11.64
C ALA B 248 30.69 43.55 -11.50
N VAL B 249 30.46 44.78 -11.98
CA VAL B 249 29.15 45.43 -11.86
C VAL B 249 28.04 44.69 -12.61
N ASP B 250 26.85 44.63 -12.03
CA ASP B 250 25.68 44.09 -12.74
C ASP B 250 25.36 45.04 -13.89
N LYS B 251 24.84 44.51 -15.00
CA LYS B 251 24.54 45.35 -16.16
C LYS B 251 23.23 46.13 -15.95
N ASP B 252 22.43 45.73 -14.95
CA ASP B 252 21.26 46.49 -14.54
C ASP B 252 20.34 46.74 -15.72
N TYR B 253 19.99 45.66 -16.40
CA TYR B 253 19.16 45.72 -17.61
C TYR B 253 17.68 45.80 -17.27
N ASP B 254 16.86 46.12 -18.25
CA ASP B 254 15.41 46.27 -18.05
C ASP B 254 14.80 44.96 -17.62
N LEU B 255 14.16 44.94 -16.44
CA LEU B 255 13.54 43.73 -15.89
C LEU B 255 12.21 43.39 -16.56
N ASN B 256 11.97 42.12 -16.88
CA ASN B 256 10.65 41.62 -17.28
C ASN B 256 9.88 41.14 -16.07
N GLU B 257 10.63 40.67 -15.07
CA GLU B 257 10.06 40.02 -13.91
C GLU B 257 10.98 40.13 -12.72
N ILE B 258 10.41 39.96 -11.54
CA ILE B 258 11.19 39.65 -10.34
C ILE B 258 10.70 38.32 -9.73
N VAL B 259 11.59 37.65 -9.02
CA VAL B 259 11.29 36.33 -8.50
C VAL B 259 11.38 36.41 -6.98
N VAL B 260 10.28 36.07 -6.31
CA VAL B 260 10.19 36.14 -4.84
C VAL B 260 10.06 34.76 -4.26
N MET B 261 10.98 34.40 -3.38
CA MET B 261 10.95 33.11 -2.69
C MET B 261 10.73 33.35 -1.21
N ILE B 262 9.67 32.77 -0.67
CA ILE B 262 9.36 32.87 0.73
C ILE B 262 9.29 31.50 1.39
N LYS B 263 9.76 31.39 2.62
CA LYS B 263 9.53 30.22 3.43
C LYS B 263 8.76 30.64 4.67
N THR B 264 7.77 29.82 5.00
CA THR B 264 7.02 29.98 6.24
C THR B 264 7.66 29.09 7.32
N ALA B 265 7.78 29.61 8.54
CA ALA B 265 8.46 28.92 9.65
C ALA B 265 7.73 27.66 10.06
N ASP B 266 8.48 26.73 10.65
CA ASP B 266 7.93 25.46 11.10
C ASP B 266 7.56 25.52 12.59
N VAL B 267 6.52 26.30 12.91
CA VAL B 267 5.99 26.37 14.26
C VAL B 267 4.47 26.43 14.22
N GLN B 268 3.85 26.25 15.38
CA GLN B 268 2.39 26.22 15.43
C GLN B 268 1.86 27.56 14.96
N ASP B 269 0.83 27.51 14.12
CA ASP B 269 0.17 28.70 13.62
C ASP B 269 1.01 29.60 12.71
N ALA B 270 2.15 29.13 12.21
CA ALA B 270 3.00 29.95 11.34
C ALA B 270 2.34 30.28 10.02
N GLY B 271 1.47 29.40 9.55
CA GLY B 271 0.81 29.56 8.27
C GLY B 271 -0.36 30.51 8.34
N THR B 272 -0.79 31.02 7.19
CA THR B 272 -1.89 31.97 7.13
C THR B 272 -2.72 31.78 5.88
N ASP B 273 -4.02 31.97 6.04
CA ASP B 273 -4.94 31.93 4.90
C ASP B 273 -5.23 33.35 4.42
N ASN B 274 -4.63 34.35 5.07
CA ASN B 274 -4.78 35.73 4.68
C ASN B 274 -4.26 35.98 3.28
N TYR B 275 -4.72 37.07 2.65
CA TYR B 275 -4.25 37.47 1.33
C TYR B 275 -2.88 38.15 1.43
N ILE B 276 -1.89 37.61 0.76
CA ILE B 276 -0.56 38.20 0.79
C ILE B 276 -0.23 38.80 -0.57
N TYR B 277 0.33 40.00 -0.54
CA TYR B 277 0.77 40.67 -1.75
C TYR B 277 2.21 41.09 -1.63
N PHE B 278 2.92 41.09 -2.76
CA PHE B 278 4.24 41.69 -2.84
C PHE B 278 4.13 42.98 -3.65
N GLY B 279 4.94 43.97 -3.30
CA GLY B 279 4.94 45.23 -4.02
C GLY B 279 6.28 45.92 -4.17
N ILE B 280 6.35 46.82 -5.15
CA ILE B 280 7.49 47.70 -5.34
C ILE B 280 7.06 49.15 -5.62
N GLU B 281 7.98 50.07 -5.45
CA GLU B 281 7.81 51.45 -5.85
C GLU B 281 9.11 51.90 -6.49
N THR B 282 9.03 52.42 -7.71
CA THR B 282 10.22 53.05 -8.32
C THR B 282 10.47 54.44 -7.74
N LYS B 283 11.63 55.00 -8.06
CA LYS B 283 11.98 56.36 -7.66
C LYS B 283 11.02 57.40 -8.28
N ASP B 284 10.52 57.11 -9.48
CA ASP B 284 9.50 57.93 -10.14
C ASP B 284 8.23 58.08 -9.31
N GLY B 285 7.87 57.06 -8.52
CA GLY B 285 6.65 57.05 -7.74
C GLY B 285 5.63 56.01 -8.18
N VAL B 286 5.96 55.22 -9.20
CA VAL B 286 5.07 54.14 -9.65
C VAL B 286 5.06 52.99 -8.65
N LYS B 287 3.87 52.61 -8.18
CA LYS B 287 3.69 51.44 -7.32
C LYS B 287 3.17 50.28 -8.18
N GLU B 288 3.64 49.07 -7.88
CA GLU B 288 2.99 47.85 -8.39
C GLU B 288 2.90 46.78 -7.31
N GLU B 289 1.72 46.18 -7.17
CA GLU B 289 1.50 45.08 -6.26
C GLU B 289 1.05 43.84 -7.01
N TRP B 290 1.35 42.65 -6.48
CA TRP B 290 0.87 41.39 -7.05
C TRP B 290 0.33 40.48 -5.97
N ALA B 291 -0.73 39.75 -6.27
CA ALA B 291 -1.13 38.62 -5.43
C ALA B 291 -0.10 37.49 -5.52
N LEU B 292 0.35 37.01 -4.36
CA LEU B 292 1.14 35.79 -4.27
C LEU B 292 0.17 34.64 -4.06
N ASP B 293 -0.14 33.93 -5.14
CA ASP B 293 -1.13 32.86 -5.09
C ASP B 293 -0.99 31.85 -6.24
N ASN B 294 -0.38 30.72 -5.96
CA ASN B 294 -0.38 29.62 -6.90
C ASN B 294 -1.55 28.70 -6.57
N PRO B 295 -1.91 27.77 -7.45
CA PRO B 295 -3.00 26.85 -7.13
C PRO B 295 -2.59 25.89 -6.02
N GLY B 296 -3.55 25.49 -5.22
CA GLY B 296 -3.25 24.75 -4.02
C GLY B 296 -2.81 25.72 -2.93
N ASN B 297 -2.22 25.17 -1.90
CA ASN B 297 -2.03 25.91 -0.66
C ASN B 297 -0.78 26.78 -0.71
N ASP B 298 -0.88 27.92 -0.05
CA ASP B 298 0.22 28.85 0.06
C ASP B 298 0.38 29.23 1.53
N PHE B 299 1.63 29.40 1.94
CA PHE B 299 1.96 29.92 3.25
C PHE B 299 1.38 29.05 4.31
N THR B 300 1.56 27.74 4.14
CA THR B 300 1.29 26.79 5.19
C THR B 300 2.56 26.56 5.96
N ARG B 301 2.43 25.91 7.11
CA ARG B 301 3.55 25.66 8.02
C ARG B 301 4.71 24.97 7.27
N ASN B 302 5.92 25.53 7.38
CA ASN B 302 7.14 24.97 6.76
C ASN B 302 7.23 25.02 5.22
N GLN B 303 6.26 25.66 4.56
CA GLN B 303 6.19 25.68 3.10
C GLN B 303 7.19 26.65 2.50
N GLU B 304 7.86 26.24 1.42
CA GLU B 304 8.62 27.15 0.58
C GLU B 304 7.83 27.37 -0.70
N GLY B 305 7.72 28.62 -1.13
CA GLY B 305 7.07 28.96 -2.37
C GLY B 305 7.87 29.98 -3.17
N THR B 306 7.86 29.81 -4.48
CA THR B 306 8.45 30.75 -5.42
C THR B 306 7.35 31.41 -6.21
N TYR B 307 7.45 32.72 -6.39
CA TYR B 307 6.41 33.50 -7.07
C TYR B 307 7.05 34.37 -8.13
N THR B 308 6.64 34.16 -9.38
CA THR B 308 7.24 34.87 -10.51
C THR B 308 6.27 35.96 -10.92
N LEU B 309 6.76 37.19 -10.88
CA LEU B 309 5.92 38.38 -11.01
C LEU B 309 6.40 39.18 -12.21
N LYS B 310 5.55 39.31 -13.24
CA LYS B 310 5.89 40.04 -14.46
C LYS B 310 5.59 41.50 -14.27
N LEU B 311 6.54 42.37 -14.60
CA LEU B 311 6.34 43.81 -14.55
C LEU B 311 5.42 44.31 -15.68
N LYS B 312 4.52 45.26 -15.31
CA LYS B 312 3.67 45.97 -16.26
C LYS B 312 4.52 46.96 -17.06
N ASN B 313 5.28 47.79 -16.36
CA ASN B 313 6.23 48.72 -16.96
C ASN B 313 7.34 47.99 -17.72
N LYS B 314 7.71 48.53 -18.88
CA LYS B 314 8.71 47.91 -19.75
C LYS B 314 10.05 48.67 -19.79
N ASN B 315 10.43 49.29 -18.68
CA ASN B 315 11.67 50.07 -18.60
C ASN B 315 12.26 50.15 -17.20
N THR B 316 11.77 49.30 -16.29
CA THR B 316 12.17 49.36 -14.91
C THR B 316 13.44 48.56 -14.73
N LYS B 317 14.47 49.18 -14.17
CA LYS B 317 15.65 48.46 -13.75
C LYS B 317 15.54 48.22 -12.26
N TYR B 318 16.47 47.46 -11.70
CA TYR B 318 16.51 47.27 -10.27
C TYR B 318 16.94 48.56 -9.60
N SER B 319 17.85 49.27 -10.24
CA SER B 319 18.32 50.54 -9.69
C SER B 319 17.17 51.55 -9.56
N ASP B 320 16.10 51.38 -10.34
CA ASP B 320 14.92 52.24 -10.21
C ASP B 320 14.05 51.95 -8.97
N ILE B 321 14.23 50.80 -8.33
CA ILE B 321 13.35 50.40 -7.22
C ILE B 321 13.77 51.04 -5.91
N LYS B 322 12.83 51.79 -5.33
CA LYS B 322 13.00 52.52 -4.07
C LYS B 322 12.43 51.73 -2.87
N ASN B 323 11.25 51.15 -3.02
CA ASN B 323 10.60 50.41 -1.94
C ASN B 323 10.11 49.02 -2.36
N MET B 324 10.26 48.04 -1.47
CA MET B 324 9.56 46.77 -1.58
C MET B 324 8.90 46.42 -0.26
N TRP B 325 7.79 45.71 -0.34
CA TRP B 325 7.01 45.36 0.85
C TRP B 325 6.19 44.11 0.65
N ILE B 326 5.56 43.66 1.72
CA ILE B 326 4.61 42.59 1.69
C ILE B 326 3.38 43.06 2.43
N ARG B 327 2.26 43.16 1.73
CA ARG B 327 0.99 43.51 2.36
C ARG B 327 0.27 42.22 2.77
N ASP B 328 -0.22 42.21 4.00
CA ASP B 328 -0.94 41.08 4.56
C ASP B 328 -2.31 41.62 4.93
N GLU B 329 -3.36 41.03 4.36
CA GLU B 329 -4.73 41.52 4.54
C GLU B 329 -5.60 40.42 5.16
N LYS B 330 -6.34 40.77 6.20
CA LYS B 330 -7.17 39.80 6.93
C LYS B 330 -8.31 39.24 6.10
N LEU B 331 -8.41 37.91 6.08
CA LEU B 331 -9.51 37.16 5.43
C LEU B 331 -10.72 37.04 6.37
N THR B 332 -10.48 36.67 7.62
CA THR B 332 -11.51 36.62 8.67
C THR B 332 -11.33 37.86 9.55
N VAL B 333 -12.08 37.92 10.66
CA VAL B 333 -11.77 38.88 11.73
C VAL B 333 -10.56 38.41 12.54
N ALA B 334 -10.30 37.10 12.53
CA ALA B 334 -9.10 36.54 13.14
C ALA B 334 -7.82 37.09 12.49
N THR B 335 -6.89 37.55 13.34
CA THR B 335 -5.60 38.10 12.90
C THR B 335 -4.83 37.15 11.96
N ASP B 336 -4.91 35.84 12.24
CA ASP B 336 -4.14 34.82 11.53
C ASP B 336 -2.70 35.28 11.23
N GLY B 337 -1.96 35.51 12.32
CA GLY B 337 -0.57 35.89 12.25
C GLY B 337 0.22 34.91 11.42
N TRP B 338 1.19 35.45 10.69
CA TRP B 338 1.96 34.68 9.74
C TRP B 338 3.43 34.81 10.14
N LYS B 339 4.15 33.70 10.26
CA LYS B 339 5.59 33.77 10.61
C LYS B 339 6.51 33.27 9.51
N PRO B 340 6.93 34.14 8.58
CA PRO B 340 7.92 33.74 7.56
C PRO B 340 9.30 33.51 8.14
N SER B 341 10.02 32.49 7.68
CA SER B 341 11.44 32.30 7.96
C SER B 341 12.30 33.26 7.15
N TYR B 342 12.10 33.27 5.84
CA TYR B 342 12.88 34.16 5.00
C TYR B 342 12.12 34.68 3.79
N VAL B 343 12.73 35.66 3.13
CA VAL B 343 12.25 36.23 1.91
C VAL B 343 13.48 36.50 1.07
N LYS B 344 13.53 35.95 -0.13
CA LYS B 344 14.63 36.22 -1.06
C LYS B 344 14.00 36.82 -2.31
N VAL B 345 14.68 37.79 -2.92
CA VAL B 345 14.24 38.37 -4.18
C VAL B 345 15.37 38.33 -5.20
N ILE B 346 15.08 37.75 -6.36
CA ILE B 346 15.96 37.78 -7.53
C ILE B 346 15.36 38.76 -8.55
N ALA B 347 16.18 39.69 -9.02
CA ALA B 347 15.82 40.54 -10.15
C ALA B 347 17.00 40.56 -11.07
N GLY B 348 16.76 40.18 -12.32
CA GLY B 348 17.85 40.03 -13.25
C GLY B 348 18.69 38.83 -12.86
N ASP B 349 20.00 39.01 -12.93
CA ASP B 349 20.98 37.93 -12.73
C ASP B 349 21.37 37.72 -11.27
N LYS B 350 20.82 38.50 -10.34
CA LYS B 350 21.37 38.56 -8.99
C LYS B 350 20.29 38.45 -7.93
N VAL B 351 20.70 37.91 -6.77
CA VAL B 351 19.90 37.93 -5.57
C VAL B 351 20.12 39.30 -4.96
N ARG B 352 19.09 40.14 -4.96
CA ARG B 352 19.16 41.50 -4.42
C ARG B 352 18.83 41.55 -2.94
N LEU B 353 18.00 40.63 -2.51
CA LEU B 353 17.47 40.63 -1.16
C LEU B 353 17.42 39.21 -0.62
N GLU B 354 17.86 39.07 0.63
CA GLU B 354 17.90 37.78 1.29
C GLU B 354 17.87 38.06 2.77
N LYS B 355 16.70 37.98 3.37
CA LYS B 355 16.49 38.42 4.74
C LYS B 355 15.81 37.34 5.55
N ASN B 356 16.49 36.86 6.60
CA ASN B 356 15.89 35.91 7.54
C ASN B 356 15.00 36.67 8.49
N ILE B 357 13.70 36.57 8.31
CA ILE B 357 12.72 37.37 9.07
C ILE B 357 12.41 36.84 10.49
N ASN B 358 11.80 35.67 10.57
CA ASN B 358 11.46 35.00 11.85
C ASN B 358 10.76 35.87 12.89
N GLU B 359 9.72 36.54 12.44
CA GLU B 359 8.86 37.32 13.33
C GLU B 359 7.43 37.23 12.81
N TRP B 360 6.46 37.52 13.67
CA TRP B 360 5.06 37.45 13.33
C TRP B 360 4.58 38.72 12.62
N ILE B 361 3.95 38.53 11.47
CA ILE B 361 3.30 39.60 10.73
C ILE B 361 1.78 39.49 10.92
N SER B 362 1.21 40.48 11.58
CA SER B 362 -0.21 40.48 11.89
C SER B 362 -1.03 40.70 10.63
N GLY B 363 -2.25 40.20 10.64
CA GLY B 363 -3.18 40.49 9.57
C GLY B 363 -3.50 41.98 9.54
N GLY B 364 -3.65 42.52 8.32
CA GLY B 364 -3.93 43.91 8.09
C GLY B 364 -2.76 44.88 8.23
N THR B 365 -1.57 44.46 7.80
CA THR B 365 -0.39 45.33 7.90
C THR B 365 0.49 45.25 6.65
N THR B 366 1.42 46.19 6.53
CA THR B 366 2.39 46.22 5.45
C THR B 366 3.76 46.04 6.08
N TYR B 367 4.57 45.16 5.52
CA TYR B 367 5.86 44.84 6.08
C TYR B 367 6.94 45.29 5.13
N THR B 368 7.74 46.26 5.56
CA THR B 368 8.74 46.86 4.69
C THR B 368 9.94 45.94 4.53
N LEU B 369 10.34 45.70 3.28
CA LEU B 369 11.53 44.88 2.94
C LEU B 369 12.74 45.69 2.47
N LYS B 370 12.49 46.82 1.80
CA LYS B 370 13.53 47.76 1.39
C LYS B 370 13.08 49.21 1.70
N TRP C 1 9.94 -12.22 -13.62
CA TRP C 1 11.10 -12.16 -12.68
C TRP C 1 12.29 -11.50 -13.34
N ASP C 2 13.30 -11.15 -12.54
CA ASP C 2 14.58 -10.65 -13.09
C ASP C 2 15.33 -11.75 -13.89
N GLY C 3 16.02 -11.30 -14.93
CA GLY C 3 16.99 -12.12 -15.66
C GLY C 3 18.02 -11.22 -16.32
N LYS C 4 19.22 -11.74 -16.59
CA LYS C 4 20.27 -10.98 -17.27
C LYS C 4 20.46 -11.56 -18.68
N GLU C 5 20.95 -10.75 -19.61
CA GLU C 5 21.06 -11.20 -20.99
C GLU C 5 22.05 -12.35 -21.21
N ASP C 6 23.07 -12.43 -20.35
CA ASP C 6 24.00 -13.56 -20.36
C ASP C 6 23.38 -14.89 -19.88
N GLY C 7 22.09 -14.87 -19.52
CA GLY C 7 21.40 -16.09 -19.12
C GLY C 7 21.61 -16.47 -17.67
N THR C 8 21.67 -15.47 -16.79
CA THR C 8 21.72 -15.71 -15.35
C THR C 8 20.57 -14.97 -14.67
N GLY C 9 20.41 -15.18 -13.36
CA GLY C 9 19.32 -14.55 -12.62
C GLY C 9 18.11 -15.46 -12.39
N THR C 10 17.01 -14.87 -11.92
CA THR C 10 15.87 -15.63 -11.41
C THR C 10 15.34 -16.58 -12.47
N HIS C 11 15.09 -16.09 -13.68
CA HIS C 11 14.55 -16.93 -14.76
C HIS C 11 15.43 -18.13 -15.07
N SER C 12 16.76 -17.93 -15.03
CA SER C 12 17.71 -19.00 -15.31
C SER C 12 17.79 -20.01 -14.18
N VAL C 13 17.79 -19.54 -12.94
CA VAL C 13 17.77 -20.41 -11.79
C VAL C 13 16.52 -21.31 -11.86
N ILE C 14 15.39 -20.71 -12.20
CA ILE C 14 14.13 -21.44 -12.30
C ILE C 14 14.25 -22.65 -13.24
N VAL C 15 14.62 -22.41 -14.50
CA VAL C 15 14.64 -23.48 -15.52
C VAL C 15 15.79 -24.48 -15.30
N THR C 16 16.87 -24.04 -14.67
CA THR C 16 18.03 -24.89 -14.38
C THR C 16 17.72 -25.84 -13.25
N GLN C 17 17.08 -25.34 -12.19
CA GLN C 17 16.60 -26.20 -11.09
C GLN C 17 15.52 -27.19 -11.54
N ALA C 18 14.67 -26.78 -12.47
CA ALA C 18 13.58 -27.63 -12.92
C ALA C 18 14.14 -28.87 -13.59
N ILE C 19 15.17 -28.71 -14.40
CA ILE C 19 15.87 -29.86 -14.97
C ILE C 19 16.41 -30.79 -13.85
N GLU C 20 17.05 -30.21 -12.84
CA GLU C 20 17.59 -30.98 -11.71
C GLU C 20 16.48 -31.68 -10.91
N MET C 21 15.30 -31.08 -10.89
CA MET C 21 14.17 -31.67 -10.18
C MET C 21 13.61 -32.86 -10.96
N LEU C 22 13.43 -32.69 -12.27
CA LEU C 22 12.87 -33.74 -13.11
C LEU C 22 13.76 -34.97 -13.08
N LYS C 23 15.07 -34.74 -13.20
CA LYS C 23 16.08 -35.78 -13.15
C LYS C 23 15.94 -36.64 -11.90
N HIS C 24 15.88 -35.99 -10.75
CA HIS C 24 15.74 -36.68 -9.46
C HIS C 24 14.38 -37.34 -9.31
N ASP C 25 13.34 -36.79 -9.95
CA ASP C 25 11.96 -37.26 -9.82
C ASP C 25 11.59 -38.37 -10.80
N LEU C 26 12.47 -38.65 -11.77
CA LEU C 26 12.17 -39.63 -12.81
C LEU C 26 12.15 -41.02 -12.21
N SER C 27 11.02 -41.70 -12.36
CA SER C 27 10.85 -43.06 -11.85
C SER C 27 11.70 -44.05 -12.67
N LYS C 28 12.08 -45.16 -12.06
CA LYS C 28 12.89 -46.19 -12.74
C LYS C 28 12.13 -46.77 -13.93
N ASP C 29 10.81 -46.82 -13.77
CA ASP C 29 9.84 -47.22 -14.78
C ASP C 29 9.96 -46.58 -16.20
N GLU C 30 10.44 -45.34 -16.27
CA GLU C 30 10.30 -44.53 -17.48
C GLU C 30 11.11 -45.02 -18.69
N PRO C 31 10.50 -44.94 -19.88
CA PRO C 31 11.20 -45.24 -21.14
C PRO C 31 12.58 -44.58 -21.22
N GLU C 32 13.54 -45.26 -21.86
CA GLU C 32 14.87 -44.69 -22.06
C GLU C 32 14.81 -43.38 -22.88
N ALA C 33 13.82 -43.27 -23.76
CA ALA C 33 13.65 -42.09 -24.61
C ALA C 33 13.61 -40.77 -23.80
N ILE C 34 12.82 -40.72 -22.73
CA ILE C 34 12.68 -39.51 -21.92
C ILE C 34 13.98 -39.11 -21.21
N ARG C 35 14.62 -40.06 -20.54
CA ARG C 35 15.88 -39.77 -19.86
C ARG C 35 16.96 -39.30 -20.85
N ASN C 36 16.90 -39.79 -22.09
CA ASN C 36 17.90 -39.45 -23.10
C ASN C 36 17.58 -38.12 -23.78
N ASP C 37 16.30 -37.82 -23.93
CA ASP C 37 15.84 -36.52 -24.43
C ASP C 37 16.08 -35.42 -23.38
N LEU C 38 15.84 -35.73 -22.11
CA LEU C 38 16.21 -34.83 -21.03
C LEU C 38 17.73 -34.59 -21.03
N SER C 39 18.49 -35.62 -21.39
CA SER C 39 19.94 -35.50 -21.51
C SER C 39 20.34 -34.52 -22.63
N ILE C 40 19.61 -34.53 -23.74
CA ILE C 40 19.91 -33.65 -24.87
C ILE C 40 19.62 -32.17 -24.54
N LEU C 41 18.57 -31.91 -23.79
CA LEU C 41 18.34 -30.58 -23.22
C LEU C 41 19.52 -30.13 -22.35
N GLU C 42 20.04 -31.03 -21.52
CA GLU C 42 21.19 -30.72 -20.65
C GLU C 42 22.49 -30.39 -21.39
N LYS C 43 22.69 -30.97 -22.57
CA LYS C 43 23.85 -30.60 -23.41
C LYS C 43 23.69 -29.16 -23.91
N ASN C 44 22.44 -28.72 -24.11
CA ASN C 44 22.14 -27.38 -24.59
C ASN C 44 21.63 -26.45 -23.49
N LEU C 45 22.14 -26.64 -22.27
CA LEU C 45 21.70 -25.90 -21.10
C LEU C 45 21.94 -24.38 -21.21
N HIS C 46 23.13 -23.99 -21.67
CA HIS C 46 23.46 -22.58 -21.80
C HIS C 46 22.47 -21.87 -22.73
N LYS C 47 22.08 -22.53 -23.80
CA LYS C 47 21.08 -21.99 -24.72
C LYS C 47 19.68 -21.93 -24.09
N PHE C 48 19.35 -22.93 -23.30
CA PHE C 48 18.07 -23.02 -22.61
C PHE C 48 17.96 -21.88 -21.58
N GLN C 49 19.03 -21.71 -20.80
CA GLN C 49 19.16 -20.60 -19.86
C GLN C 49 19.12 -19.25 -20.57
N LEU C 50 19.77 -19.16 -21.72
CA LEU C 50 19.82 -17.93 -22.48
C LEU C 50 18.41 -17.51 -22.92
N GLY C 51 17.66 -18.45 -23.47
CA GLY C 51 16.29 -18.21 -23.86
C GLY C 51 15.41 -17.86 -22.68
N SER C 52 15.70 -18.46 -21.53
CA SER C 52 14.96 -18.19 -20.30
C SER C 52 15.03 -16.71 -19.89
N THR C 53 16.05 -15.99 -20.35
CA THR C 53 16.16 -14.56 -20.04
C THR C 53 15.90 -13.61 -21.21
N PHE C 54 16.04 -14.11 -22.44
CA PHE C 54 16.04 -13.25 -23.63
C PHE C 54 14.82 -12.33 -23.83
N PRO C 55 13.59 -12.78 -23.60
CA PRO C 55 12.40 -11.93 -23.85
C PRO C 55 12.41 -10.53 -23.19
N ASP C 56 13.04 -10.40 -22.03
CA ASP C 56 13.19 -9.12 -21.36
C ASP C 56 14.17 -8.19 -22.10
N TYR C 57 15.01 -8.77 -22.96
CA TYR C 57 15.99 -8.00 -23.75
C TYR C 57 15.78 -8.06 -25.26
N ASP C 58 14.72 -8.72 -25.70
CA ASP C 58 14.46 -8.94 -27.12
C ASP C 58 14.27 -7.58 -27.82
N PRO C 59 15.11 -7.27 -28.81
CA PRO C 59 14.94 -6.04 -29.60
C PRO C 59 13.51 -5.79 -30.11
N ASN C 60 12.73 -6.85 -30.33
CA ASN C 60 11.37 -6.77 -30.89
C ASN C 60 10.24 -6.73 -29.85
N ALA C 61 10.60 -6.62 -28.57
CA ALA C 61 9.66 -6.47 -27.46
C ALA C 61 8.71 -5.28 -27.65
N TYR C 62 7.51 -5.39 -27.08
CA TYR C 62 6.60 -4.26 -26.97
C TYR C 62 7.17 -3.33 -25.90
N SER C 63 6.90 -2.03 -26.03
CA SER C 63 7.44 -1.02 -25.13
C SER C 63 7.05 -1.24 -23.66
N LEU C 64 5.90 -1.87 -23.42
CA LEU C 64 5.46 -2.14 -22.06
C LEU C 64 5.53 -3.61 -21.69
N TYR C 65 6.15 -4.43 -22.53
CA TYR C 65 6.29 -5.86 -22.25
C TYR C 65 4.96 -6.48 -21.84
N GLN C 66 3.88 -6.03 -22.45
CA GLN C 66 2.54 -6.35 -21.98
C GLN C 66 2.23 -7.83 -22.21
N ASP C 67 2.88 -8.45 -23.18
CA ASP C 67 2.79 -9.91 -23.35
C ASP C 67 3.50 -10.75 -22.27
N HIS C 68 4.24 -10.14 -21.35
CA HIS C 68 4.79 -10.89 -20.20
C HIS C 68 3.78 -10.97 -19.02
N PHE C 69 2.54 -10.57 -19.27
CA PHE C 69 1.51 -10.46 -18.22
C PHE C 69 0.27 -11.28 -18.59
N TRP C 70 -0.40 -11.84 -17.58
CA TRP C 70 -1.62 -12.60 -17.81
C TRP C 70 -2.41 -12.78 -16.52
N ASP C 71 -3.58 -12.15 -16.46
CA ASP C 71 -4.56 -12.38 -15.40
C ASP C 71 -5.40 -13.61 -15.78
N PRO C 72 -5.24 -14.72 -15.07
CA PRO C 72 -5.91 -15.99 -15.46
C PRO C 72 -7.44 -15.96 -15.39
N ASP C 73 -8.00 -15.13 -14.50
CA ASP C 73 -9.46 -14.97 -14.35
C ASP C 73 -10.13 -14.21 -15.51
N THR C 74 -9.41 -13.26 -16.13
CA THR C 74 -9.91 -12.51 -17.29
C THR C 74 -9.36 -12.99 -18.63
N ASP C 75 -8.37 -13.89 -18.59
CA ASP C 75 -7.63 -14.37 -19.78
C ASP C 75 -6.83 -13.29 -20.57
N HIS C 76 -6.55 -12.15 -19.95
CA HIS C 76 -6.04 -10.96 -20.65
C HIS C 76 -4.76 -10.43 -19.98
N ASN C 77 -3.95 -9.72 -20.75
CA ASN C 77 -2.87 -8.90 -20.17
C ASN C 77 -3.44 -7.53 -19.77
N PHE C 78 -2.61 -6.70 -19.17
CA PHE C 78 -3.10 -5.43 -18.61
C PHE C 78 -3.59 -4.38 -19.61
N THR C 79 -3.14 -4.45 -20.86
CA THR C 79 -3.64 -3.52 -21.90
C THR C 79 -5.09 -3.78 -22.27
N GLN C 80 -5.58 -5.00 -22.05
CA GLN C 80 -6.96 -5.36 -22.40
C GLN C 80 -7.96 -5.14 -21.26
N ASP C 81 -7.46 -5.08 -20.02
CA ASP C 81 -8.28 -4.97 -18.79
C ASP C 81 -8.30 -3.57 -18.12
N ASN C 82 -7.15 -2.92 -18.05
CA ASN C 82 -7.01 -1.55 -17.55
C ASN C 82 -7.23 -0.53 -18.68
N LYS C 83 -8.22 0.35 -18.54
CA LYS C 83 -8.59 1.32 -19.58
C LYS C 83 -7.51 2.37 -19.92
N TRP C 84 -6.66 2.72 -18.97
CA TRP C 84 -5.52 3.63 -19.22
C TRP C 84 -4.54 3.11 -20.29
N TYR C 85 -4.41 1.79 -20.42
CA TYR C 85 -3.50 1.17 -21.41
C TYR C 85 -4.23 0.62 -22.63
N LEU C 86 -5.47 1.04 -22.86
CA LEU C 86 -6.30 0.44 -23.93
C LEU C 86 -5.76 0.67 -25.33
N SER C 87 -5.09 1.80 -25.53
CA SER C 87 -4.49 2.13 -26.82
C SER C 87 -3.31 1.23 -27.21
N TYR C 88 -2.80 0.45 -26.26
CA TYR C 88 -1.72 -0.48 -26.53
C TYR C 88 -2.22 -1.94 -26.49
N ALA C 89 -3.49 -2.12 -26.77
CA ALA C 89 -4.11 -3.43 -26.77
C ALA C 89 -3.39 -4.39 -27.72
N VAL C 90 -3.12 -5.58 -27.21
CA VAL C 90 -2.60 -6.68 -28.02
C VAL C 90 -3.01 -8.01 -27.36
N PRO C 91 -3.47 -8.98 -28.15
CA PRO C 91 -3.96 -10.25 -27.59
C PRO C 91 -2.89 -11.15 -26.92
N ASP C 92 -1.65 -11.06 -27.34
CA ASP C 92 -0.62 -12.00 -26.88
C ASP C 92 -0.30 -11.79 -25.41
N ASN C 93 -0.29 -12.88 -24.65
CA ASN C 93 -0.02 -12.81 -23.20
C ASN C 93 0.95 -13.90 -22.75
N ALA C 94 1.32 -13.90 -21.47
CA ALA C 94 2.32 -14.86 -20.97
C ALA C 94 1.90 -16.30 -21.20
N GLU C 95 0.60 -16.55 -21.19
CA GLU C 95 0.05 -17.88 -21.42
C GLU C 95 0.16 -18.34 -22.88
N SER C 96 -0.24 -17.46 -23.80
CA SER C 96 -0.24 -17.75 -25.23
C SER C 96 1.19 -17.79 -25.77
N GLN C 97 2.09 -17.06 -25.11
CA GLN C 97 3.48 -17.01 -25.54
C GLN C 97 4.26 -18.25 -25.06
N THR C 98 3.89 -18.79 -23.91
CA THR C 98 4.44 -20.05 -23.43
C THR C 98 4.22 -21.20 -24.42
N ARG C 99 3.00 -21.34 -24.89
CA ARG C 99 2.63 -22.41 -25.84
C ARG C 99 3.16 -22.15 -27.25
N LYS C 100 3.24 -20.89 -27.65
CA LYS C 100 3.82 -20.56 -28.96
C LYS C 100 5.27 -21.07 -29.02
N PHE C 101 6.03 -20.80 -27.96
CA PHE C 101 7.45 -21.14 -27.95
C PHE C 101 7.67 -22.62 -27.73
N ALA C 102 6.80 -23.27 -26.96
CA ALA C 102 6.93 -24.71 -26.75
C ALA C 102 6.69 -25.44 -28.06
N THR C 103 5.67 -25.02 -28.79
CA THR C 103 5.35 -25.57 -30.11
C THR C 103 6.49 -25.32 -31.10
N LEU C 104 7.01 -24.10 -31.13
CA LEU C 104 8.19 -23.80 -31.94
C LEU C 104 9.40 -24.65 -31.58
N ALA C 105 9.53 -24.99 -30.30
CA ALA C 105 10.67 -25.76 -29.81
C ALA C 105 10.54 -27.23 -30.19
N LYS C 106 9.31 -27.73 -30.18
CA LYS C 106 9.02 -29.10 -30.60
C LYS C 106 9.43 -29.23 -32.05
N ASN C 107 8.85 -28.40 -32.91
CA ASN C 107 9.15 -28.36 -34.34
C ASN C 107 10.64 -28.37 -34.65
N GLU C 108 11.44 -27.69 -33.83
CA GLU C 108 12.90 -27.72 -34.00
C GLU C 108 13.46 -29.07 -33.59
N TRP C 109 12.92 -29.62 -32.50
CA TRP C 109 13.28 -30.95 -32.07
C TRP C 109 12.99 -31.99 -33.16
N ASP C 110 11.86 -31.84 -33.86
CA ASP C 110 11.43 -32.80 -34.88
C ASP C 110 12.46 -32.92 -35.98
N LYS C 111 13.09 -31.80 -36.34
CA LYS C 111 14.10 -31.80 -37.40
C LYS C 111 15.57 -31.79 -36.91
N GLY C 112 15.80 -32.00 -35.63
CA GLY C 112 17.14 -32.22 -35.11
C GLY C 112 17.98 -31.00 -34.80
N ASN C 113 17.39 -29.79 -34.86
CA ASN C 113 18.07 -28.59 -34.33
C ASN C 113 17.78 -28.47 -32.83
N TYR C 114 18.58 -29.17 -32.02
CA TYR C 114 18.35 -29.27 -30.59
C TYR C 114 18.75 -28.00 -29.91
N GLU C 115 19.69 -27.28 -30.53
CA GLU C 115 20.18 -26.04 -29.96
C GLU C 115 19.08 -24.96 -30.05
N LYS C 116 18.52 -24.76 -31.23
CA LYS C 116 17.40 -23.82 -31.39
C LYS C 116 16.16 -24.27 -30.59
N ALA C 117 15.93 -25.58 -30.46
CA ALA C 117 14.80 -26.13 -29.71
C ALA C 117 14.89 -25.74 -28.26
N ALA C 118 16.10 -25.83 -27.73
CA ALA C 118 16.38 -25.42 -26.35
C ALA C 118 16.20 -23.93 -26.17
N TRP C 119 16.57 -23.14 -27.18
CA TRP C 119 16.50 -21.68 -27.07
C TRP C 119 15.05 -21.20 -27.06
N TYR C 120 14.27 -21.74 -28.00
CA TYR C 120 12.85 -21.49 -28.06
C TYR C 120 12.13 -21.95 -26.76
N LEU C 121 12.44 -23.16 -26.29
CA LEU C 121 11.78 -23.71 -25.09
C LEU C 121 12.07 -22.85 -23.88
N GLY C 122 13.29 -22.36 -23.79
CA GLY C 122 13.67 -21.51 -22.69
C GLY C 122 12.86 -20.24 -22.72
N GLN C 123 12.58 -19.75 -23.93
CA GLN C 123 11.80 -18.54 -24.10
C GLN C 123 10.36 -18.76 -23.62
N GLY C 124 9.77 -19.90 -23.94
CA GLY C 124 8.47 -20.27 -23.41
C GLY C 124 8.45 -20.41 -21.89
N MET C 125 9.54 -20.90 -21.32
CA MET C 125 9.66 -21.07 -19.88
C MET C 125 9.95 -19.75 -19.19
N HIS C 126 10.37 -18.75 -19.96
CA HIS C 126 10.40 -17.39 -19.46
C HIS C 126 8.96 -16.90 -19.17
N TYR C 127 8.14 -16.92 -20.21
CA TYR C 127 6.74 -16.52 -20.07
C TYR C 127 5.99 -17.36 -19.02
N PHE C 128 6.35 -18.63 -18.88
CA PHE C 128 5.76 -19.46 -17.83
C PHE C 128 6.19 -18.99 -16.45
N GLY C 129 7.43 -18.52 -16.34
CA GLY C 129 7.93 -17.96 -15.10
C GLY C 129 7.23 -16.67 -14.71
N ASP C 130 6.94 -15.85 -15.71
CA ASP C 130 6.32 -14.55 -15.48
C ASP C 130 4.86 -14.67 -15.03
N LEU C 131 4.13 -15.67 -15.53
CA LEU C 131 2.77 -15.91 -15.04
C LEU C 131 2.78 -16.52 -13.62
N ASN C 132 3.94 -16.98 -13.15
CA ASN C 132 4.13 -17.36 -11.73
C ASN C 132 4.66 -16.24 -10.81
N THR C 133 4.98 -15.10 -11.41
CA THR C 133 5.37 -13.86 -10.70
C THR C 133 4.10 -13.08 -10.27
N PRO C 134 3.85 -12.99 -8.96
CA PRO C 134 2.61 -12.39 -8.44
C PRO C 134 2.11 -11.13 -9.15
N TYR C 135 2.98 -10.15 -9.36
CA TYR C 135 2.56 -8.88 -9.96
C TYR C 135 2.14 -9.06 -11.41
N HIS C 136 2.78 -10.00 -12.12
CA HIS C 136 2.42 -10.25 -13.52
C HIS C 136 1.10 -10.97 -13.67
N ALA C 137 0.77 -11.83 -12.72
CA ALA C 137 -0.48 -12.60 -12.81
C ALA C 137 -1.67 -11.79 -12.31
N ALA C 138 -1.39 -10.61 -11.76
CA ALA C 138 -2.43 -9.67 -11.33
C ALA C 138 -2.53 -8.43 -12.24
N ASN C 139 -1.73 -8.38 -13.31
CA ASN C 139 -1.74 -7.26 -14.26
C ASN C 139 -1.39 -5.90 -13.62
N VAL C 140 -0.54 -5.92 -12.60
CA VAL C 140 -0.01 -4.71 -12.00
C VAL C 140 1.43 -4.48 -12.50
N THR C 141 1.60 -3.41 -13.26
CA THR C 141 2.87 -3.11 -13.93
C THR C 141 3.79 -2.27 -13.05
N ALA C 142 5.07 -2.16 -13.48
CA ALA C 142 6.04 -1.29 -12.80
C ALA C 142 5.64 0.19 -12.84
N VAL C 143 4.97 0.59 -13.92
CA VAL C 143 4.38 1.92 -14.04
C VAL C 143 3.32 2.18 -12.94
N ASP C 144 2.45 1.20 -12.67
CA ASP C 144 1.41 1.32 -11.64
C ASP C 144 1.92 1.27 -10.20
N SER C 145 3.15 0.81 -9.99
CA SER C 145 3.56 0.45 -8.64
C SER C 145 5.08 0.28 -8.52
N PRO C 146 5.70 0.98 -7.56
CA PRO C 146 7.14 0.81 -7.30
C PRO C 146 7.48 -0.51 -6.62
N GLY C 147 6.45 -1.18 -6.08
CA GLY C 147 6.60 -2.50 -5.50
C GLY C 147 6.91 -3.59 -6.51
N HIS C 148 6.56 -3.39 -7.77
CA HIS C 148 6.79 -4.40 -8.80
C HIS C 148 8.31 -4.63 -8.92
N VAL C 149 9.08 -3.58 -9.23
CA VAL C 149 10.55 -3.75 -9.36
C VAL C 149 11.23 -4.08 -8.03
N LYS C 150 10.77 -3.48 -6.94
CA LYS C 150 11.29 -3.82 -5.62
C LYS C 150 11.11 -5.31 -5.29
N PHE C 151 9.96 -5.87 -5.61
CA PHE C 151 9.65 -7.27 -5.28
C PHE C 151 10.51 -8.21 -6.09
N GLU C 152 10.52 -8.04 -7.41
CA GLU C 152 11.36 -8.87 -8.26
C GLU C 152 12.85 -8.76 -7.90
N THR C 153 13.28 -7.57 -7.48
CA THR C 153 14.66 -7.32 -7.05
C THR C 153 14.99 -8.08 -5.76
N TYR C 154 14.03 -8.08 -4.85
CA TYR C 154 14.14 -8.79 -3.59
C TYR C 154 14.28 -10.29 -3.87
N ALA C 155 13.40 -10.81 -4.74
CA ALA C 155 13.42 -12.23 -5.13
C ALA C 155 14.72 -12.62 -5.84
N GLU C 156 15.19 -11.73 -6.72
CA GLU C 156 16.49 -11.85 -7.37
C GLU C 156 17.68 -12.04 -6.38
N GLU C 157 17.71 -11.27 -5.30
CA GLU C 157 18.81 -11.37 -4.33
C GLU C 157 18.74 -12.64 -3.47
N ARG C 158 17.55 -13.22 -3.35
CA ARG C 158 17.33 -14.39 -2.51
C ARG C 158 17.08 -15.67 -3.31
N LYS C 159 17.23 -15.61 -4.63
CA LYS C 159 16.88 -16.75 -5.50
C LYS C 159 17.56 -18.08 -5.12
N ASP C 160 18.80 -18.02 -4.61
CA ASP C 160 19.53 -19.24 -4.23
C ASP C 160 18.90 -19.96 -3.03
N THR C 161 18.23 -19.22 -2.15
CA THR C 161 17.50 -19.83 -1.03
C THR C 161 16.22 -20.57 -1.45
N TYR C 162 15.74 -20.28 -2.66
CA TYR C 162 14.49 -20.86 -3.17
C TYR C 162 14.69 -22.10 -4.04
N ARG C 163 15.94 -22.49 -4.24
CA ARG C 163 16.24 -23.67 -5.06
C ARG C 163 15.61 -24.93 -4.48
N LEU C 164 14.88 -25.67 -5.31
CA LEU C 164 14.23 -26.93 -4.93
C LEU C 164 14.97 -28.08 -5.60
N ASP C 165 15.03 -29.23 -4.92
CA ASP C 165 15.67 -30.43 -5.45
C ASP C 165 14.65 -31.42 -6.00
N THR C 166 13.36 -31.12 -5.83
CA THR C 166 12.27 -32.01 -6.24
C THR C 166 10.89 -31.34 -6.16
N THR C 167 9.96 -31.80 -7.00
CA THR C 167 8.54 -31.43 -6.89
C THR C 167 7.84 -32.06 -5.67
N GLY C 168 8.50 -33.06 -5.06
CA GLY C 168 7.91 -33.86 -4.01
C GLY C 168 7.22 -35.08 -4.57
N TYR C 169 7.22 -35.23 -5.90
CA TYR C 169 6.60 -36.34 -6.59
C TYR C 169 7.59 -37.04 -7.54
N ASN C 170 7.35 -38.31 -7.84
CA ASN C 170 8.02 -38.95 -8.98
C ASN C 170 7.05 -38.97 -10.16
N THR C 171 7.56 -39.29 -11.35
CA THR C 171 6.77 -39.19 -12.59
C THR C 171 5.65 -40.21 -12.72
N ASP C 172 5.61 -41.21 -11.83
CA ASP C 172 4.47 -42.13 -11.72
C ASP C 172 3.27 -41.51 -10.98
N ASP C 173 3.51 -40.49 -10.16
CA ASP C 173 2.44 -39.79 -9.44
C ASP C 173 1.61 -38.88 -10.35
N ALA C 174 0.41 -38.54 -9.88
CA ALA C 174 -0.54 -37.76 -10.66
C ALA C 174 -0.04 -36.37 -11.08
N PHE C 175 0.81 -35.76 -10.28
CA PHE C 175 1.32 -34.44 -10.61
C PHE C 175 1.86 -34.44 -12.02
N TYR C 176 2.67 -35.45 -12.33
CA TYR C 176 3.31 -35.54 -13.63
C TYR C 176 2.43 -36.23 -14.69
N LYS C 177 1.72 -37.30 -14.33
CA LYS C 177 0.89 -38.05 -15.29
C LYS C 177 -0.39 -37.32 -15.73
N ASP C 178 -0.86 -36.39 -14.90
CA ASP C 178 -1.95 -35.48 -15.29
C ASP C 178 -1.57 -34.61 -16.49
N THR C 179 -0.27 -34.38 -16.67
CA THR C 179 0.21 -33.53 -17.75
C THR C 179 0.20 -34.23 -19.08
N LEU C 180 -0.10 -35.52 -19.10
CA LEU C 180 -0.13 -36.31 -20.33
C LEU C 180 -1.54 -36.63 -20.82
N LYS C 181 -2.53 -36.51 -19.95
CA LYS C 181 -3.87 -37.02 -20.24
C LYS C 181 -4.55 -36.33 -21.41
N ASN C 182 -4.27 -35.05 -21.60
CA ASN C 182 -4.96 -34.31 -22.64
C ASN C 182 -4.20 -34.32 -23.96
N ASP C 183 -4.87 -34.82 -24.99
CA ASP C 183 -4.31 -34.97 -26.33
C ASP C 183 -4.10 -33.61 -27.01
N ASN C 184 -4.99 -32.68 -26.68
CA ASN C 184 -4.92 -31.30 -27.12
C ASN C 184 -3.92 -30.50 -26.28
N PHE C 185 -2.68 -30.41 -26.75
CA PHE C 185 -1.63 -29.65 -26.05
C PHE C 185 -2.06 -28.25 -25.62
N ASN C 186 -2.58 -27.48 -26.55
CA ASN C 186 -2.95 -26.10 -26.28
C ASN C 186 -3.93 -25.95 -25.12
N GLU C 187 -4.90 -26.85 -25.07
CA GLU C 187 -5.93 -26.82 -24.03
C GLU C 187 -5.36 -27.16 -22.66
N TRP C 188 -4.43 -28.11 -22.64
CA TRP C 188 -3.77 -28.48 -21.40
C TRP C 188 -2.83 -27.38 -20.92
N SER C 189 -2.01 -26.83 -21.82
CA SER C 189 -1.05 -25.79 -21.46
C SER C 189 -1.80 -24.63 -20.83
N LYS C 190 -2.90 -24.23 -21.47
CA LYS C 190 -3.74 -23.16 -20.96
C LYS C 190 -4.27 -23.41 -19.57
N GLY C 191 -4.73 -24.63 -19.28
CA GLY C 191 -5.25 -24.97 -17.96
C GLY C 191 -4.15 -25.16 -16.94
N TYR C 192 -2.99 -25.63 -17.38
CA TYR C 192 -1.84 -25.83 -16.50
C TYR C 192 -1.31 -24.47 -16.05
N CYS C 193 -1.19 -23.55 -17.00
CA CYS C 193 -0.82 -22.17 -16.71
C CYS C 193 -1.86 -21.51 -15.82
N LYS C 194 -3.13 -21.78 -16.09
CA LYS C 194 -4.24 -21.20 -15.34
C LYS C 194 -4.09 -21.55 -13.85
N TYR C 195 -3.81 -22.81 -13.58
CA TYR C 195 -3.67 -23.30 -12.22
C TYR C 195 -2.55 -22.58 -11.48
N TRP C 196 -1.40 -22.46 -12.14
CA TRP C 196 -0.23 -21.86 -11.51
C TRP C 196 -0.33 -20.34 -11.40
N ALA C 197 -0.91 -19.72 -12.41
CA ALA C 197 -1.07 -18.27 -12.41
C ALA C 197 -2.10 -17.81 -11.39
N LYS C 198 -3.13 -18.60 -11.12
CA LYS C 198 -4.08 -18.23 -10.07
C LYS C 198 -3.44 -18.31 -8.68
N LYS C 199 -2.55 -19.28 -8.47
CA LYS C 199 -1.83 -19.38 -7.20
C LYS C 199 -0.92 -18.17 -7.01
N ALA C 200 -0.34 -17.70 -8.11
CA ALA C 200 0.54 -16.53 -8.11
C ALA C 200 -0.24 -15.26 -7.87
N LYS C 201 -1.46 -15.21 -8.39
CA LYS C 201 -2.32 -14.04 -8.25
C LYS C 201 -2.82 -13.93 -6.84
N ASN C 202 -3.12 -15.08 -6.23
CA ASN C 202 -3.52 -15.14 -4.82
C ASN C 202 -2.37 -14.66 -3.94
N LEU C 203 -1.14 -14.99 -4.35
CA LEU C 203 0.05 -14.53 -3.63
C LEU C 203 0.24 -13.03 -3.72
N TYR C 204 -0.23 -12.39 -4.79
CA TYR C 204 -0.18 -10.94 -4.89
C TYR C 204 -1.14 -10.27 -3.93
N TYR C 205 -2.40 -10.72 -3.93
CA TYR C 205 -3.44 -9.99 -3.21
C TYR C 205 -3.41 -10.20 -1.71
N SER C 206 -2.69 -11.22 -1.25
CA SER C 206 -2.60 -11.46 0.16
C SER C 206 -1.20 -11.23 0.74
N HIS C 207 -0.23 -10.83 -0.10
CA HIS C 207 1.19 -10.87 0.30
C HIS C 207 2.22 -9.94 -0.33
N ALA C 208 2.04 -9.55 -1.58
CA ALA C 208 3.09 -8.80 -2.31
C ALA C 208 2.73 -7.35 -2.62
N THR C 209 1.64 -6.85 -2.03
CA THR C 209 1.25 -5.43 -2.23
C THR C 209 2.24 -4.46 -1.55
N MET C 210 2.24 -3.21 -2.02
CA MET C 210 3.03 -2.12 -1.40
C MET C 210 2.89 -2.05 0.12
N SER C 211 1.68 -2.33 0.62
CA SER C 211 1.37 -2.23 2.05
C SER C 211 1.33 -3.58 2.77
N ASN C 212 2.25 -4.48 2.40
CA ASN C 212 2.34 -5.82 3.02
C ASN C 212 3.71 -5.94 3.70
N SER C 213 3.78 -6.71 4.79
CA SER C 213 5.01 -6.86 5.58
C SER C 213 6.11 -7.60 4.82
N TRP C 214 7.24 -7.79 5.48
CA TRP C 214 8.44 -8.33 4.83
C TRP C 214 8.46 -9.84 4.85
N ASP C 215 7.95 -10.42 5.94
CA ASP C 215 7.71 -11.84 5.96
C ASP C 215 6.68 -12.22 4.89
N ASP C 216 5.71 -11.34 4.62
CA ASP C 216 4.71 -11.58 3.58
C ASP C 216 5.40 -11.64 2.22
N TRP C 217 6.37 -10.76 2.02
CA TRP C 217 7.15 -10.73 0.80
C TRP C 217 8.05 -11.95 0.67
N GLU C 218 8.58 -12.45 1.77
CA GLU C 218 9.37 -13.67 1.72
C GLU C 218 8.49 -14.87 1.36
N TYR C 219 7.24 -14.83 1.82
CA TYR C 219 6.29 -15.89 1.53
C TYR C 219 5.95 -15.89 0.04
N ALA C 220 5.67 -14.72 -0.53
CA ALA C 220 5.26 -14.58 -1.93
C ALA C 220 6.42 -14.84 -2.90
N ALA C 221 7.58 -14.25 -2.62
CA ALA C 221 8.76 -14.49 -3.45
C ALA C 221 9.20 -15.96 -3.43
N SER C 222 9.32 -16.54 -2.23
CA SER C 222 9.73 -17.94 -2.12
C SER C 222 8.76 -18.88 -2.84
N HIS C 223 7.45 -18.71 -2.62
CA HIS C 223 6.45 -19.58 -3.27
C HIS C 223 6.30 -19.30 -4.76
N GLY C 224 6.57 -18.07 -5.18
CA GLY C 224 6.45 -17.70 -6.59
C GLY C 224 7.55 -18.34 -7.41
N VAL C 225 8.78 -18.25 -6.89
CA VAL C 225 9.93 -18.83 -7.55
C VAL C 225 9.88 -20.34 -7.43
N GLY C 226 9.40 -20.83 -6.29
CA GLY C 226 9.27 -22.26 -6.05
C GLY C 226 8.19 -22.90 -6.90
N ASN C 227 7.03 -22.23 -7.02
CA ASN C 227 5.97 -22.69 -7.91
C ASN C 227 6.45 -22.74 -9.36
N ALA C 228 7.25 -21.76 -9.77
CA ALA C 228 7.74 -21.69 -11.15
C ALA C 228 8.66 -22.87 -11.44
N GLN C 229 9.45 -23.26 -10.45
CA GLN C 229 10.34 -24.41 -10.60
C GLN C 229 9.52 -25.68 -10.75
N LYS C 230 8.62 -25.92 -9.82
CA LYS C 230 7.77 -27.11 -9.87
C LYS C 230 7.02 -27.17 -11.20
N GLY C 231 6.46 -26.03 -11.60
CA GLY C 231 5.66 -25.96 -12.81
C GLY C 231 6.46 -26.26 -14.07
N VAL C 232 7.68 -25.72 -14.16
CA VAL C 232 8.54 -25.98 -15.30
C VAL C 232 8.98 -27.45 -15.35
N ALA C 233 9.17 -28.05 -14.19
CA ALA C 233 9.53 -29.47 -14.12
C ALA C 233 8.44 -30.32 -14.77
N GLY C 234 7.17 -30.02 -14.47
CA GLY C 234 6.06 -30.68 -15.10
C GLY C 234 5.91 -30.36 -16.59
N TYR C 235 6.20 -29.11 -16.95
CA TYR C 235 6.08 -28.66 -18.34
C TYR C 235 7.10 -29.39 -19.18
N LEU C 236 8.29 -29.58 -18.62
CA LEU C 236 9.38 -30.27 -19.31
C LEU C 236 9.01 -31.73 -19.56
N TYR C 237 8.32 -32.34 -18.62
CA TYR C 237 7.85 -33.71 -18.75
C TYR C 237 6.90 -33.89 -19.94
N ARG C 238 5.87 -33.07 -20.02
CA ARG C 238 4.95 -33.13 -21.16
C ARG C 238 5.71 -32.88 -22.46
N PHE C 239 6.68 -31.98 -22.44
CA PHE C 239 7.41 -31.61 -23.65
C PHE C 239 8.21 -32.79 -24.13
N LEU C 240 8.99 -33.39 -23.22
CA LEU C 240 9.85 -34.51 -23.53
C LEU C 240 9.06 -35.75 -23.99
N ASN C 241 7.83 -35.90 -23.50
CA ASN C 241 6.96 -36.99 -23.92
C ASN C 241 6.43 -36.79 -25.35
N ASP C 242 6.07 -35.55 -25.68
CA ASP C 242 5.61 -35.17 -27.03
C ASP C 242 6.66 -35.34 -28.12
N VAL C 243 7.92 -34.99 -27.85
CA VAL C 243 8.97 -35.08 -28.85
C VAL C 243 9.54 -36.50 -29.02
N SER C 244 9.05 -37.44 -28.22
CA SER C 244 9.54 -38.81 -28.24
C SER C 244 8.48 -39.83 -28.70
N ASN C 245 7.20 -39.45 -28.67
CA ASN C 245 6.12 -40.32 -29.19
C ASN C 245 6.26 -40.46 -30.71
N LYS C 246 6.55 -41.68 -31.16
CA LYS C 246 6.85 -41.94 -32.56
C LYS C 246 5.62 -41.85 -33.48
N ASP C 247 4.43 -41.87 -32.88
CA ASP C 247 3.16 -41.76 -33.61
C ASP C 247 2.97 -40.37 -34.18
N ALA C 248 3.05 -39.36 -33.32
CA ALA C 248 2.87 -37.96 -33.72
C ALA C 248 1.56 -37.80 -34.51
N VAL C 249 0.47 -38.28 -33.92
CA VAL C 249 -0.84 -38.24 -34.58
C VAL C 249 -1.50 -36.86 -34.39
N ASP C 250 -1.79 -36.21 -35.52
CA ASP C 250 -2.48 -34.91 -35.53
C ASP C 250 -3.95 -35.14 -35.21
N LYS C 251 -4.35 -34.81 -33.97
CA LYS C 251 -5.76 -34.89 -33.55
C LYS C 251 -6.62 -33.95 -34.39
N ASP C 252 -5.99 -32.90 -34.92
CA ASP C 252 -6.60 -32.02 -35.91
C ASP C 252 -7.96 -31.45 -35.47
N TYR C 253 -7.97 -30.87 -34.28
CA TYR C 253 -9.18 -30.36 -33.65
C TYR C 253 -9.60 -28.98 -34.19
N ASP C 254 -10.76 -28.51 -33.74
CA ASP C 254 -11.30 -27.23 -34.20
C ASP C 254 -10.45 -26.07 -33.65
N LEU C 255 -10.15 -25.09 -34.50
CA LEU C 255 -9.28 -23.99 -34.15
C LEU C 255 -10.05 -22.76 -33.63
N ASN C 256 -9.48 -22.07 -32.65
CA ASN C 256 -9.96 -20.76 -32.20
C ASN C 256 -9.19 -19.60 -32.84
N GLU C 257 -7.94 -19.88 -33.20
CA GLU C 257 -6.98 -18.86 -33.65
C GLU C 257 -5.92 -19.42 -34.60
N ILE C 258 -5.30 -18.54 -35.36
CA ILE C 258 -4.05 -18.85 -36.05
C ILE C 258 -2.98 -17.85 -35.64
N VAL C 259 -1.79 -18.36 -35.29
CA VAL C 259 -0.64 -17.55 -34.94
C VAL C 259 0.24 -17.43 -36.18
N VAL C 260 0.53 -16.20 -36.60
CA VAL C 260 1.38 -15.95 -37.75
C VAL C 260 2.57 -15.13 -37.29
N MET C 261 3.77 -15.67 -37.50
CA MET C 261 5.02 -15.01 -37.12
C MET C 261 5.76 -14.55 -38.38
N ILE C 262 6.06 -13.26 -38.47
CA ILE C 262 6.70 -12.70 -39.66
C ILE C 262 7.99 -11.97 -39.29
N LYS C 263 9.00 -12.10 -40.14
CA LYS C 263 10.20 -11.26 -40.01
C LYS C 263 10.39 -10.47 -41.29
N THR C 264 10.83 -9.23 -41.15
CA THR C 264 11.17 -8.40 -42.28
C THR C 264 12.70 -8.39 -42.36
N ALA C 265 13.25 -8.48 -43.57
CA ALA C 265 14.70 -8.66 -43.76
C ALA C 265 15.51 -7.49 -43.22
N ASP C 266 16.78 -7.77 -42.92
CA ASP C 266 17.72 -6.76 -42.43
C ASP C 266 18.51 -6.11 -43.59
N VAL C 267 17.79 -5.57 -44.58
CA VAL C 267 18.42 -4.82 -45.68
C VAL C 267 17.81 -3.43 -45.87
N GLN C 268 18.46 -2.61 -46.69
CA GLN C 268 17.95 -1.27 -47.02
C GLN C 268 16.56 -1.33 -47.65
N ASP C 269 15.64 -0.52 -47.13
CA ASP C 269 14.27 -0.38 -47.66
C ASP C 269 13.38 -1.63 -47.56
N ALA C 270 13.76 -2.57 -46.68
CA ALA C 270 13.02 -3.82 -46.54
C ALA C 270 11.65 -3.55 -45.93
N GLY C 271 11.59 -2.63 -44.98
CA GLY C 271 10.36 -2.27 -44.32
C GLY C 271 9.34 -1.59 -45.24
N THR C 272 8.08 -1.51 -44.78
CA THR C 272 7.00 -0.88 -45.53
C THR C 272 5.93 -0.28 -44.62
N ASP C 273 5.31 0.79 -45.10
CA ASP C 273 4.16 1.42 -44.45
C ASP C 273 2.84 0.93 -45.06
N ASN C 274 2.91 0.10 -46.10
CA ASN C 274 1.70 -0.46 -46.73
C ASN C 274 0.84 -1.24 -45.71
N TYR C 275 -0.42 -1.47 -46.07
CA TYR C 275 -1.30 -2.33 -45.29
C TYR C 275 -1.00 -3.78 -45.59
N ILE C 276 -0.79 -4.59 -44.56
CA ILE C 276 -0.55 -6.01 -44.75
C ILE C 276 -1.67 -6.86 -44.15
N TYR C 277 -2.12 -7.87 -44.89
CA TYR C 277 -3.23 -8.73 -44.50
C TYR C 277 -2.81 -10.19 -44.56
N PHE C 278 -3.31 -10.99 -43.62
CA PHE C 278 -3.21 -12.43 -43.71
C PHE C 278 -4.62 -12.98 -43.99
N GLY C 279 -4.71 -14.00 -44.85
CA GLY C 279 -5.99 -14.57 -45.25
C GLY C 279 -5.98 -16.08 -45.44
N ILE C 280 -7.11 -16.72 -45.16
CA ILE C 280 -7.30 -18.14 -45.43
C ILE C 280 -8.55 -18.39 -46.28
N GLU C 281 -8.64 -19.60 -46.83
CA GLU C 281 -9.79 -20.01 -47.62
C GLU C 281 -10.08 -21.49 -47.37
N THR C 282 -11.30 -21.79 -46.92
CA THR C 282 -11.68 -23.16 -46.57
C THR C 282 -12.10 -23.99 -47.79
N LYS C 283 -12.05 -25.31 -47.65
CA LYS C 283 -12.43 -26.22 -48.73
C LYS C 283 -13.86 -25.93 -49.16
N ASP C 284 -14.78 -25.80 -48.20
CA ASP C 284 -16.16 -25.38 -48.47
C ASP C 284 -16.24 -23.85 -48.55
N GLY C 285 -15.81 -23.28 -49.68
CA GLY C 285 -15.81 -21.83 -49.91
C GLY C 285 -15.19 -21.02 -48.77
N VAL C 286 -15.75 -19.83 -48.50
CA VAL C 286 -15.51 -19.05 -47.27
C VAL C 286 -14.07 -18.51 -47.09
N LYS C 287 -13.89 -17.22 -47.36
CA LYS C 287 -12.60 -16.54 -47.16
C LYS C 287 -12.58 -15.69 -45.87
N GLU C 288 -11.48 -15.77 -45.11
CA GLU C 288 -11.29 -14.96 -43.89
C GLU C 288 -9.96 -14.19 -43.95
N GLU C 289 -10.01 -12.90 -43.64
CA GLU C 289 -8.89 -11.98 -43.83
C GLU C 289 -8.72 -11.06 -42.62
N TRP C 290 -7.49 -10.91 -42.12
CA TRP C 290 -7.18 -10.03 -40.98
C TRP C 290 -6.13 -9.00 -41.35
N ALA C 291 -6.29 -7.79 -40.81
CA ALA C 291 -5.25 -6.78 -40.93
C ALA C 291 -4.14 -7.11 -39.93
N LEU C 292 -2.89 -7.00 -40.35
CA LEU C 292 -1.74 -7.31 -39.49
C LEU C 292 -1.18 -6.02 -38.93
N ASP C 293 -1.67 -5.62 -37.76
CA ASP C 293 -1.43 -4.27 -37.25
C ASP C 293 -1.34 -4.27 -35.72
N ASN C 294 -0.24 -4.77 -35.19
CA ASN C 294 0.05 -4.67 -33.76
C ASN C 294 0.21 -3.22 -33.31
N PRO C 295 0.09 -2.96 -32.01
CA PRO C 295 0.41 -1.63 -31.50
C PRO C 295 1.88 -1.38 -31.76
N GLY C 296 2.21 -0.18 -32.25
CA GLY C 296 3.56 0.14 -32.68
C GLY C 296 3.77 -0.08 -34.17
N ASN C 297 4.96 0.26 -34.65
CA ASN C 297 5.23 0.23 -36.09
C ASN C 297 5.56 -1.19 -36.52
N ASP C 298 4.78 -1.72 -37.47
CA ASP C 298 5.00 -3.08 -37.99
C ASP C 298 5.81 -3.04 -39.24
N PHE C 299 6.51 -4.14 -39.51
CA PHE C 299 7.22 -4.31 -40.76
C PHE C 299 8.28 -3.23 -41.00
N THR C 300 9.05 -2.92 -39.97
CA THR C 300 10.30 -2.17 -40.14
C THR C 300 11.44 -3.17 -40.36
N ARG C 301 12.58 -2.72 -40.88
CA ARG C 301 13.65 -3.64 -41.25
C ARG C 301 14.17 -4.41 -40.03
N ASN C 302 14.37 -5.72 -40.22
CA ASN C 302 14.80 -6.64 -39.17
C ASN C 302 13.76 -6.89 -38.05
N GLN C 303 12.52 -6.45 -38.25
CA GLN C 303 11.47 -6.63 -37.24
C GLN C 303 10.86 -8.03 -37.29
N GLU C 304 10.86 -8.70 -36.14
CA GLU C 304 10.07 -9.91 -35.92
C GLU C 304 8.77 -9.53 -35.21
N GLY C 305 7.65 -10.04 -35.72
CA GLY C 305 6.35 -9.72 -35.18
C GLY C 305 5.46 -10.94 -35.13
N THR C 306 4.67 -11.05 -34.05
CA THR C 306 3.73 -12.17 -33.86
C THR C 306 2.29 -11.69 -34.00
N TYR C 307 1.48 -12.48 -34.69
CA TYR C 307 0.13 -12.04 -35.08
C TYR C 307 -0.89 -13.12 -34.79
N THR C 308 -1.60 -12.97 -33.67
CA THR C 308 -2.62 -13.90 -33.22
C THR C 308 -3.98 -13.48 -33.78
N LEU C 309 -4.51 -14.30 -34.66
CA LEU C 309 -5.72 -13.99 -35.42
C LEU C 309 -6.87 -14.91 -35.01
N LYS C 310 -7.91 -14.34 -34.39
CA LYS C 310 -9.07 -15.12 -33.97
C LYS C 310 -9.96 -15.49 -35.16
N LEU C 311 -10.30 -16.77 -35.25
CA LEU C 311 -11.25 -17.27 -36.25
C LEU C 311 -12.71 -16.98 -35.86
N LYS C 312 -13.52 -16.61 -36.86
CA LYS C 312 -14.92 -16.19 -36.70
C LYS C 312 -15.91 -17.36 -36.81
N ASN C 313 -15.60 -18.31 -37.69
CA ASN C 313 -16.36 -19.54 -37.83
C ASN C 313 -15.64 -20.60 -37.02
N LYS C 314 -16.24 -21.02 -35.91
CA LYS C 314 -15.58 -21.90 -34.93
C LYS C 314 -15.76 -23.40 -35.23
N ASN C 315 -16.03 -23.75 -36.49
CA ASN C 315 -16.05 -25.16 -36.92
C ASN C 315 -14.87 -25.52 -37.85
N THR C 316 -13.83 -24.69 -37.88
CA THR C 316 -12.73 -24.82 -38.85
C THR C 316 -11.53 -25.62 -38.33
N LYS C 317 -11.27 -26.78 -38.92
CA LYS C 317 -10.05 -27.56 -38.65
C LYS C 317 -8.94 -27.06 -39.57
N TYR C 318 -7.70 -27.53 -39.40
CA TYR C 318 -6.62 -27.11 -40.29
C TYR C 318 -6.67 -27.77 -41.68
N SER C 319 -7.12 -29.03 -41.74
CA SER C 319 -7.31 -29.73 -43.03
C SER C 319 -8.41 -29.08 -43.88
N ASP C 320 -9.23 -28.22 -43.29
CA ASP C 320 -10.24 -27.46 -44.03
C ASP C 320 -9.66 -26.23 -44.76
N ILE C 321 -8.37 -25.94 -44.59
CA ILE C 321 -7.73 -24.80 -45.24
C ILE C 321 -7.08 -25.20 -46.56
N LYS C 322 -7.63 -24.65 -47.64
CA LYS C 322 -7.15 -24.87 -49.00
C LYS C 322 -6.12 -23.84 -49.43
N ASN C 323 -6.31 -22.57 -49.03
CA ASN C 323 -5.46 -21.46 -49.45
C ASN C 323 -5.01 -20.55 -48.30
N MET C 324 -3.80 -20.02 -48.42
CA MET C 324 -3.26 -19.06 -47.48
C MET C 324 -2.47 -18.00 -48.24
N TRP C 325 -2.55 -16.74 -47.82
CA TRP C 325 -1.85 -15.65 -48.51
C TRP C 325 -1.53 -14.44 -47.62
N ILE C 326 -0.70 -13.55 -48.15
CA ILE C 326 -0.51 -12.22 -47.61
C ILE C 326 -0.80 -11.19 -48.69
N ARG C 327 -1.71 -10.27 -48.40
CA ARG C 327 -2.10 -9.21 -49.31
C ARG C 327 -1.36 -7.94 -48.92
N ASP C 328 -0.67 -7.35 -49.89
CA ASP C 328 -0.02 -6.06 -49.72
C ASP C 328 -0.85 -5.08 -50.55
N GLU C 329 -1.38 -4.04 -49.90
CA GLU C 329 -2.11 -2.95 -50.55
C GLU C 329 -1.43 -1.61 -50.28
N LYS C 330 -1.36 -0.76 -51.30
CA LYS C 330 -0.59 0.48 -51.25
C LYS C 330 -1.17 1.46 -50.22
N LEU C 331 -0.29 2.22 -49.58
CA LEU C 331 -0.69 3.35 -48.75
C LEU C 331 -0.85 4.61 -49.63
N THR C 332 -0.01 4.67 -50.66
CA THR C 332 0.28 5.86 -51.45
C THR C 332 0.19 5.39 -52.91
N VAL C 333 0.66 6.17 -53.88
CA VAL C 333 0.93 5.65 -55.22
C VAL C 333 2.32 5.01 -55.35
N ALA C 334 2.98 4.68 -54.23
CA ALA C 334 4.45 4.54 -54.17
C ALA C 334 5.05 3.13 -54.13
N THR C 335 4.24 2.08 -54.20
CA THR C 335 4.76 0.69 -54.14
C THR C 335 5.28 0.27 -52.76
N ASP C 336 6.31 0.97 -52.24
CA ASP C 336 6.87 0.68 -50.91
C ASP C 336 7.11 -0.82 -50.76
N GLY C 337 7.96 -1.32 -51.66
CA GLY C 337 8.37 -2.71 -51.69
C GLY C 337 8.73 -3.24 -50.31
N TRP C 338 8.26 -4.44 -50.02
CA TRP C 338 8.46 -5.08 -48.74
C TRP C 338 9.31 -6.32 -48.98
N LYS C 339 10.43 -6.44 -48.26
CA LYS C 339 11.22 -7.66 -48.30
C LYS C 339 11.20 -8.42 -46.97
N PRO C 340 10.33 -9.41 -46.86
CA PRO C 340 10.33 -10.32 -45.69
C PRO C 340 11.37 -11.44 -45.76
N SER C 341 11.89 -11.84 -44.59
CA SER C 341 12.73 -13.04 -44.48
C SER C 341 11.88 -14.31 -44.52
N TYR C 342 10.87 -14.37 -43.66
CA TYR C 342 10.05 -15.58 -43.53
C TYR C 342 8.61 -15.32 -43.05
N VAL C 343 7.78 -16.35 -43.18
CA VAL C 343 6.46 -16.38 -42.56
C VAL C 343 6.25 -17.78 -41.99
N LYS C 344 6.01 -17.86 -40.68
CA LYS C 344 5.71 -19.12 -40.01
C LYS C 344 4.27 -19.08 -39.58
N VAL C 345 3.59 -20.22 -39.61
CA VAL C 345 2.22 -20.30 -39.15
C VAL C 345 2.05 -21.48 -38.21
N ILE C 346 1.49 -21.20 -37.04
CA ILE C 346 1.06 -22.24 -36.14
C ILE C 346 -0.47 -22.28 -36.18
N ALA C 347 -1.03 -23.48 -36.24
CA ALA C 347 -2.44 -23.70 -35.97
C ALA C 347 -2.52 -24.90 -35.06
N GLY C 348 -3.31 -24.77 -34.00
CA GLY C 348 -3.34 -25.75 -32.95
C GLY C 348 -1.98 -26.05 -32.36
N ASP C 349 -1.63 -27.33 -32.30
CA ASP C 349 -0.48 -27.79 -31.53
C ASP C 349 0.79 -27.94 -32.36
N LYS C 350 0.79 -27.50 -33.62
CA LYS C 350 2.00 -27.66 -34.43
C LYS C 350 2.22 -26.58 -35.50
N VAL C 351 3.50 -26.41 -35.85
CA VAL C 351 3.94 -25.47 -36.88
C VAL C 351 3.55 -26.02 -38.24
N ARG C 352 2.57 -25.40 -38.89
CA ARG C 352 2.11 -25.81 -40.21
C ARG C 352 2.95 -25.35 -41.39
N LEU C 353 3.69 -24.25 -41.25
CA LEU C 353 4.41 -23.66 -42.38
C LEU C 353 5.62 -22.84 -41.96
N GLU C 354 6.77 -23.13 -42.56
CA GLU C 354 7.98 -22.32 -42.41
C GLU C 354 8.49 -21.97 -43.81
N LYS C 355 8.05 -20.82 -44.35
CA LYS C 355 8.47 -20.38 -45.68
C LYS C 355 9.49 -19.26 -45.60
N ASN C 356 10.71 -19.53 -46.06
CA ASN C 356 11.68 -18.47 -46.31
C ASN C 356 11.30 -17.80 -47.61
N ILE C 357 11.06 -16.51 -47.56
CA ILE C 357 10.76 -15.72 -48.74
C ILE C 357 11.99 -14.97 -49.25
N ASN C 358 12.21 -15.06 -50.56
CA ASN C 358 13.39 -14.52 -51.22
C ASN C 358 13.11 -13.31 -52.13
N GLU C 359 11.85 -13.10 -52.50
CA GLU C 359 11.50 -12.01 -53.42
C GLU C 359 10.86 -10.81 -52.75
N TRP C 360 10.93 -9.66 -53.42
CA TRP C 360 10.25 -8.44 -52.97
C TRP C 360 8.75 -8.56 -53.23
N ILE C 361 7.98 -7.81 -52.46
CA ILE C 361 6.51 -7.81 -52.58
C ILE C 361 6.10 -6.37 -52.78
N SER C 362 5.55 -6.08 -53.96
CA SER C 362 5.16 -4.73 -54.30
C SER C 362 3.80 -4.43 -53.70
N GLY C 363 3.48 -3.14 -53.60
CA GLY C 363 2.13 -2.73 -53.22
C GLY C 363 1.17 -3.14 -54.33
N GLY C 364 0.00 -3.65 -53.95
CA GLY C 364 -0.98 -4.11 -54.92
C GLY C 364 -0.90 -5.58 -55.33
N THR C 365 -0.17 -6.41 -54.57
CA THR C 365 -0.08 -7.83 -54.91
C THR C 365 -0.44 -8.76 -53.77
N THR C 366 -0.64 -10.02 -54.14
CA THR C 366 -0.93 -11.08 -53.20
C THR C 366 0.15 -12.15 -53.32
N TYR C 367 0.90 -12.37 -52.25
CA TYR C 367 1.86 -13.46 -52.19
C TYR C 367 1.17 -14.70 -51.65
N THR C 368 1.23 -15.80 -52.39
CA THR C 368 0.58 -17.04 -51.98
C THR C 368 1.50 -17.87 -51.08
N LEU C 369 0.95 -18.33 -49.95
CA LEU C 369 1.65 -19.19 -49.01
C LEU C 369 1.29 -20.66 -49.23
N LYS C 370 0.04 -20.91 -49.61
CA LYS C 370 -0.47 -22.27 -49.84
C LYS C 370 -1.31 -22.33 -51.12
N TRP D 1 -24.55 -8.45 10.53
CA TRP D 1 -24.95 -7.46 11.56
C TRP D 1 -23.74 -6.92 12.30
N ASP D 2 -23.97 -5.85 13.05
CA ASP D 2 -22.92 -5.26 13.87
C ASP D 2 -22.83 -6.01 15.17
N GLY D 3 -21.67 -5.90 15.83
CA GLY D 3 -21.48 -6.34 17.20
C GLY D 3 -20.17 -5.84 17.80
N LYS D 4 -19.99 -6.05 19.09
CA LYS D 4 -18.83 -5.54 19.80
C LYS D 4 -18.07 -6.70 20.43
N GLU D 5 -16.73 -6.58 20.46
CA GLU D 5 -15.87 -7.68 20.91
C GLU D 5 -16.17 -8.13 22.34
N ASP D 6 -16.81 -7.28 23.14
CA ASP D 6 -17.19 -7.67 24.51
C ASP D 6 -18.46 -8.51 24.64
N GLY D 7 -19.08 -8.88 23.52
CA GLY D 7 -20.27 -9.70 23.56
C GLY D 7 -21.56 -8.90 23.67
N THR D 8 -21.54 -7.68 23.14
CA THR D 8 -22.75 -6.85 23.05
C THR D 8 -23.01 -6.45 21.59
N GLY D 9 -24.17 -5.85 21.34
CA GLY D 9 -24.57 -5.46 20.00
C GLY D 9 -25.54 -6.44 19.36
N THR D 10 -25.87 -6.21 18.09
CA THR D 10 -27.00 -6.87 17.44
C THR D 10 -26.86 -8.39 17.44
N HIS D 11 -25.70 -8.89 17.04
CA HIS D 11 -25.47 -10.32 17.03
C HIS D 11 -25.68 -10.95 18.40
N SER D 12 -25.24 -10.25 19.44
CA SER D 12 -25.39 -10.73 20.80
C SER D 12 -26.85 -10.71 21.25
N VAL D 13 -27.57 -9.66 20.85
CA VAL D 13 -28.98 -9.57 21.14
C VAL D 13 -29.70 -10.73 20.49
N ILE D 14 -29.38 -11.03 19.24
CA ILE D 14 -30.03 -12.11 18.50
C ILE D 14 -29.95 -13.47 19.20
N VAL D 15 -28.76 -13.83 19.70
CA VAL D 15 -28.59 -15.16 20.30
C VAL D 15 -29.14 -15.25 21.69
N THR D 16 -29.06 -14.14 22.42
CA THR D 16 -29.55 -14.07 23.80
C THR D 16 -31.06 -14.14 23.85
N GLN D 17 -31.74 -13.54 22.88
CA GLN D 17 -33.21 -13.53 22.86
C GLN D 17 -33.72 -14.89 22.44
N ALA D 18 -32.99 -15.54 21.53
CA ALA D 18 -33.37 -16.84 21.01
C ALA D 18 -33.44 -17.91 22.10
N ILE D 19 -32.53 -17.85 23.07
CA ILE D 19 -32.64 -18.69 24.26
C ILE D 19 -33.97 -18.40 24.99
N GLU D 20 -34.28 -17.13 25.17
CA GLU D 20 -35.54 -16.74 25.82
C GLU D 20 -36.76 -17.20 25.01
N MET D 21 -36.65 -17.19 23.69
CA MET D 21 -37.76 -17.60 22.82
C MET D 21 -38.03 -19.09 22.95
N LEU D 22 -36.97 -19.89 22.94
CA LEU D 22 -37.05 -21.35 23.10
C LEU D 22 -37.51 -21.77 24.50
N LYS D 23 -37.04 -21.05 25.53
CA LYS D 23 -37.51 -21.25 26.89
C LYS D 23 -39.04 -21.21 26.92
N HIS D 24 -39.61 -20.13 26.38
CA HIS D 24 -41.06 -19.91 26.35
C HIS D 24 -41.79 -20.87 25.40
N ASP D 25 -41.14 -21.26 24.31
CA ASP D 25 -41.79 -22.06 23.26
C ASP D 25 -41.80 -23.55 23.60
N LEU D 26 -41.02 -23.94 24.60
CA LEU D 26 -40.83 -25.34 24.95
C LEU D 26 -42.15 -25.89 25.47
N SER D 27 -42.69 -26.89 24.76
CA SER D 27 -43.95 -27.54 25.17
C SER D 27 -43.76 -28.42 26.42
N LYS D 28 -44.86 -28.79 27.07
CA LYS D 28 -44.81 -29.60 28.30
C LYS D 28 -44.33 -31.04 28.03
N ASP D 29 -44.46 -31.49 26.78
CA ASP D 29 -44.08 -32.85 26.38
C ASP D 29 -42.57 -33.05 26.09
N GLU D 30 -41.75 -32.00 26.25
CA GLU D 30 -40.32 -32.13 25.98
C GLU D 30 -39.65 -32.80 27.17
N PRO D 31 -38.81 -33.81 26.91
CA PRO D 31 -38.01 -34.49 27.94
C PRO D 31 -37.26 -33.53 28.88
N GLU D 32 -36.98 -33.99 30.11
CA GLU D 32 -36.14 -33.22 31.04
C GLU D 32 -34.69 -33.05 30.52
N ALA D 33 -34.27 -33.90 29.58
CA ALA D 33 -32.93 -33.82 29.01
C ALA D 33 -32.72 -32.55 28.18
N ILE D 34 -33.74 -32.11 27.46
CA ILE D 34 -33.62 -30.93 26.59
C ILE D 34 -33.67 -29.63 27.39
N ARG D 35 -34.51 -29.58 28.42
CA ARG D 35 -34.61 -28.37 29.26
C ARG D 35 -33.35 -28.19 30.09
N ASN D 36 -32.72 -29.30 30.48
CA ASN D 36 -31.51 -29.26 31.31
C ASN D 36 -30.26 -28.90 30.52
N ASP D 37 -30.22 -29.31 29.24
CA ASP D 37 -29.14 -28.93 28.35
C ASP D 37 -29.33 -27.45 27.93
N LEU D 38 -30.57 -27.01 27.79
CA LEU D 38 -30.86 -25.60 27.51
C LEU D 38 -30.44 -24.75 28.71
N SER D 39 -30.65 -25.31 29.89
CA SER D 39 -30.25 -24.68 31.13
C SER D 39 -28.70 -24.51 31.23
N ILE D 40 -27.95 -25.47 30.68
CA ILE D 40 -26.49 -25.39 30.65
C ILE D 40 -25.99 -24.29 29.71
N LEU D 41 -26.65 -24.13 28.57
CA LEU D 41 -26.35 -23.04 27.65
C LEU D 41 -26.44 -21.70 28.38
N GLU D 42 -27.48 -21.53 29.20
CA GLU D 42 -27.70 -20.29 29.95
C GLU D 42 -26.63 -19.98 30.98
N LYS D 43 -26.12 -21.01 31.67
CA LYS D 43 -25.00 -20.81 32.61
C LYS D 43 -23.79 -20.27 31.84
N ASN D 44 -23.66 -20.70 30.59
CA ASN D 44 -22.56 -20.31 29.72
C ASN D 44 -22.95 -19.21 28.72
N LEU D 45 -23.92 -18.39 29.12
CA LEU D 45 -24.46 -17.35 28.24
C LEU D 45 -23.39 -16.36 27.80
N HIS D 46 -22.55 -15.93 28.73
CA HIS D 46 -21.55 -14.92 28.41
C HIS D 46 -20.60 -15.37 27.30
N LYS D 47 -20.19 -16.64 27.35
CA LYS D 47 -19.32 -17.20 26.31
C LYS D 47 -20.06 -17.40 24.99
N PHE D 48 -21.38 -17.59 25.04
CA PHE D 48 -22.25 -17.68 23.85
C PHE D 48 -22.33 -16.32 23.16
N GLN D 49 -22.44 -15.28 23.97
CA GLN D 49 -22.53 -13.89 23.52
C GLN D 49 -21.21 -13.42 22.94
N LEU D 50 -20.10 -13.76 23.59
CA LEU D 50 -18.75 -13.41 23.13
C LEU D 50 -18.46 -14.05 21.77
N GLY D 51 -18.88 -15.30 21.62
CA GLY D 51 -18.77 -15.99 20.35
C GLY D 51 -19.64 -15.37 19.28
N SER D 52 -20.80 -14.84 19.65
CA SER D 52 -21.75 -14.31 18.68
C SER D 52 -21.20 -13.09 17.93
N THR D 53 -20.23 -12.40 18.54
CA THR D 53 -19.61 -11.20 17.96
C THR D 53 -18.16 -11.40 17.53
N PHE D 54 -17.51 -12.46 18.02
CA PHE D 54 -16.06 -12.61 17.83
C PHE D 54 -15.57 -12.61 16.37
N PRO D 55 -16.26 -13.29 15.45
CA PRO D 55 -15.80 -13.34 14.06
C PRO D 55 -15.44 -11.98 13.40
N ASP D 56 -16.13 -10.91 13.79
CA ASP D 56 -15.87 -9.58 13.23
C ASP D 56 -14.54 -9.00 13.75
N TYR D 57 -14.02 -9.55 14.85
CA TYR D 57 -12.72 -9.17 15.42
C TYR D 57 -11.68 -10.29 15.42
N ASP D 58 -11.96 -11.38 14.74
CA ASP D 58 -11.04 -12.51 14.71
C ASP D 58 -9.72 -12.06 13.99
N PRO D 59 -8.59 -12.12 14.67
CA PRO D 59 -7.32 -11.74 14.05
C PRO D 59 -7.03 -12.56 12.80
N ASN D 60 -7.52 -13.79 12.74
CA ASN D 60 -7.39 -14.67 11.56
C ASN D 60 -8.41 -14.42 10.43
N ALA D 61 -9.23 -13.39 10.52
CA ALA D 61 -10.23 -13.14 9.50
C ALA D 61 -9.61 -12.94 8.13
N TYR D 62 -10.33 -13.36 7.10
CA TYR D 62 -10.04 -12.95 5.73
C TYR D 62 -10.20 -11.41 5.60
N SER D 63 -9.58 -10.85 4.55
CA SER D 63 -9.38 -9.40 4.44
C SER D 63 -10.66 -8.59 4.15
N LEU D 64 -11.62 -9.21 3.47
CA LEU D 64 -12.90 -8.57 3.20
C LEU D 64 -14.04 -9.31 3.87
N TYR D 65 -13.75 -9.99 4.97
CA TYR D 65 -14.76 -10.71 5.75
C TYR D 65 -15.71 -11.56 4.88
N GLN D 66 -15.15 -12.26 3.90
CA GLN D 66 -15.96 -12.77 2.80
C GLN D 66 -16.77 -13.99 3.18
N ASP D 67 -16.21 -14.81 4.06
CA ASP D 67 -16.96 -15.89 4.67
C ASP D 67 -18.18 -15.46 5.47
N HIS D 68 -18.39 -14.17 5.70
CA HIS D 68 -19.61 -13.70 6.37
C HIS D 68 -20.78 -13.47 5.38
N PHE D 69 -20.59 -13.86 4.12
CA PHE D 69 -21.56 -13.66 3.06
C PHE D 69 -21.95 -14.98 2.38
N TRP D 70 -23.21 -15.06 1.98
CA TRP D 70 -23.74 -16.23 1.30
C TRP D 70 -25.01 -15.86 0.54
N ASP D 71 -25.01 -16.14 -0.76
CA ASP D 71 -26.19 -15.95 -1.60
C ASP D 71 -26.84 -17.31 -1.73
N PRO D 72 -28.06 -17.46 -1.23
CA PRO D 72 -28.75 -18.77 -1.28
C PRO D 72 -29.01 -19.30 -2.70
N ASP D 73 -29.20 -18.43 -3.67
CA ASP D 73 -29.56 -18.82 -5.04
C ASP D 73 -28.36 -19.35 -5.83
N THR D 74 -27.15 -18.91 -5.46
CA THR D 74 -25.92 -19.31 -6.14
C THR D 74 -24.97 -20.11 -5.24
N ASP D 75 -25.25 -20.12 -3.94
CA ASP D 75 -24.49 -20.91 -2.96
C ASP D 75 -23.01 -20.47 -2.84
N HIS D 76 -22.78 -19.17 -2.93
CA HIS D 76 -21.44 -18.60 -3.06
C HIS D 76 -21.30 -17.31 -2.25
N ASN D 77 -20.10 -17.01 -1.78
CA ASN D 77 -19.83 -15.67 -1.27
C ASN D 77 -19.52 -14.73 -2.44
N PHE D 78 -19.46 -13.43 -2.15
CA PHE D 78 -19.32 -12.41 -3.19
C PHE D 78 -18.01 -12.47 -3.99
N THR D 79 -16.97 -13.10 -3.46
CA THR D 79 -15.70 -13.25 -4.19
C THR D 79 -15.70 -14.40 -5.23
N GLN D 80 -16.71 -15.26 -5.21
CA GLN D 80 -16.88 -16.29 -6.24
C GLN D 80 -17.82 -15.83 -7.36
N ASP D 81 -18.76 -14.94 -7.04
CA ASP D 81 -19.84 -14.50 -7.95
C ASP D 81 -19.63 -13.15 -8.64
N ASN D 82 -18.73 -12.33 -8.10
CA ASN D 82 -18.50 -10.99 -8.59
C ASN D 82 -17.14 -10.99 -9.25
N LYS D 83 -17.10 -10.57 -10.51
CA LYS D 83 -15.87 -10.52 -11.28
C LYS D 83 -14.81 -9.62 -10.64
N TRP D 84 -15.24 -8.50 -10.07
CA TRP D 84 -14.34 -7.54 -9.42
C TRP D 84 -13.59 -8.13 -8.21
N TYR D 85 -14.22 -9.06 -7.50
CA TYR D 85 -13.62 -9.65 -6.29
C TYR D 85 -13.12 -11.10 -6.49
N LEU D 86 -13.02 -11.54 -7.73
CA LEU D 86 -12.44 -12.85 -8.07
C LEU D 86 -11.06 -13.05 -7.42
N SER D 87 -10.32 -11.96 -7.34
CA SER D 87 -8.95 -11.96 -6.81
C SER D 87 -8.81 -12.39 -5.34
N TYR D 88 -9.86 -12.20 -4.55
CA TYR D 88 -9.85 -12.56 -3.14
C TYR D 88 -10.65 -13.83 -2.88
N ALA D 89 -10.64 -14.77 -3.84
CA ALA D 89 -11.54 -15.93 -3.83
C ALA D 89 -11.24 -16.96 -2.73
N VAL D 90 -12.28 -17.27 -1.94
CA VAL D 90 -12.23 -18.26 -0.87
C VAL D 90 -13.52 -19.10 -0.87
N PRO D 91 -13.43 -20.41 -0.66
CA PRO D 91 -14.61 -21.28 -0.69
C PRO D 91 -15.59 -21.17 0.50
N ASP D 92 -15.09 -20.77 1.67
CA ASP D 92 -15.90 -20.65 2.88
C ASP D 92 -16.93 -19.53 2.77
N ASN D 93 -18.11 -19.78 3.32
CA ASN D 93 -19.19 -18.80 3.33
C ASN D 93 -20.02 -18.91 4.60
N ALA D 94 -20.98 -18.00 4.79
CA ALA D 94 -21.74 -17.95 6.05
C ALA D 94 -22.42 -19.26 6.43
N GLU D 95 -22.85 -20.02 5.43
CA GLU D 95 -23.53 -21.29 5.62
C GLU D 95 -22.55 -22.37 6.05
N SER D 96 -21.45 -22.46 5.33
CA SER D 96 -20.46 -23.49 5.64
C SER D 96 -19.82 -23.24 7.03
N GLN D 97 -19.62 -21.98 7.41
CA GLN D 97 -19.12 -21.65 8.75
C GLN D 97 -20.13 -21.97 9.84
N THR D 98 -21.41 -21.73 9.57
CA THR D 98 -22.47 -22.01 10.54
C THR D 98 -22.39 -23.46 11.03
N ARG D 99 -22.25 -24.41 10.10
CA ARG D 99 -22.26 -25.83 10.44
C ARG D 99 -20.91 -26.35 10.94
N LYS D 100 -19.82 -25.76 10.46
CA LYS D 100 -18.51 -26.07 11.00
C LYS D 100 -18.48 -25.83 12.52
N PHE D 101 -19.01 -24.68 12.94
CA PHE D 101 -18.93 -24.26 14.32
C PHE D 101 -19.95 -25.00 15.16
N ALA D 102 -21.11 -25.31 14.59
CA ALA D 102 -22.14 -26.11 15.26
C ALA D 102 -21.59 -27.51 15.53
N THR D 103 -20.93 -28.08 14.53
CA THR D 103 -20.35 -29.40 14.67
C THR D 103 -19.24 -29.37 15.72
N LEU D 104 -18.41 -28.33 15.69
CA LEU D 104 -17.38 -28.11 16.71
C LEU D 104 -17.98 -28.01 18.11
N ALA D 105 -19.14 -27.36 18.20
CA ALA D 105 -19.84 -27.20 19.46
C ALA D 105 -20.34 -28.53 20.00
N LYS D 106 -20.90 -29.37 19.13
CA LYS D 106 -21.42 -30.66 19.54
C LYS D 106 -20.31 -31.55 20.08
N ASN D 107 -19.15 -31.51 19.43
CA ASN D 107 -18.01 -32.30 19.87
C ASN D 107 -17.61 -31.85 21.25
N GLU D 108 -17.42 -30.55 21.44
CA GLU D 108 -17.05 -30.01 22.75
C GLU D 108 -18.09 -30.33 23.83
N TRP D 109 -19.36 -30.27 23.43
CA TRP D 109 -20.47 -30.58 24.33
C TRP D 109 -20.38 -32.01 24.82
N ASP D 110 -20.15 -32.92 23.88
CA ASP D 110 -19.93 -34.34 24.12
C ASP D 110 -18.79 -34.66 25.10
N LYS D 111 -17.78 -33.76 25.14
CA LYS D 111 -16.61 -33.90 26.00
C LYS D 111 -16.79 -33.25 27.38
N GLY D 112 -17.99 -32.77 27.65
CA GLY D 112 -18.28 -32.05 28.88
C GLY D 112 -17.66 -30.67 29.03
N ASN D 113 -17.15 -30.08 27.95
CA ASN D 113 -16.64 -28.70 28.01
C ASN D 113 -17.68 -27.72 27.46
N TYR D 114 -18.60 -27.35 28.34
CA TYR D 114 -19.77 -26.56 27.96
C TYR D 114 -19.41 -25.11 27.61
N GLU D 115 -18.28 -24.65 28.14
CA GLU D 115 -17.80 -23.28 27.95
C GLU D 115 -17.28 -23.11 26.53
N LYS D 116 -16.46 -24.06 26.11
CA LYS D 116 -15.88 -24.02 24.78
C LYS D 116 -16.98 -24.30 23.73
N ALA D 117 -17.95 -25.14 24.11
CA ALA D 117 -19.08 -25.48 23.24
C ALA D 117 -19.95 -24.25 22.95
N ALA D 118 -20.27 -23.51 24.01
CA ALA D 118 -21.06 -22.29 23.89
C ALA D 118 -20.32 -21.25 23.05
N TRP D 119 -18.99 -21.24 23.18
CA TRP D 119 -18.17 -20.32 22.40
C TRP D 119 -18.22 -20.64 20.91
N TYR D 120 -18.14 -21.92 20.56
CA TYR D 120 -18.19 -22.32 19.17
C TYR D 120 -19.60 -22.12 18.59
N LEU D 121 -20.62 -22.48 19.37
CA LEU D 121 -22.00 -22.32 18.94
C LEU D 121 -22.35 -20.86 18.64
N GLY D 122 -21.88 -19.95 19.49
CA GLY D 122 -22.09 -18.53 19.28
C GLY D 122 -21.44 -18.01 18.01
N GLN D 123 -20.25 -18.51 17.70
CA GLN D 123 -19.59 -18.14 16.45
C GLN D 123 -20.41 -18.61 15.24
N GLY D 124 -20.94 -19.84 15.34
CA GLY D 124 -21.79 -20.38 14.31
C GLY D 124 -23.06 -19.57 14.17
N MET D 125 -23.62 -19.11 15.29
CA MET D 125 -24.80 -18.26 15.26
C MET D 125 -24.48 -16.80 14.87
N HIS D 126 -23.20 -16.43 14.89
CA HIS D 126 -22.80 -15.20 14.26
C HIS D 126 -23.08 -15.32 12.78
N TYR D 127 -22.54 -16.36 12.14
CA TYR D 127 -22.67 -16.57 10.70
C TYR D 127 -24.12 -16.83 10.27
N PHE D 128 -24.87 -17.60 11.05
CA PHE D 128 -26.29 -17.73 10.80
C PHE D 128 -27.00 -16.36 10.80
N GLY D 129 -26.69 -15.54 11.79
CA GLY D 129 -27.22 -14.18 11.87
C GLY D 129 -26.78 -13.36 10.67
N ASP D 130 -25.58 -13.64 10.18
CA ASP D 130 -25.05 -12.89 9.06
C ASP D 130 -25.84 -13.20 7.78
N LEU D 131 -26.22 -14.47 7.59
CA LEU D 131 -26.99 -14.83 6.41
C LEU D 131 -28.47 -14.38 6.51
N ASN D 132 -28.90 -13.91 7.69
CA ASN D 132 -30.20 -13.22 7.81
C ASN D 132 -30.10 -11.71 7.61
N THR D 133 -28.89 -11.21 7.41
CA THR D 133 -28.66 -9.79 7.18
C THR D 133 -28.77 -9.51 5.69
N PRO D 134 -29.74 -8.67 5.30
CA PRO D 134 -30.02 -8.39 3.88
C PRO D 134 -28.80 -8.23 2.99
N TYR D 135 -27.84 -7.38 3.38
CA TYR D 135 -26.65 -7.13 2.59
C TYR D 135 -25.75 -8.35 2.47
N HIS D 136 -25.68 -9.15 3.53
CA HIS D 136 -24.84 -10.35 3.50
C HIS D 136 -25.45 -11.41 2.61
N ALA D 137 -26.77 -11.57 2.70
CA ALA D 137 -27.48 -12.58 1.92
C ALA D 137 -27.52 -12.22 0.42
N ALA D 138 -27.32 -10.94 0.11
CA ALA D 138 -27.34 -10.42 -1.26
C ALA D 138 -25.94 -10.19 -1.86
N ASN D 139 -24.88 -10.50 -1.10
CA ASN D 139 -23.49 -10.34 -1.55
C ASN D 139 -23.12 -8.88 -1.96
N VAL D 140 -23.65 -7.92 -1.20
CA VAL D 140 -23.34 -6.51 -1.36
C VAL D 140 -22.44 -6.06 -0.20
N THR D 141 -21.14 -5.91 -0.48
CA THR D 141 -20.16 -5.61 0.55
C THR D 141 -20.14 -4.14 0.89
N ALA D 142 -19.43 -3.80 1.96
CA ALA D 142 -19.26 -2.41 2.39
C ALA D 142 -18.48 -1.57 1.38
N VAL D 143 -17.61 -2.19 0.59
CA VAL D 143 -16.88 -1.49 -0.48
C VAL D 143 -17.80 -1.08 -1.65
N ASP D 144 -18.81 -1.89 -1.94
CA ASP D 144 -19.77 -1.58 -3.01
C ASP D 144 -20.70 -0.44 -2.60
N SER D 145 -21.37 -0.63 -1.47
CA SER D 145 -22.41 0.29 -1.03
C SER D 145 -22.15 0.79 0.38
N PRO D 146 -22.10 2.10 0.58
CA PRO D 146 -22.01 2.68 1.92
C PRO D 146 -23.32 2.54 2.70
N GLY D 147 -24.34 1.96 2.08
CA GLY D 147 -25.54 1.55 2.76
C GLY D 147 -25.34 0.37 3.69
N HIS D 148 -24.37 -0.51 3.38
CA HIS D 148 -24.07 -1.67 4.22
C HIS D 148 -23.84 -1.22 5.66
N VAL D 149 -22.97 -0.25 5.86
CA VAL D 149 -22.61 0.15 7.23
C VAL D 149 -23.61 1.13 7.85
N LYS D 150 -24.32 1.89 7.04
CA LYS D 150 -25.39 2.77 7.56
C LYS D 150 -26.54 1.89 8.05
N PHE D 151 -26.81 0.81 7.32
CA PHE D 151 -27.89 -0.12 7.68
C PHE D 151 -27.60 -0.88 8.96
N GLU D 152 -26.39 -1.43 9.08
CA GLU D 152 -26.03 -2.17 10.30
C GLU D 152 -25.96 -1.24 11.51
N THR D 153 -25.55 0.01 11.27
CA THR D 153 -25.54 1.01 12.33
C THR D 153 -26.98 1.39 12.69
N TYR D 154 -27.87 1.38 11.71
CA TYR D 154 -29.25 1.71 11.96
C TYR D 154 -29.89 0.64 12.85
N ALA D 155 -29.82 -0.60 12.42
CA ALA D 155 -30.31 -1.73 13.22
C ALA D 155 -29.72 -1.77 14.65
N GLU D 156 -28.42 -1.51 14.76
CA GLU D 156 -27.73 -1.59 16.04
C GLU D 156 -28.26 -0.57 17.06
N GLU D 157 -28.54 0.64 16.59
CA GLU D 157 -29.14 1.70 17.43
C GLU D 157 -30.50 1.29 18.01
N ARG D 158 -31.23 0.43 17.30
CA ARG D 158 -32.61 0.07 17.63
C ARG D 158 -32.81 -1.39 17.98
N LYS D 159 -31.72 -2.09 18.24
CA LYS D 159 -31.73 -3.54 18.41
C LYS D 159 -32.68 -4.02 19.52
N ASP D 160 -32.75 -3.25 20.60
CA ASP D 160 -33.59 -3.60 21.74
C ASP D 160 -35.07 -3.64 21.37
N THR D 161 -35.53 -2.75 20.49
CA THR D 161 -36.92 -2.77 20.07
C THR D 161 -37.27 -4.02 19.27
N TYR D 162 -36.27 -4.65 18.66
CA TYR D 162 -36.50 -5.80 17.78
C TYR D 162 -36.56 -7.14 18.51
N ARG D 163 -36.27 -7.13 19.81
CA ARG D 163 -36.30 -8.35 20.61
C ARG D 163 -37.69 -9.02 20.57
N LEU D 164 -37.72 -10.32 20.32
CA LEU D 164 -38.94 -11.14 20.40
C LEU D 164 -38.87 -12.06 21.62
N ASP D 165 -40.04 -12.44 22.13
CA ASP D 165 -40.12 -13.38 23.27
C ASP D 165 -40.71 -14.75 22.85
N THR D 166 -41.02 -14.89 21.57
CA THR D 166 -41.44 -16.17 20.99
C THR D 166 -41.30 -16.18 19.47
N THR D 167 -41.27 -17.38 18.89
CA THR D 167 -41.25 -17.56 17.45
C THR D 167 -42.65 -17.46 16.85
N GLY D 168 -43.66 -17.43 17.72
CA GLY D 168 -45.05 -17.56 17.33
C GLY D 168 -45.55 -18.98 17.45
N TYR D 169 -44.73 -19.89 18.00
CA TYR D 169 -45.05 -21.32 18.08
C TYR D 169 -44.51 -21.98 19.36
N ASN D 170 -44.93 -23.22 19.58
CA ASN D 170 -44.29 -24.08 20.57
C ASN D 170 -43.63 -25.25 19.83
N THR D 171 -43.01 -26.18 20.55
CA THR D 171 -42.16 -27.20 19.89
C THR D 171 -42.86 -28.45 19.36
N ASP D 172 -44.17 -28.55 19.53
CA ASP D 172 -44.97 -29.60 18.85
C ASP D 172 -45.39 -29.15 17.45
N ASP D 173 -45.32 -27.85 17.19
CA ASP D 173 -45.69 -27.28 15.89
C ASP D 173 -44.64 -27.62 14.84
N ALA D 174 -44.95 -27.35 13.58
CA ALA D 174 -44.08 -27.73 12.47
C ALA D 174 -42.72 -27.01 12.52
N PHE D 175 -42.75 -25.68 12.72
CA PHE D 175 -41.55 -24.85 12.79
C PHE D 175 -40.37 -25.56 13.47
N TYR D 176 -40.63 -26.16 14.63
CA TYR D 176 -39.61 -26.83 15.43
C TYR D 176 -39.41 -28.30 15.04
N LYS D 177 -40.49 -29.09 14.99
CA LYS D 177 -40.43 -30.52 14.67
C LYS D 177 -39.77 -30.79 13.31
N ASP D 178 -39.95 -29.86 12.37
CA ASP D 178 -39.36 -29.97 11.03
C ASP D 178 -37.83 -29.98 11.06
N THR D 179 -37.25 -29.30 12.04
CA THR D 179 -35.79 -29.24 12.18
C THR D 179 -35.21 -30.59 12.60
N LEU D 180 -36.06 -31.48 13.11
CA LEU D 180 -35.60 -32.78 13.61
C LEU D 180 -35.72 -33.92 12.60
N LYS D 181 -36.55 -33.76 11.58
CA LYS D 181 -36.92 -34.91 10.74
C LYS D 181 -35.75 -35.44 9.90
N ASN D 182 -34.92 -34.55 9.36
CA ASN D 182 -33.77 -34.98 8.55
C ASN D 182 -32.66 -35.50 9.45
N ASP D 183 -32.10 -36.67 9.12
CA ASP D 183 -31.07 -37.31 9.95
C ASP D 183 -29.65 -36.90 9.52
N ASN D 184 -29.54 -36.34 8.33
CA ASN D 184 -28.29 -35.79 7.81
C ASN D 184 -28.20 -34.31 8.19
N PHE D 185 -27.39 -34.00 9.20
CA PHE D 185 -27.36 -32.67 9.78
C PHE D 185 -26.88 -31.58 8.82
N ASN D 186 -25.81 -31.84 8.08
CA ASN D 186 -25.29 -30.85 7.14
C ASN D 186 -26.33 -30.46 6.08
N GLU D 187 -27.13 -31.43 5.62
CA GLU D 187 -28.15 -31.20 4.60
C GLU D 187 -29.25 -30.32 5.16
N TRP D 188 -29.71 -30.65 6.36
CA TRP D 188 -30.74 -29.88 7.00
C TRP D 188 -30.29 -28.44 7.22
N SER D 189 -29.07 -28.28 7.71
CA SER D 189 -28.50 -26.97 8.02
C SER D 189 -28.43 -26.13 6.75
N LYS D 190 -27.88 -26.71 5.71
CA LYS D 190 -27.86 -26.05 4.41
C LYS D 190 -29.27 -25.59 3.96
N GLY D 191 -30.28 -26.42 4.13
CA GLY D 191 -31.63 -26.08 3.70
C GLY D 191 -32.32 -25.07 4.61
N TYR D 192 -32.02 -25.15 5.89
CA TYR D 192 -32.52 -24.23 6.88
C TYR D 192 -31.96 -22.83 6.63
N CYS D 193 -30.65 -22.78 6.45
CA CYS D 193 -29.93 -21.54 6.15
C CYS D 193 -30.48 -20.95 4.87
N LYS D 194 -30.65 -21.79 3.85
CA LYS D 194 -31.19 -21.33 2.56
C LYS D 194 -32.52 -20.60 2.73
N TYR D 195 -33.42 -21.20 3.48
CA TYR D 195 -34.76 -20.66 3.66
C TYR D 195 -34.74 -19.26 4.26
N TRP D 196 -33.97 -19.07 5.35
CA TRP D 196 -33.87 -17.78 6.03
C TRP D 196 -33.09 -16.74 5.21
N ALA D 197 -32.07 -17.22 4.50
CA ALA D 197 -31.21 -16.36 3.69
C ALA D 197 -31.98 -15.74 2.52
N LYS D 198 -32.89 -16.52 1.93
CA LYS D 198 -33.72 -16.00 0.84
C LYS D 198 -34.70 -14.96 1.36
N LYS D 199 -35.31 -15.20 2.51
CA LYS D 199 -36.13 -14.16 3.16
C LYS D 199 -35.31 -12.87 3.36
N ALA D 200 -34.03 -13.02 3.70
CA ALA D 200 -33.15 -11.86 3.90
C ALA D 200 -32.77 -11.19 2.58
N LYS D 201 -32.52 -12.00 1.55
CA LYS D 201 -32.19 -11.46 0.23
C LYS D 201 -33.37 -10.65 -0.34
N ASN D 202 -34.59 -11.17 -0.21
CA ASN D 202 -35.81 -10.46 -0.66
C ASN D 202 -36.03 -9.17 0.13
N LEU D 203 -35.66 -9.22 1.40
CA LEU D 203 -35.71 -8.05 2.25
C LEU D 203 -34.74 -6.98 1.76
N TYR D 204 -33.60 -7.37 1.21
CA TYR D 204 -32.64 -6.38 0.70
C TYR D 204 -33.24 -5.59 -0.45
N TYR D 205 -33.68 -6.31 -1.48
CA TYR D 205 -34.17 -5.72 -2.73
C TYR D 205 -35.47 -4.92 -2.60
N SER D 206 -36.35 -5.33 -1.71
CA SER D 206 -37.63 -4.64 -1.54
C SER D 206 -37.59 -3.51 -0.52
N HIS D 207 -36.63 -3.52 0.40
CA HIS D 207 -36.70 -2.65 1.58
C HIS D 207 -35.39 -2.00 2.10
N ALA D 208 -34.21 -2.49 1.69
CA ALA D 208 -32.93 -2.10 2.33
C ALA D 208 -31.93 -1.28 1.48
N THR D 209 -32.15 -1.19 0.17
CA THR D 209 -31.29 -0.38 -0.73
C THR D 209 -31.11 1.08 -0.23
N MET D 210 -30.10 1.80 -0.74
CA MET D 210 -29.89 3.23 -0.39
C MET D 210 -30.93 4.19 -1.03
N SER D 211 -31.75 3.69 -1.94
CA SER D 211 -32.85 4.46 -2.53
C SER D 211 -34.04 4.57 -1.55
N ASN D 212 -34.23 3.54 -0.74
CA ASN D 212 -35.39 3.40 0.14
C ASN D 212 -35.49 4.44 1.28
N SER D 213 -36.70 4.57 1.83
CA SER D 213 -37.02 5.52 2.90
C SER D 213 -36.63 4.99 4.28
N TRP D 214 -36.67 5.87 5.28
CA TRP D 214 -36.33 5.52 6.66
C TRP D 214 -37.27 4.46 7.27
N ASP D 215 -38.53 4.42 6.82
CA ASP D 215 -39.49 3.42 7.31
C ASP D 215 -39.28 2.05 6.64
N ASP D 216 -38.85 2.05 5.38
CA ASP D 216 -38.44 0.82 4.70
C ASP D 216 -37.29 0.12 5.43
N TRP D 217 -36.33 0.91 5.91
CA TRP D 217 -35.20 0.38 6.67
C TRP D 217 -35.66 -0.18 8.03
N GLU D 218 -36.67 0.44 8.64
CA GLU D 218 -37.27 -0.06 9.89
C GLU D 218 -37.95 -1.41 9.67
N TYR D 219 -38.47 -1.63 8.47
CA TYR D 219 -39.08 -2.89 8.12
C TYR D 219 -37.99 -3.92 7.91
N ALA D 220 -36.89 -3.52 7.29
CA ALA D 220 -35.81 -4.44 6.97
C ALA D 220 -35.07 -4.85 8.24
N ALA D 221 -34.81 -3.89 9.12
CA ALA D 221 -34.08 -4.13 10.35
C ALA D 221 -34.91 -4.94 11.34
N SER D 222 -36.15 -4.52 11.57
CA SER D 222 -37.03 -5.20 12.51
C SER D 222 -37.34 -6.63 12.04
N HIS D 223 -37.47 -6.84 10.74
CA HIS D 223 -37.73 -8.19 10.22
C HIS D 223 -36.48 -9.07 10.05
N GLY D 224 -35.34 -8.46 9.74
CA GLY D 224 -34.10 -9.19 9.56
C GLY D 224 -33.60 -9.71 10.90
N VAL D 225 -33.66 -8.85 11.93
CA VAL D 225 -33.23 -9.23 13.28
C VAL D 225 -34.27 -10.13 13.94
N GLY D 226 -35.54 -9.97 13.57
CA GLY D 226 -36.61 -10.85 13.98
C GLY D 226 -36.44 -12.24 13.39
N ASN D 227 -36.25 -12.32 12.08
CA ASN D 227 -35.88 -13.57 11.40
C ASN D 227 -34.69 -14.26 12.07
N ALA D 228 -33.57 -13.53 12.22
CA ALA D 228 -32.36 -14.10 12.78
C ALA D 228 -32.68 -14.76 14.11
N GLN D 229 -33.39 -14.04 14.99
CA GLN D 229 -33.83 -14.58 16.28
C GLN D 229 -34.60 -15.89 16.14
N LYS D 230 -35.60 -15.89 15.27
CA LYS D 230 -36.46 -17.06 15.07
C LYS D 230 -35.64 -18.24 14.57
N GLY D 231 -34.78 -17.95 13.60
CA GLY D 231 -33.95 -18.98 13.01
C GLY D 231 -33.00 -19.62 14.00
N VAL D 232 -32.48 -18.84 14.95
CA VAL D 232 -31.51 -19.35 15.92
C VAL D 232 -32.20 -20.24 16.96
N ALA D 233 -33.43 -19.90 17.35
CA ALA D 233 -34.16 -20.71 18.31
C ALA D 233 -34.47 -22.08 17.70
N GLY D 234 -34.85 -22.07 16.43
CA GLY D 234 -34.98 -23.29 15.67
C GLY D 234 -33.68 -24.08 15.61
N TYR D 235 -32.56 -23.39 15.39
CA TYR D 235 -31.24 -24.03 15.32
C TYR D 235 -30.81 -24.60 16.68
N LEU D 236 -31.12 -23.88 17.75
CA LEU D 236 -30.77 -24.34 19.09
C LEU D 236 -31.58 -25.59 19.44
N TYR D 237 -32.80 -25.69 18.92
CA TYR D 237 -33.67 -26.82 19.23
C TYR D 237 -33.09 -28.08 18.61
N ARG D 238 -32.73 -28.01 17.34
CA ARG D 238 -32.04 -29.11 16.70
C ARG D 238 -30.71 -29.42 17.40
N PHE D 239 -29.96 -28.39 17.76
CA PHE D 239 -28.69 -28.57 18.47
C PHE D 239 -28.90 -29.34 19.78
N LEU D 240 -29.91 -28.97 20.55
CA LEU D 240 -30.16 -29.57 21.86
C LEU D 240 -30.71 -31.00 21.78
N ASN D 241 -31.43 -31.31 20.70
CA ASN D 241 -31.88 -32.67 20.43
C ASN D 241 -30.71 -33.59 20.06
N ASP D 242 -29.72 -33.05 19.35
CA ASP D 242 -28.55 -33.84 18.92
C ASP D 242 -27.61 -34.19 20.06
N VAL D 243 -27.31 -33.21 20.90
CA VAL D 243 -26.36 -33.44 21.98
C VAL D 243 -26.97 -34.19 23.15
N SER D 244 -28.26 -34.54 23.07
CA SER D 244 -28.94 -35.28 24.14
C SER D 244 -29.41 -36.70 23.78
N ASN D 245 -29.61 -37.03 22.51
CA ASN D 245 -30.09 -38.37 22.18
C ASN D 245 -29.00 -39.44 22.38
N LYS D 246 -29.40 -40.53 23.04
CA LYS D 246 -28.51 -41.67 23.31
C LYS D 246 -28.65 -42.72 22.19
N ASP D 247 -29.52 -42.44 21.23
CA ASP D 247 -29.80 -43.34 20.12
C ASP D 247 -29.26 -42.76 18.82
N LYS D 251 -25.94 -42.26 10.70
CA LYS D 251 -25.58 -42.90 9.43
C LYS D 251 -24.26 -42.31 8.94
N ASP D 252 -23.52 -43.08 8.15
CA ASP D 252 -22.17 -42.71 7.72
C ASP D 252 -22.24 -42.27 6.26
N TYR D 253 -22.85 -41.12 6.01
CA TYR D 253 -23.17 -40.72 4.64
C TYR D 253 -21.96 -40.25 3.81
N ASP D 254 -22.17 -40.18 2.50
CA ASP D 254 -21.12 -39.84 1.55
C ASP D 254 -20.63 -38.42 1.77
N LEU D 255 -19.35 -38.19 1.50
CA LEU D 255 -18.73 -36.91 1.77
C LEU D 255 -18.47 -36.14 0.47
N ASN D 256 -18.98 -34.91 0.38
CA ASN D 256 -18.57 -33.96 -0.67
C ASN D 256 -17.20 -33.36 -0.34
N GLU D 257 -16.86 -33.33 0.95
CA GLU D 257 -15.71 -32.57 1.42
C GLU D 257 -15.19 -33.02 2.78
N ILE D 258 -13.95 -32.64 3.07
CA ILE D 258 -13.34 -32.77 4.40
C ILE D 258 -12.84 -31.40 4.86
N VAL D 259 -13.08 -31.06 6.13
CA VAL D 259 -12.65 -29.79 6.70
C VAL D 259 -11.51 -29.99 7.70
N VAL D 260 -10.38 -29.36 7.41
CA VAL D 260 -9.19 -29.45 8.25
C VAL D 260 -8.90 -28.08 8.87
N MET D 261 -8.88 -28.03 10.20
CA MET D 261 -8.58 -26.81 10.90
C MET D 261 -7.23 -26.96 11.57
N ILE D 262 -6.33 -26.02 11.33
CA ILE D 262 -4.97 -26.13 11.86
C ILE D 262 -4.59 -24.88 12.61
N LYS D 263 -3.90 -25.04 13.74
CA LYS D 263 -3.34 -23.92 14.45
C LYS D 263 -1.82 -24.05 14.52
N THR D 264 -1.12 -23.01 14.10
CA THR D 264 0.30 -22.92 14.34
C THR D 264 0.54 -22.29 15.72
N ALA D 265 1.48 -22.85 16.47
CA ALA D 265 1.79 -22.41 17.84
C ALA D 265 2.28 -20.97 17.96
N ASP D 266 2.08 -20.39 19.14
CA ASP D 266 2.44 -19.01 19.41
C ASP D 266 3.86 -18.92 19.96
N VAL D 267 4.82 -19.52 19.25
CA VAL D 267 6.22 -19.44 19.64
C VAL D 267 7.11 -18.95 18.48
N GLN D 268 8.23 -18.31 18.84
CA GLN D 268 9.27 -17.88 17.89
C GLN D 268 9.63 -18.95 16.86
N ASP D 269 9.61 -18.57 15.58
CA ASP D 269 9.90 -19.47 14.43
C ASP D 269 8.93 -20.63 14.25
N ALA D 270 7.73 -20.52 14.80
CA ALA D 270 6.73 -21.58 14.68
C ALA D 270 6.23 -21.67 13.26
N GLY D 271 6.23 -20.55 12.54
CA GLY D 271 5.73 -20.50 11.18
C GLY D 271 6.69 -21.02 10.13
N THR D 272 6.15 -21.40 8.97
CA THR D 272 6.95 -21.95 7.88
C THR D 272 6.47 -21.49 6.51
N ASP D 273 7.41 -21.42 5.56
CA ASP D 273 7.08 -21.18 4.17
C ASP D 273 7.14 -22.46 3.35
N ASN D 274 7.30 -23.59 4.03
CA ASN D 274 7.28 -24.89 3.37
C ASN D 274 5.92 -25.18 2.75
N TYR D 275 5.90 -26.08 1.76
CA TYR D 275 4.66 -26.58 1.16
C TYR D 275 4.05 -27.67 2.03
N ILE D 276 2.79 -27.46 2.39
CA ILE D 276 2.07 -28.38 3.26
C ILE D 276 0.87 -28.98 2.55
N TYR D 277 0.71 -30.29 2.71
CA TYR D 277 -0.36 -31.03 2.07
C TYR D 277 -1.10 -31.86 3.11
N PHE D 278 -2.40 -32.03 2.91
CA PHE D 278 -3.19 -33.00 3.66
C PHE D 278 -3.62 -34.13 2.72
N GLY D 279 -3.54 -35.38 3.19
CA GLY D 279 -3.92 -36.52 2.38
C GLY D 279 -4.70 -37.60 3.12
N ILE D 280 -5.49 -38.35 2.38
CA ILE D 280 -6.15 -39.54 2.89
C ILE D 280 -5.87 -40.71 1.96
N GLU D 281 -6.00 -41.92 2.49
CA GLU D 281 -6.00 -43.11 1.66
C GLU D 281 -7.19 -43.95 2.06
N THR D 282 -8.00 -44.36 1.08
CA THR D 282 -9.15 -45.24 1.34
C THR D 282 -8.70 -46.70 1.51
N LYS D 283 -9.61 -47.56 1.97
CA LYS D 283 -9.29 -48.98 2.18
C LYS D 283 -9.12 -49.70 0.83
N ASP D 284 -9.71 -49.16 -0.22
CA ASP D 284 -9.55 -49.69 -1.57
C ASP D 284 -8.13 -49.50 -2.14
N GLY D 285 -7.38 -48.55 -1.59
CA GLY D 285 -6.02 -48.25 -2.03
C GLY D 285 -5.79 -46.81 -2.52
N VAL D 286 -6.87 -46.15 -2.92
CA VAL D 286 -6.82 -44.82 -3.55
C VAL D 286 -6.30 -43.70 -2.64
N LYS D 287 -5.52 -42.77 -3.21
CA LYS D 287 -4.99 -41.64 -2.47
C LYS D 287 -5.60 -40.34 -2.98
N GLU D 288 -5.66 -39.35 -2.09
CA GLU D 288 -6.15 -38.01 -2.45
C GLU D 288 -5.46 -36.98 -1.59
N GLU D 289 -4.75 -36.06 -2.25
CA GLU D 289 -3.94 -35.08 -1.55
C GLU D 289 -4.31 -33.71 -2.01
N TRP D 290 -4.35 -32.77 -1.06
CA TRP D 290 -4.66 -31.39 -1.34
C TRP D 290 -3.52 -30.54 -0.82
N ALA D 291 -3.10 -29.58 -1.63
CA ALA D 291 -2.20 -28.54 -1.14
C ALA D 291 -2.99 -27.63 -0.20
N LEU D 292 -2.36 -27.22 0.88
CA LEU D 292 -2.93 -26.27 1.82
C LEU D 292 -2.37 -24.88 1.46
N ASP D 293 -3.03 -24.27 0.47
CA ASP D 293 -2.57 -23.03 -0.16
C ASP D 293 -3.60 -21.91 -0.12
N ASN D 294 -4.81 -22.24 0.35
CA ASN D 294 -5.83 -21.32 0.86
C ASN D 294 -5.40 -19.85 1.06
N PRO D 295 -5.80 -18.95 0.15
CA PRO D 295 -5.43 -17.53 0.19
C PRO D 295 -5.31 -16.88 1.57
N GLY D 296 -4.22 -16.15 1.75
CA GLY D 296 -3.84 -15.54 3.02
C GLY D 296 -2.37 -15.86 3.38
N ASN D 297 -2.02 -15.62 4.65
CA ASN D 297 -0.61 -15.77 5.12
C ASN D 297 -0.23 -17.09 5.81
N ASP D 298 -0.75 -18.19 5.27
CA ASP D 298 -0.74 -19.53 5.87
C ASP D 298 0.48 -19.93 6.70
N PHE D 299 0.20 -20.53 7.85
CA PHE D 299 1.20 -21.12 8.74
C PHE D 299 2.17 -20.10 9.29
N THR D 300 1.67 -18.93 9.65
CA THR D 300 2.43 -17.99 10.43
C THR D 300 2.16 -18.26 11.90
N ARG D 301 3.11 -17.82 12.71
CA ARG D 301 3.03 -17.93 14.15
C ARG D 301 1.62 -17.60 14.63
N ASN D 302 1.01 -18.54 15.34
CA ASN D 302 -0.23 -18.31 16.09
C ASN D 302 -1.51 -18.31 15.24
N GLN D 303 -1.39 -18.65 13.97
CA GLN D 303 -2.51 -18.62 13.04
C GLN D 303 -3.40 -19.86 13.09
N GLU D 304 -4.71 -19.64 12.99
CA GLU D 304 -5.69 -20.71 12.87
C GLU D 304 -6.31 -20.60 11.49
N GLY D 305 -6.09 -21.59 10.64
CA GLY D 305 -6.70 -21.62 9.32
C GLY D 305 -7.66 -22.78 9.15
N THR D 306 -8.77 -22.54 8.43
CA THR D 306 -9.67 -23.61 8.00
C THR D 306 -9.45 -23.91 6.52
N TYR D 307 -9.48 -25.20 6.17
CA TYR D 307 -9.25 -25.69 4.82
C TYR D 307 -10.38 -26.64 4.44
N THR D 308 -11.29 -26.19 3.57
CA THR D 308 -12.34 -27.04 3.08
C THR D 308 -11.83 -27.73 1.81
N LEU D 309 -11.77 -29.07 1.84
CA LEU D 309 -11.16 -29.87 0.80
C LEU D 309 -12.22 -30.72 0.07
N LYS D 310 -12.52 -30.33 -1.17
CA LYS D 310 -13.49 -31.06 -2.00
C LYS D 310 -12.89 -32.38 -2.44
N LEU D 311 -13.64 -33.46 -2.23
CA LEU D 311 -13.25 -34.78 -2.74
C LEU D 311 -13.50 -34.92 -4.25
N LYS D 312 -12.56 -35.61 -4.89
CA LYS D 312 -12.71 -36.11 -6.24
C LYS D 312 -13.79 -37.20 -6.21
N ASN D 313 -13.54 -38.29 -5.47
CA ASN D 313 -14.60 -39.28 -5.26
C ASN D 313 -15.56 -38.88 -4.13
N LYS D 314 -16.75 -38.42 -4.50
CA LYS D 314 -17.76 -37.95 -3.55
C LYS D 314 -18.72 -39.05 -3.08
N ASN D 315 -18.41 -40.29 -3.39
CA ASN D 315 -19.09 -41.42 -2.77
C ASN D 315 -18.29 -42.02 -1.59
N THR D 316 -17.17 -41.39 -1.25
CA THR D 316 -16.34 -41.79 -0.12
C THR D 316 -17.05 -41.56 1.20
N LYS D 317 -17.03 -42.54 2.09
CA LYS D 317 -17.53 -42.35 3.46
C LYS D 317 -16.32 -42.18 4.38
N TYR D 318 -16.56 -41.71 5.60
CA TYR D 318 -15.47 -41.57 6.55
C TYR D 318 -14.88 -42.95 6.87
N SER D 319 -15.77 -43.94 6.98
CA SER D 319 -15.40 -45.31 7.32
C SER D 319 -14.55 -46.00 6.25
N ASP D 320 -14.58 -45.50 5.01
CA ASP D 320 -13.69 -45.97 3.94
C ASP D 320 -12.26 -45.52 4.16
N ILE D 321 -12.07 -44.45 4.95
CA ILE D 321 -10.74 -43.89 5.16
C ILE D 321 -9.88 -44.77 6.09
N LYS D 322 -8.66 -45.06 5.62
CA LYS D 322 -7.69 -45.94 6.30
C LYS D 322 -6.55 -45.12 6.89
N ASN D 323 -5.87 -44.32 6.05
CA ASN D 323 -4.81 -43.40 6.49
C ASN D 323 -5.13 -41.90 6.30
N MET D 324 -4.53 -41.08 7.14
CA MET D 324 -4.51 -39.63 6.97
C MET D 324 -3.11 -39.12 7.31
N TRP D 325 -2.70 -38.06 6.65
CA TRP D 325 -1.40 -37.45 6.90
C TRP D 325 -1.31 -35.96 6.53
N ILE D 326 -0.26 -35.32 7.02
CA ILE D 326 0.20 -34.06 6.51
C ILE D 326 1.56 -34.33 5.89
N ARG D 327 1.81 -33.79 4.71
CA ARG D 327 3.09 -33.92 4.05
C ARG D 327 3.76 -32.55 3.99
N ASP D 328 5.02 -32.49 4.38
CA ASP D 328 5.77 -31.25 4.48
C ASP D 328 6.99 -31.33 3.55
N GLU D 329 7.07 -30.44 2.56
CA GLU D 329 8.20 -30.36 1.63
C GLU D 329 8.90 -29.03 1.81
N LYS D 330 10.23 -29.08 1.77
CA LYS D 330 11.05 -27.91 2.04
C LYS D 330 11.02 -26.86 0.94
N LEU D 331 11.19 -25.62 1.37
CA LEU D 331 11.39 -24.49 0.48
C LEU D 331 12.67 -23.72 0.92
N THR D 332 12.58 -22.84 1.92
CA THR D 332 13.78 -22.17 2.50
C THR D 332 14.23 -22.82 3.82
N THR D 335 13.00 -20.79 7.05
CA THR D 335 11.73 -20.98 7.71
C THR D 335 11.29 -22.44 7.65
N ASP D 336 12.21 -23.37 7.41
CA ASP D 336 11.93 -24.78 7.59
C ASP D 336 11.67 -24.96 9.06
N GLY D 337 10.96 -26.02 9.44
CA GLY D 337 10.66 -26.16 10.85
C GLY D 337 9.38 -25.44 11.20
N TRP D 338 8.38 -26.23 11.56
CA TRP D 338 7.02 -25.77 11.77
C TRP D 338 6.56 -26.38 13.09
N LYS D 339 5.93 -25.56 13.92
CA LYS D 339 5.42 -26.03 15.20
C LYS D 339 3.92 -25.78 15.25
N PRO D 340 3.13 -26.74 14.81
CA PRO D 340 1.68 -26.66 15.00
C PRO D 340 1.28 -27.10 16.40
N SER D 341 0.26 -26.46 16.96
CA SER D 341 -0.36 -26.93 18.19
C SER D 341 -1.26 -28.12 17.89
N TYR D 342 -2.09 -28.02 16.85
CA TYR D 342 -3.04 -29.10 16.54
C TYR D 342 -3.58 -29.16 15.12
N VAL D 343 -4.19 -30.31 14.82
CA VAL D 343 -4.99 -30.51 13.64
C VAL D 343 -6.34 -31.06 14.07
N LYS D 344 -7.42 -30.49 13.57
CA LYS D 344 -8.74 -31.07 13.77
C LYS D 344 -9.31 -31.40 12.39
N VAL D 345 -10.07 -32.48 12.31
CA VAL D 345 -10.69 -32.91 11.06
C VAL D 345 -12.16 -33.19 11.28
N ILE D 346 -12.99 -32.51 10.50
CA ILE D 346 -14.43 -32.73 10.46
C ILE D 346 -14.73 -33.41 9.12
N ALA D 347 -15.65 -34.35 9.16
CA ALA D 347 -16.09 -35.08 7.99
C ALA D 347 -17.51 -35.45 8.26
N GLY D 348 -18.45 -34.91 7.48
CA GLY D 348 -19.85 -35.11 7.77
C GLY D 348 -20.31 -34.33 9.00
N ASP D 349 -21.15 -34.97 9.80
CA ASP D 349 -21.76 -34.33 10.97
C ASP D 349 -20.86 -34.31 12.19
N LYS D 350 -19.69 -34.95 12.14
CA LYS D 350 -18.86 -35.18 13.34
C LYS D 350 -17.42 -34.72 13.20
N VAL D 351 -16.85 -34.24 14.31
CA VAL D 351 -15.41 -34.05 14.43
C VAL D 351 -14.79 -35.45 14.48
N ARG D 352 -14.05 -35.82 13.47
CA ARG D 352 -13.49 -37.17 13.42
C ARG D 352 -12.17 -37.37 14.18
N LEU D 353 -11.40 -36.29 14.34
CA LEU D 353 -10.07 -36.38 14.94
C LEU D 353 -9.63 -35.03 15.46
N GLU D 354 -9.03 -35.03 16.64
CA GLU D 354 -8.40 -33.86 17.24
C GLU D 354 -7.03 -34.29 17.69
N LYS D 355 -6.04 -34.11 16.85
CA LYS D 355 -4.67 -34.49 17.18
C LYS D 355 -3.88 -33.29 17.68
N ASN D 356 -3.43 -33.38 18.93
CA ASN D 356 -2.39 -32.50 19.45
C ASN D 356 -1.04 -32.87 18.86
N ILE D 357 -0.31 -31.87 18.35
CA ILE D 357 1.00 -32.09 17.80
C ILE D 357 2.01 -31.42 18.72
N ASN D 358 2.96 -32.21 19.22
CA ASN D 358 3.85 -31.71 20.25
C ASN D 358 5.31 -31.79 19.85
N GLU D 359 5.54 -31.80 18.53
CA GLU D 359 6.88 -31.81 17.96
C GLU D 359 7.01 -30.80 16.81
N TRP D 360 8.25 -30.55 16.42
CA TRP D 360 8.57 -29.67 15.31
C TRP D 360 8.60 -30.53 14.04
N ILE D 361 8.09 -29.97 12.95
CA ILE D 361 7.96 -30.65 11.68
C ILE D 361 8.84 -29.91 10.67
N SER D 362 9.73 -30.66 10.03
CA SER D 362 10.68 -30.10 9.06
C SER D 362 10.36 -30.62 7.66
N GLY D 363 10.99 -30.01 6.67
CA GLY D 363 10.73 -30.33 5.29
C GLY D 363 11.23 -31.72 5.00
N GLY D 364 10.57 -32.39 4.06
CA GLY D 364 10.91 -33.76 3.69
C GLY D 364 10.33 -34.89 4.55
N THR D 365 9.44 -34.56 5.50
CA THR D 365 8.79 -35.59 6.34
C THR D 365 7.28 -35.65 6.11
N THR D 366 6.71 -36.77 6.52
CA THR D 366 5.28 -37.04 6.48
C THR D 366 4.79 -37.40 7.89
N TYR D 367 3.82 -36.64 8.41
CA TYR D 367 3.32 -36.80 9.77
C TYR D 367 1.98 -37.56 9.74
N THR D 368 1.93 -38.70 10.41
CA THR D 368 0.75 -39.54 10.38
C THR D 368 -0.25 -39.06 11.42
N LEU D 369 -1.51 -38.97 11.02
CA LEU D 369 -2.63 -38.54 11.88
C LEU D 369 -3.58 -39.67 12.22
N LYS D 370 -3.68 -40.63 11.32
CA LYS D 370 -4.49 -41.82 11.50
C LYS D 370 -3.76 -43.01 10.91
#